data_1YXH
# 
_entry.id   1YXH 
# 
_audit_conform.dict_name       mmcif_pdbx.dic 
_audit_conform.dict_version    5.397 
_audit_conform.dict_location   http://mmcif.pdb.org/dictionaries/ascii/mmcif_pdbx.dic 
# 
loop_
_database_2.database_id 
_database_2.database_code 
_database_2.pdbx_database_accession 
_database_2.pdbx_DOI 
PDB   1YXH         pdb_00001yxh 10.2210/pdb1yxh/pdb 
RCSB  RCSB032035   ?            ?                   
WWPDB D_1000032035 ?            ?                   
# 
loop_
_pdbx_audit_revision_history.ordinal 
_pdbx_audit_revision_history.data_content_type 
_pdbx_audit_revision_history.major_revision 
_pdbx_audit_revision_history.minor_revision 
_pdbx_audit_revision_history.revision_date 
1 'Structure model' 1 0 2005-05-03 
2 'Structure model' 1 1 2008-04-30 
3 'Structure model' 1 2 2011-07-13 
4 'Structure model' 1 3 2024-10-30 
# 
_pdbx_audit_revision_details.ordinal             1 
_pdbx_audit_revision_details.revision_ordinal    1 
_pdbx_audit_revision_details.data_content_type   'Structure model' 
_pdbx_audit_revision_details.provider            repository 
_pdbx_audit_revision_details.type                'Initial release' 
_pdbx_audit_revision_details.description         ? 
_pdbx_audit_revision_details.details             ? 
# 
loop_
_pdbx_audit_revision_group.ordinal 
_pdbx_audit_revision_group.revision_ordinal 
_pdbx_audit_revision_group.data_content_type 
_pdbx_audit_revision_group.group 
1 2 'Structure model' 'Version format compliance' 
2 3 'Structure model' 'Version format compliance' 
3 4 'Structure model' 'Data collection'           
4 4 'Structure model' 'Database references'       
5 4 'Structure model' 'Derived calculations'      
6 4 'Structure model' 'Structure summary'         
# 
loop_
_pdbx_audit_revision_category.ordinal 
_pdbx_audit_revision_category.revision_ordinal 
_pdbx_audit_revision_category.data_content_type 
_pdbx_audit_revision_category.category 
1 4 'Structure model' chem_comp_atom            
2 4 'Structure model' chem_comp_bond            
3 4 'Structure model' database_2                
4 4 'Structure model' pdbx_entry_details        
5 4 'Structure model' pdbx_modification_feature 
6 4 'Structure model' pdbx_struct_conn_angle    
7 4 'Structure model' struct_conn               
8 4 'Structure model' struct_site               
# 
loop_
_pdbx_audit_revision_item.ordinal 
_pdbx_audit_revision_item.revision_ordinal 
_pdbx_audit_revision_item.data_content_type 
_pdbx_audit_revision_item.item 
1  4 'Structure model' '_database_2.pdbx_DOI'                        
2  4 'Structure model' '_database_2.pdbx_database_accession'         
3  4 'Structure model' '_pdbx_struct_conn_angle.ptnr1_auth_comp_id'  
4  4 'Structure model' '_pdbx_struct_conn_angle.ptnr1_auth_seq_id'   
5  4 'Structure model' '_pdbx_struct_conn_angle.ptnr1_label_asym_id' 
6  4 'Structure model' '_pdbx_struct_conn_angle.ptnr1_label_comp_id' 
7  4 'Structure model' '_pdbx_struct_conn_angle.ptnr1_label_seq_id'  
8  4 'Structure model' '_pdbx_struct_conn_angle.ptnr3_auth_comp_id'  
9  4 'Structure model' '_pdbx_struct_conn_angle.ptnr3_auth_seq_id'   
10 4 'Structure model' '_pdbx_struct_conn_angle.ptnr3_label_asym_id' 
11 4 'Structure model' '_pdbx_struct_conn_angle.ptnr3_label_comp_id' 
12 4 'Structure model' '_pdbx_struct_conn_angle.ptnr3_label_seq_id'  
13 4 'Structure model' '_pdbx_struct_conn_angle.value'               
14 4 'Structure model' '_struct_conn.pdbx_dist_value'                
15 4 'Structure model' '_struct_conn.ptnr1_auth_comp_id'             
16 4 'Structure model' '_struct_conn.ptnr1_auth_seq_id'              
17 4 'Structure model' '_struct_conn.ptnr1_label_asym_id'            
18 4 'Structure model' '_struct_conn.ptnr1_label_atom_id'            
19 4 'Structure model' '_struct_conn.ptnr1_label_comp_id'            
20 4 'Structure model' '_struct_conn.ptnr1_label_seq_id'             
21 4 'Structure model' '_struct_conn.ptnr2_auth_comp_id'             
22 4 'Structure model' '_struct_conn.ptnr2_auth_seq_id'              
23 4 'Structure model' '_struct_conn.ptnr2_label_asym_id'            
24 4 'Structure model' '_struct_conn.ptnr2_label_atom_id'            
25 4 'Structure model' '_struct_conn.ptnr2_label_comp_id'            
26 4 'Structure model' '_struct_conn.ptnr2_label_seq_id'             
27 4 'Structure model' '_struct_site.pdbx_auth_asym_id'              
28 4 'Structure model' '_struct_site.pdbx_auth_comp_id'              
29 4 'Structure model' '_struct_site.pdbx_auth_seq_id'               
# 
_pdbx_database_status.status_code                     REL 
_pdbx_database_status.entry_id                        1YXH 
_pdbx_database_status.recvd_initial_deposition_date   2005-02-21 
_pdbx_database_status.deposit_site                    RCSB 
_pdbx_database_status.process_site                    PDBJ 
_pdbx_database_status.status_code_sf                  ? 
_pdbx_database_status.status_code_mr                  ? 
_pdbx_database_status.SG_entry                        ? 
_pdbx_database_status.pdb_format_compatible           Y 
_pdbx_database_status.status_code_cs                  ? 
_pdbx_database_status.status_code_nmr_data            ? 
_pdbx_database_status.methods_development_category    ? 
# 
_pdbx_database_related.db_name        PDB 
_pdbx_database_related.db_id          1MH7 
_pdbx_database_related.details        
'Crystal Structure Of A Calcium-Free Isoform Of Phospholipase A2 From Naja Naja Sagittifera At 2.0 A Resolution' 
_pdbx_database_related.content_type   unspecified 
# 
loop_
_audit_author.name 
_audit_author.pdbx_ordinal 
'Jabeen, T.'     1 
'Singh, N.'      2 
'Singh, R.K.'    3 
'Sharma, S.'     4 
'Srinivasan, A.' 5 
'Singh, T.P.'    6 
# 
_citation.id                        primary 
_citation.title                     
'Crystal structure of a novel phospholipase A(2) from Naja naja sagittifera with a strong anticoagulant activity' 
_citation.journal_abbrev            Toxicon 
_citation.journal_volume            46 
_citation.page_first                865 
_citation.page_last                 875 
_citation.year                      2005 
_citation.journal_id_ASTM           TOXIA6 
_citation.country                   UK 
_citation.journal_id_ISSN           0041-0101 
_citation.journal_id_CSD            2043 
_citation.book_publisher            ? 
_citation.pdbx_database_id_PubMed   16269164 
_citation.pdbx_database_id_DOI      10.1016/j.toxicon.2005.08.008 
# 
loop_
_citation_author.citation_id 
_citation_author.name 
_citation_author.ordinal 
_citation_author.identifier_ORCID 
primary 'Jabeen, T.'         1 ? 
primary 'Singh, N.'          2 ? 
primary 'Singh, R.K.'        3 ? 
primary 'Ethayathulla, A.S.' 4 ? 
primary 'Sharma, S.'         5 ? 
primary 'Srinivasan, A.'     6 ? 
primary 'Singh, T.P.'        7 ? 
# 
loop_
_entity.id 
_entity.type 
_entity.src_method 
_entity.pdbx_description 
_entity.formula_weight 
_entity.pdbx_number_of_molecules 
_entity.pdbx_ec 
_entity.pdbx_mutation 
_entity.pdbx_fragment 
_entity.details 
1 polymer     nat 'phospholipase A2' 14211.938 1   3.1.1.4 ? ? ? 
2 non-polymer syn 'CALCIUM ION'      40.078    1   ?       ? ? ? 
3 non-polymer syn 'PHOSPHATE ION'    94.971    1   ?       ? ? ? 
4 non-polymer syn ETHANOL            46.068    2   ?       ? ? ? 
5 water       nat water              18.015    116 ?       ? ? ? 
# 
_entity_poly.entity_id                      1 
_entity_poly.type                           'polypeptide(L)' 
_entity_poly.nstd_linkage                   no 
_entity_poly.nstd_monomer                   no 
_entity_poly.pdbx_seq_one_letter_code       
;SNRPMPLNIYQFKNMIQCTVPSRSWWDFADYGCYCGRGGSGTPVDDLDRCCQVHDNCYNQAQEITGCRPKWKTYTYECSQ
GTLTCKGRNNACAATVCDCDRLAAICFAGAPYNDNNYNIDLKARCQ
;
_entity_poly.pdbx_seq_one_letter_code_can   
;SNRPMPLNIYQFKNMIQCTVPSRSWWDFADYGCYCGRGGSGTPVDDLDRCCQVHDNCYNQAQEITGCRPKWKTYTYECSQ
GTLTCKGRNNACAATVCDCDRLAAICFAGAPYNDNNYNIDLKARCQ
;
_entity_poly.pdbx_strand_id                 A 
_entity_poly.pdbx_target_identifier         ? 
# 
loop_
_pdbx_entity_nonpoly.entity_id 
_pdbx_entity_nonpoly.name 
_pdbx_entity_nonpoly.comp_id 
2 'CALCIUM ION'   CA  
3 'PHOSPHATE ION' PO4 
4 ETHANOL         EOH 
5 water           HOH 
# 
loop_
_entity_poly_seq.entity_id 
_entity_poly_seq.num 
_entity_poly_seq.mon_id 
_entity_poly_seq.hetero 
1 1   SER n 
1 2   ASN n 
1 3   ARG n 
1 4   PRO n 
1 5   MET n 
1 6   PRO n 
1 7   LEU n 
1 8   ASN n 
1 9   ILE n 
1 10  TYR n 
1 11  GLN n 
1 12  PHE n 
1 13  LYS n 
1 14  ASN n 
1 15  MET n 
1 16  ILE n 
1 17  GLN n 
1 18  CYS n 
1 19  THR n 
1 20  VAL n 
1 21  PRO n 
1 22  SER n 
1 23  ARG n 
1 24  SER n 
1 25  TRP n 
1 26  TRP n 
1 27  ASP n 
1 28  PHE n 
1 29  ALA n 
1 30  ASP n 
1 31  TYR n 
1 32  GLY n 
1 33  CYS n 
1 34  TYR n 
1 35  CYS n 
1 36  GLY n 
1 37  ARG n 
1 38  GLY n 
1 39  GLY n 
1 40  SER n 
1 41  GLY n 
1 42  THR n 
1 43  PRO n 
1 44  VAL n 
1 45  ASP n 
1 46  ASP n 
1 47  LEU n 
1 48  ASP n 
1 49  ARG n 
1 50  CYS n 
1 51  CYS n 
1 52  GLN n 
1 53  VAL n 
1 54  HIS n 
1 55  ASP n 
1 56  ASN n 
1 57  CYS n 
1 58  TYR n 
1 59  ASN n 
1 60  GLN n 
1 61  ALA n 
1 62  GLN n 
1 63  GLU n 
1 64  ILE n 
1 65  THR n 
1 66  GLY n 
1 67  CYS n 
1 68  ARG n 
1 69  PRO n 
1 70  LYS n 
1 71  TRP n 
1 72  LYS n 
1 73  THR n 
1 74  TYR n 
1 75  THR n 
1 76  TYR n 
1 77  GLU n 
1 78  CYS n 
1 79  SER n 
1 80  GLN n 
1 81  GLY n 
1 82  THR n 
1 83  LEU n 
1 84  THR n 
1 85  CYS n 
1 86  LYS n 
1 87  GLY n 
1 88  ARG n 
1 89  ASN n 
1 90  ASN n 
1 91  ALA n 
1 92  CYS n 
1 93  ALA n 
1 94  ALA n 
1 95  THR n 
1 96  VAL n 
1 97  CYS n 
1 98  ASP n 
1 99  CYS n 
1 100 ASP n 
1 101 ARG n 
1 102 LEU n 
1 103 ALA n 
1 104 ALA n 
1 105 ILE n 
1 106 CYS n 
1 107 PHE n 
1 108 ALA n 
1 109 GLY n 
1 110 ALA n 
1 111 PRO n 
1 112 TYR n 
1 113 ASN n 
1 114 ASP n 
1 115 ASN n 
1 116 ASN n 
1 117 TYR n 
1 118 ASN n 
1 119 ILE n 
1 120 ASP n 
1 121 LEU n 
1 122 LYS n 
1 123 ALA n 
1 124 ARG n 
1 125 CYS n 
1 126 GLN n 
# 
_entity_src_nat.entity_id                  1 
_entity_src_nat.pdbx_src_id                1 
_entity_src_nat.pdbx_alt_source_flag       sample 
_entity_src_nat.pdbx_beg_seq_num           ? 
_entity_src_nat.pdbx_end_seq_num           ? 
_entity_src_nat.common_name                ? 
_entity_src_nat.pdbx_organism_scientific   'Naja sagittifera' 
_entity_src_nat.pdbx_ncbi_taxonomy_id      195058 
_entity_src_nat.genus                      Naja 
_entity_src_nat.species                    ? 
_entity_src_nat.strain                     ? 
_entity_src_nat.tissue                     ? 
_entity_src_nat.tissue_fraction            ? 
_entity_src_nat.pdbx_secretion             ? 
_entity_src_nat.pdbx_fragment              ? 
_entity_src_nat.pdbx_variant               ? 
_entity_src_nat.pdbx_cell_line             ? 
_entity_src_nat.pdbx_atcc                  ? 
_entity_src_nat.pdbx_cellular_location     ? 
_entity_src_nat.pdbx_organ                 ? 
_entity_src_nat.pdbx_organelle             ? 
_entity_src_nat.pdbx_cell                  ? 
_entity_src_nat.pdbx_plasmid_name          ? 
_entity_src_nat.pdbx_plasmid_details       ? 
_entity_src_nat.details                    ? 
# 
loop_
_chem_comp.id 
_chem_comp.type 
_chem_comp.mon_nstd_flag 
_chem_comp.name 
_chem_comp.pdbx_synonyms 
_chem_comp.formula 
_chem_comp.formula_weight 
ALA 'L-peptide linking' y ALANINE         ? 'C3 H7 N O2'     89.093  
ARG 'L-peptide linking' y ARGININE        ? 'C6 H15 N4 O2 1' 175.209 
ASN 'L-peptide linking' y ASPARAGINE      ? 'C4 H8 N2 O3'    132.118 
ASP 'L-peptide linking' y 'ASPARTIC ACID' ? 'C4 H7 N O4'     133.103 
CA  non-polymer         . 'CALCIUM ION'   ? 'Ca 2'           40.078  
CYS 'L-peptide linking' y CYSTEINE        ? 'C3 H7 N O2 S'   121.158 
EOH non-polymer         . ETHANOL         ? 'C2 H6 O'        46.068  
GLN 'L-peptide linking' y GLUTAMINE       ? 'C5 H10 N2 O3'   146.144 
GLU 'L-peptide linking' y 'GLUTAMIC ACID' ? 'C5 H9 N O4'     147.129 
GLY 'peptide linking'   y GLYCINE         ? 'C2 H5 N O2'     75.067  
HIS 'L-peptide linking' y HISTIDINE       ? 'C6 H10 N3 O2 1' 156.162 
HOH non-polymer         . WATER           ? 'H2 O'           18.015  
ILE 'L-peptide linking' y ISOLEUCINE      ? 'C6 H13 N O2'    131.173 
LEU 'L-peptide linking' y LEUCINE         ? 'C6 H13 N O2'    131.173 
LYS 'L-peptide linking' y LYSINE          ? 'C6 H15 N2 O2 1' 147.195 
MET 'L-peptide linking' y METHIONINE      ? 'C5 H11 N O2 S'  149.211 
PHE 'L-peptide linking' y PHENYLALANINE   ? 'C9 H11 N O2'    165.189 
PO4 non-polymer         . 'PHOSPHATE ION' ? 'O4 P -3'        94.971  
PRO 'L-peptide linking' y PROLINE         ? 'C5 H9 N O2'     115.130 
SER 'L-peptide linking' y SERINE          ? 'C3 H7 N O3'     105.093 
THR 'L-peptide linking' y THREONINE       ? 'C4 H9 N O3'     119.119 
TRP 'L-peptide linking' y TRYPTOPHAN      ? 'C11 H12 N2 O2'  204.225 
TYR 'L-peptide linking' y TYROSINE        ? 'C9 H11 N O3'    181.189 
VAL 'L-peptide linking' y VALINE          ? 'C5 H11 N O2'    117.146 
# 
loop_
_pdbx_poly_seq_scheme.asym_id 
_pdbx_poly_seq_scheme.entity_id 
_pdbx_poly_seq_scheme.seq_id 
_pdbx_poly_seq_scheme.mon_id 
_pdbx_poly_seq_scheme.ndb_seq_num 
_pdbx_poly_seq_scheme.pdb_seq_num 
_pdbx_poly_seq_scheme.auth_seq_num 
_pdbx_poly_seq_scheme.pdb_mon_id 
_pdbx_poly_seq_scheme.auth_mon_id 
_pdbx_poly_seq_scheme.pdb_strand_id 
_pdbx_poly_seq_scheme.pdb_ins_code 
_pdbx_poly_seq_scheme.hetero 
A 1 1   SER 1   -6  ?   ?   ?   A . n 
A 1 2   ASN 2   -5  ?   ?   ?   A . n 
A 1 3   ARG 3   -4  ?   ?   ?   A . n 
A 1 4   PRO 4   -3  ?   ?   ?   A . n 
A 1 5   MET 5   -2  ?   ?   ?   A . n 
A 1 6   PRO 6   -1  ?   ?   ?   A . n 
A 1 7   LEU 7   0   ?   ?   ?   A . n 
A 1 8   ASN 8   1   1   ASN ASN A . n 
A 1 9   ILE 9   2   2   ILE ILE A . n 
A 1 10  TYR 10  3   3   TYR TYR A . n 
A 1 11  GLN 11  4   4   GLN GLN A . n 
A 1 12  PHE 12  5   5   PHE PHE A . n 
A 1 13  LYS 13  6   6   LYS LYS A . n 
A 1 14  ASN 14  7   7   ASN ASN A . n 
A 1 15  MET 15  8   8   MET MET A . n 
A 1 16  ILE 16  9   9   ILE ILE A . n 
A 1 17  GLN 17  10  10  GLN GLN A . n 
A 1 18  CYS 18  11  11  CYS CYS A . n 
A 1 19  THR 19  12  12  THR THR A . n 
A 1 20  VAL 20  13  13  VAL VAL A . n 
A 1 21  PRO 21  14  14  PRO PRO A . n 
A 1 22  SER 22  15  15  SER SER A . n 
A 1 23  ARG 23  17  17  ARG ARG A . n 
A 1 24  SER 24  18  18  SER SER A . n 
A 1 25  TRP 25  19  19  TRP TRP A . n 
A 1 26  TRP 26  20  20  TRP TRP A . n 
A 1 27  ASP 27  21  21  ASP ASP A . n 
A 1 28  PHE 28  22  22  PHE PHE A . n 
A 1 29  ALA 29  23  23  ALA ALA A . n 
A 1 30  ASP 30  24  24  ASP ASP A . n 
A 1 31  TYR 31  25  25  TYR TYR A . n 
A 1 32  GLY 32  26  26  GLY GLY A . n 
A 1 33  CYS 33  27  27  CYS CYS A . n 
A 1 34  TYR 34  28  28  TYR TYR A . n 
A 1 35  CYS 35  29  29  CYS CYS A . n 
A 1 36  GLY 36  30  30  GLY GLY A . n 
A 1 37  ARG 37  31  31  ARG ARG A . n 
A 1 38  GLY 38  32  32  GLY GLY A . n 
A 1 39  GLY 39  33  33  GLY GLY A . n 
A 1 40  SER 40  34  34  SER SER A . n 
A 1 41  GLY 41  35  35  GLY GLY A . n 
A 1 42  THR 42  36  36  THR THR A . n 
A 1 43  PRO 43  37  37  PRO PRO A . n 
A 1 44  VAL 44  38  38  VAL VAL A . n 
A 1 45  ASP 45  39  39  ASP ASP A . n 
A 1 46  ASP 46  40  40  ASP ASP A . n 
A 1 47  LEU 47  41  41  LEU LEU A . n 
A 1 48  ASP 48  42  42  ASP ASP A . n 
A 1 49  ARG 49  43  43  ARG ARG A . n 
A 1 50  CYS 50  44  44  CYS CYS A . n 
A 1 51  CYS 51  45  45  CYS CYS A . n 
A 1 52  GLN 52  46  46  GLN GLN A . n 
A 1 53  VAL 53  47  47  VAL VAL A . n 
A 1 54  HIS 54  48  48  HIS HIS A . n 
A 1 55  ASP 55  49  49  ASP ASP A . n 
A 1 56  ASN 56  50  50  ASN ASN A . n 
A 1 57  CYS 57  51  51  CYS CYS A . n 
A 1 58  TYR 58  52  52  TYR TYR A . n 
A 1 59  ASN 59  53  53  ASN ASN A . n 
A 1 60  GLN 60  54  54  GLN GLN A . n 
A 1 61  ALA 61  55  55  ALA ALA A . n 
A 1 62  GLN 62  56  56  GLN GLN A . n 
A 1 63  GLU 63  57  57  GLU GLU A . n 
A 1 64  ILE 64  58  58  ILE ILE A . n 
A 1 65  THR 65  59  59  THR THR A . n 
A 1 66  GLY 66  60  60  GLY GLY A . n 
A 1 67  CYS 67  61  61  CYS CYS A . n 
A 1 68  ARG 68  62  62  ARG ARG A . n 
A 1 69  PRO 69  63  63  PRO PRO A . n 
A 1 70  LYS 70  64  64  LYS LYS A . n 
A 1 71  TRP 71  65  65  TRP TRP A . n 
A 1 72  LYS 72  66  66  LYS LYS A . n 
A 1 73  THR 73  67  67  THR THR A . n 
A 1 74  TYR 74  68  68  TYR TYR A . n 
A 1 75  THR 75  69  69  THR THR A . n 
A 1 76  TYR 76  70  70  TYR TYR A . n 
A 1 77  GLU 77  71  71  GLU GLU A . n 
A 1 78  CYS 78  72  72  CYS CYS A . n 
A 1 79  SER 79  73  73  SER SER A . n 
A 1 80  GLN 80  74  74  GLN GLN A . n 
A 1 81  GLY 81  75  75  GLY GLY A . n 
A 1 82  THR 82  76  76  THR THR A . n 
A 1 83  LEU 83  77  77  LEU LEU A . n 
A 1 84  THR 84  78  78  THR THR A . n 
A 1 85  CYS 85  79  79  CYS CYS A . n 
A 1 86  LYS 86  80  80  LYS LYS A . n 
A 1 87  GLY 87  81  81  GLY GLY A . n 
A 1 88  ARG 88  82  82  ARG ARG A . n 
A 1 89  ASN 89  83  83  ASN ASN A . n 
A 1 90  ASN 90  84  84  ASN ASN A . n 
A 1 91  ALA 91  85  85  ALA ALA A . n 
A 1 92  CYS 92  86  86  CYS CYS A . n 
A 1 93  ALA 93  87  87  ALA ALA A . n 
A 1 94  ALA 94  88  88  ALA ALA A . n 
A 1 95  THR 95  89  89  THR THR A . n 
A 1 96  VAL 96  90  90  VAL VAL A . n 
A 1 97  CYS 97  91  91  CYS CYS A . n 
A 1 98  ASP 98  92  92  ASP ASP A . n 
A 1 99  CYS 99  93  93  CYS CYS A . n 
A 1 100 ASP 100 94  94  ASP ASP A . n 
A 1 101 ARG 101 95  95  ARG ARG A . n 
A 1 102 LEU 102 96  96  LEU LEU A . n 
A 1 103 ALA 103 97  97  ALA ALA A . n 
A 1 104 ALA 104 98  98  ALA ALA A . n 
A 1 105 ILE 105 99  99  ILE ILE A . n 
A 1 106 CYS 106 100 100 CYS CYS A . n 
A 1 107 PHE 107 101 101 PHE PHE A . n 
A 1 108 ALA 108 102 102 ALA ALA A . n 
A 1 109 GLY 109 103 103 GLY GLY A . n 
A 1 110 ALA 110 104 104 ALA ALA A . n 
A 1 111 PRO 111 105 105 PRO PRO A . n 
A 1 112 TYR 112 106 106 TYR TYR A . n 
A 1 113 ASN 113 107 107 ASN ASN A . n 
A 1 114 ASP 114 108 108 ASP ASP A . n 
A 1 115 ASN 115 109 109 ASN ASN A . n 
A 1 116 ASN 116 110 110 ASN ASN A . n 
A 1 117 TYR 117 111 111 TYR TYR A . n 
A 1 118 ASN 118 112 112 ASN ASN A . n 
A 1 119 ILE 119 113 113 ILE ILE A . n 
A 1 120 ASP 120 114 114 ASP ASP A . n 
A 1 121 LEU 121 115 115 LEU LEU A . n 
A 1 122 LYS 122 116 116 LYS LYS A . n 
A 1 123 ALA 123 117 117 ALA ALA A . n 
A 1 124 ARG 124 118 118 ARG ARG A . n 
A 1 125 CYS 125 119 119 CYS CYS A . n 
A 1 126 GLN 126 120 120 GLN GLN A . n 
# 
loop_
_pdbx_nonpoly_scheme.asym_id 
_pdbx_nonpoly_scheme.entity_id 
_pdbx_nonpoly_scheme.mon_id 
_pdbx_nonpoly_scheme.ndb_seq_num 
_pdbx_nonpoly_scheme.pdb_seq_num 
_pdbx_nonpoly_scheme.auth_seq_num 
_pdbx_nonpoly_scheme.pdb_mon_id 
_pdbx_nonpoly_scheme.auth_mon_id 
_pdbx_nonpoly_scheme.pdb_strand_id 
_pdbx_nonpoly_scheme.pdb_ins_code 
B 2 CA  1   1001 1   CA  CA  A . 
C 3 PO4 1   3001 1   PO4 PO4 A . 
D 4 EOH 1   2001 1   EOH EOH A . 
E 4 EOH 1   2002 2   EOH EOH A . 
F 5 HOH 1   3002 1   HOH HOH A . 
F 5 HOH 2   3003 2   HOH HOH A . 
F 5 HOH 3   3004 3   HOH HOH A . 
F 5 HOH 4   3005 4   HOH HOH A . 
F 5 HOH 5   3006 5   HOH HOH A . 
F 5 HOH 6   3007 6   HOH HOH A . 
F 5 HOH 7   3008 7   HOH HOH A . 
F 5 HOH 8   3009 8   HOH HOH A . 
F 5 HOH 9   3010 9   HOH HOH A . 
F 5 HOH 10  3011 10  HOH HOH A . 
F 5 HOH 11  3012 11  HOH HOH A . 
F 5 HOH 12  3013 12  HOH HOH A . 
F 5 HOH 13  3014 13  HOH HOH A . 
F 5 HOH 14  3015 14  HOH HOH A . 
F 5 HOH 15  3016 15  HOH HOH A . 
F 5 HOH 16  3017 16  HOH HOH A . 
F 5 HOH 17  3018 17  HOH HOH A . 
F 5 HOH 18  3019 18  HOH HOH A . 
F 5 HOH 19  3020 19  HOH HOH A . 
F 5 HOH 20  3021 20  HOH HOH A . 
F 5 HOH 21  3022 21  HOH HOH A . 
F 5 HOH 22  3023 22  HOH HOH A . 
F 5 HOH 23  3024 23  HOH HOH A . 
F 5 HOH 24  3025 24  HOH HOH A . 
F 5 HOH 25  3026 25  HOH HOH A . 
F 5 HOH 26  3027 26  HOH HOH A . 
F 5 HOH 27  3028 27  HOH HOH A . 
F 5 HOH 28  3029 28  HOH HOH A . 
F 5 HOH 29  3030 29  HOH HOH A . 
F 5 HOH 30  3031 31  HOH HOH A . 
F 5 HOH 31  3032 32  HOH HOH A . 
F 5 HOH 32  3033 33  HOH HOH A . 
F 5 HOH 33  3034 34  HOH HOH A . 
F 5 HOH 34  3035 35  HOH HOH A . 
F 5 HOH 35  3036 36  HOH HOH A . 
F 5 HOH 36  3037 37  HOH HOH A . 
F 5 HOH 37  3038 38  HOH HOH A . 
F 5 HOH 38  3039 39  HOH HOH A . 
F 5 HOH 39  3040 40  HOH HOH A . 
F 5 HOH 40  3041 41  HOH HOH A . 
F 5 HOH 41  3042 42  HOH HOH A . 
F 5 HOH 42  3043 43  HOH HOH A . 
F 5 HOH 43  3044 44  HOH HOH A . 
F 5 HOH 44  3045 45  HOH HOH A . 
F 5 HOH 45  3046 46  HOH HOH A . 
F 5 HOH 46  3047 47  HOH HOH A . 
F 5 HOH 47  3048 48  HOH HOH A . 
F 5 HOH 48  3049 49  HOH HOH A . 
F 5 HOH 49  3050 50  HOH HOH A . 
F 5 HOH 50  3051 51  HOH HOH A . 
F 5 HOH 51  3052 52  HOH HOH A . 
F 5 HOH 52  3053 53  HOH HOH A . 
F 5 HOH 53  3054 54  HOH HOH A . 
F 5 HOH 54  3055 55  HOH HOH A . 
F 5 HOH 55  3056 56  HOH HOH A . 
F 5 HOH 56  3057 57  HOH HOH A . 
F 5 HOH 57  3058 58  HOH HOH A . 
F 5 HOH 58  3059 59  HOH HOH A . 
F 5 HOH 59  3060 60  HOH HOH A . 
F 5 HOH 60  3061 61  HOH HOH A . 
F 5 HOH 61  3062 62  HOH HOH A . 
F 5 HOH 62  3063 63  HOH HOH A . 
F 5 HOH 63  3064 64  HOH HOH A . 
F 5 HOH 64  3065 65  HOH HOH A . 
F 5 HOH 65  3066 66  HOH HOH A . 
F 5 HOH 66  3067 67  HOH HOH A . 
F 5 HOH 67  3068 68  HOH HOH A . 
F 5 HOH 68  3069 69  HOH HOH A . 
F 5 HOH 69  3070 70  HOH HOH A . 
F 5 HOH 70  3071 71  HOH HOH A . 
F 5 HOH 71  3072 72  HOH HOH A . 
F 5 HOH 72  3073 73  HOH HOH A . 
F 5 HOH 73  3074 74  HOH HOH A . 
F 5 HOH 74  3075 75  HOH HOH A . 
F 5 HOH 75  3076 76  HOH HOH A . 
F 5 HOH 76  3077 77  HOH HOH A . 
F 5 HOH 77  3078 78  HOH HOH A . 
F 5 HOH 78  3079 79  HOH HOH A . 
F 5 HOH 79  3080 80  HOH HOH A . 
F 5 HOH 80  3081 81  HOH HOH A . 
F 5 HOH 81  3082 82  HOH HOH A . 
F 5 HOH 82  3083 83  HOH HOH A . 
F 5 HOH 83  3084 84  HOH HOH A . 
F 5 HOH 84  3085 85  HOH HOH A . 
F 5 HOH 85  3086 86  HOH HOH A . 
F 5 HOH 86  3087 87  HOH HOH A . 
F 5 HOH 87  3088 88  HOH HOH A . 
F 5 HOH 88  3089 89  HOH HOH A . 
F 5 HOH 89  3090 90  HOH HOH A . 
F 5 HOH 90  3091 91  HOH HOH A . 
F 5 HOH 91  3092 92  HOH HOH A . 
F 5 HOH 92  3093 93  HOH HOH A . 
F 5 HOH 93  3094 94  HOH HOH A . 
F 5 HOH 94  3095 95  HOH HOH A . 
F 5 HOH 95  3096 96  HOH HOH A . 
F 5 HOH 96  3097 97  HOH HOH A . 
F 5 HOH 97  3098 98  HOH HOH A . 
F 5 HOH 98  3099 99  HOH HOH A . 
F 5 HOH 99  3100 100 HOH HOH A . 
F 5 HOH 100 3101 101 HOH HOH A . 
F 5 HOH 101 3102 102 HOH HOH A . 
F 5 HOH 102 3103 103 HOH HOH A . 
F 5 HOH 103 3104 104 HOH HOH A . 
F 5 HOH 104 3105 105 HOH HOH A . 
F 5 HOH 105 3106 106 HOH HOH A . 
F 5 HOH 106 3107 107 HOH HOH A . 
F 5 HOH 107 3108 108 HOH HOH A . 
F 5 HOH 108 3109 109 HOH HOH A . 
F 5 HOH 109 3110 110 HOH HOH A . 
F 5 HOH 110 3111 111 HOH HOH A . 
F 5 HOH 111 3112 112 HOH HOH A . 
F 5 HOH 112 3113 113 HOH HOH A . 
F 5 HOH 113 3114 114 HOH HOH A . 
F 5 HOH 114 3115 115 HOH HOH A . 
F 5 HOH 115 3116 116 HOH HOH A . 
F 5 HOH 116 3117 117 HOH HOH A . 
# 
loop_
_software.name 
_software.classification 
_software.version 
_software.citation_id 
_software.pdbx_ordinal 
REFMAC    refinement       5.0 ? 1 
HKL-2000  'data reduction' .   ? 2 
SCALEPACK 'data scaling'   .   ? 3 
AMoRE     phasing          .   ? 4 
# 
_cell.entry_id           1YXH 
_cell.length_a           42.817 
_cell.length_b           42.817 
_cell.length_c           65.994 
_cell.angle_alpha        90.00 
_cell.angle_beta         90.00 
_cell.angle_gamma        90.00 
_cell.Z_PDB              4 
_cell.pdbx_unique_axis   ? 
# 
_symmetry.entry_id                         1YXH 
_symmetry.space_group_name_H-M             'P 41' 
_symmetry.pdbx_full_space_group_name_H-M   ? 
_symmetry.cell_setting                     ? 
_symmetry.Int_Tables_number                76 
_symmetry.space_group_name_Hall            ? 
# 
_exptl.entry_id          1YXH 
_exptl.method            'X-RAY DIFFRACTION' 
_exptl.crystals_number   1 
# 
_exptl_crystal.id                    1 
_exptl_crystal.density_meas          ? 
_exptl_crystal.density_Matthews      2.2 
_exptl_crystal.density_percent_sol   42.6 
_exptl_crystal.description           ? 
_exptl_crystal.F_000                 ? 
_exptl_crystal.preparation           ? 
# 
_exptl_crystal_grow.crystal_id      1 
_exptl_crystal_grow.method          'VAPOR DIFFUSION, HANGING DROP' 
_exptl_crystal_grow.temp            298 
_exptl_crystal_grow.temp_details    ? 
_exptl_crystal_grow.pH              6.0 
_exptl_crystal_grow.pdbx_details    
'10mM phosphate buffer, 2mM CaCl2, 25% ethanol, pH 6.0, VAPOR DIFFUSION, HANGING DROP, temperature 298K' 
_exptl_crystal_grow.pdbx_pH_range   . 
# 
_diffrn.id                     1 
_diffrn.ambient_temp           293 
_diffrn.ambient_temp_details   ? 
_diffrn.crystal_id             1 
# 
_diffrn_detector.diffrn_id              1 
_diffrn_detector.detector               'IMAGE PLATE' 
_diffrn_detector.type                   MARRESEARCH 
_diffrn_detector.pdbx_collection_date   2002-06-20 
_diffrn_detector.details                Mirror 
# 
_diffrn_radiation.diffrn_id                        1 
_diffrn_radiation.wavelength_id                    1 
_diffrn_radiation.pdbx_monochromatic_or_laue_m_l   M 
_diffrn_radiation.monochromator                    graphite 
_diffrn_radiation.pdbx_diffrn_protocol             'SINGLE WAVELENGTH' 
_diffrn_radiation.pdbx_scattering_type             x-ray 
# 
_diffrn_radiation_wavelength.id           1 
_diffrn_radiation_wavelength.wavelength   1.5418 
_diffrn_radiation_wavelength.wt           1.0 
# 
_diffrn_source.diffrn_id                   1 
_diffrn_source.source                      'ROTATING ANODE' 
_diffrn_source.type                        'RIGAKU RU300' 
_diffrn_source.pdbx_synchrotron_site       ? 
_diffrn_source.pdbx_synchrotron_beamline   ? 
_diffrn_source.pdbx_wavelength             ? 
_diffrn_source.pdbx_wavelength_list        1.5418 
# 
_reflns.entry_id                     1YXH 
_reflns.observed_criterion_sigma_F   0 
_reflns.observed_criterion_sigma_I   0 
_reflns.d_resolution_high            1.86 
_reflns.d_resolution_low             42.64 
_reflns.number_all                   49325 
_reflns.number_obs                   9822 
_reflns.percent_possible_obs         98 
_reflns.pdbx_Rmerge_I_obs            ? 
_reflns.pdbx_Rsym_value              ? 
_reflns.pdbx_netI_over_sigmaI        ? 
_reflns.B_iso_Wilson_estimate        ? 
_reflns.pdbx_redundancy              ? 
_reflns.R_free_details               ? 
_reflns.limit_h_max                  ? 
_reflns.limit_h_min                  ? 
_reflns.limit_k_max                  ? 
_reflns.limit_k_min                  ? 
_reflns.limit_l_max                  ? 
_reflns.limit_l_min                  ? 
_reflns.observed_criterion_F_max     ? 
_reflns.observed_criterion_F_min     ? 
_reflns.pdbx_chi_squared             ? 
_reflns.pdbx_scaling_rejects         ? 
_reflns.pdbx_diffrn_id               1 
_reflns.pdbx_ordinal                 1 
# 
_reflns_shell.d_res_high             1.86 
_reflns_shell.d_res_low              1.9 
_reflns_shell.percent_possible_all   94.9 
_reflns_shell.Rmerge_I_obs           ? 
_reflns_shell.pdbx_Rsym_value        ? 
_reflns_shell.meanI_over_sigI_obs    ? 
_reflns_shell.pdbx_redundancy        ? 
_reflns_shell.percent_possible_obs   ? 
_reflns_shell.number_unique_all      ? 
_reflns_shell.number_measured_all    ? 
_reflns_shell.number_measured_obs    ? 
_reflns_shell.number_unique_obs      ? 
_reflns_shell.pdbx_chi_squared       ? 
_reflns_shell.pdbx_diffrn_id         ? 
_reflns_shell.pdbx_ordinal           1 
# 
_refine.entry_id                                 1YXH 
_refine.ls_number_reflns_obs                     9349 
_refine.ls_number_reflns_all                     9349 
_refine.pdbx_ls_sigma_I                          ? 
_refine.pdbx_ls_sigma_F                          0 
_refine.pdbx_data_cutoff_high_absF               ? 
_refine.pdbx_data_cutoff_low_absF                ? 
_refine.pdbx_data_cutoff_high_rms_absF           ? 
_refine.ls_d_res_low                             20 
_refine.ls_d_res_high                            1.86 
_refine.ls_percent_reflns_obs                    98.02 
_refine.ls_R_factor_obs                          0.19608 
_refine.ls_R_factor_all                          0.221 
_refine.ls_R_factor_R_work                       0.19455 
_refine.ls_R_factor_R_free                       0.2251 
_refine.ls_R_factor_R_free_error                 ? 
_refine.ls_R_factor_R_free_error_details         ? 
_refine.ls_percent_reflns_R_free                 4.8 
_refine.ls_number_reflns_R_free                  473 
_refine.ls_number_parameters                     ? 
_refine.ls_number_restraints                     ? 
_refine.occupancy_min                            ? 
_refine.occupancy_max                            ? 
_refine.correlation_coeff_Fo_to_Fc               0.951 
_refine.correlation_coeff_Fo_to_Fc_free          0.928 
_refine.B_iso_mean                               27.030 
_refine.aniso_B[1][1]                            -0.19 
_refine.aniso_B[2][2]                            -0.19 
_refine.aniso_B[3][3]                            0.37 
_refine.aniso_B[1][2]                            0.00 
_refine.aniso_B[1][3]                            0.00 
_refine.aniso_B[2][3]                            0.00 
_refine.solvent_model_details                    'BABINET MODEL WITH MASK' 
_refine.solvent_model_param_ksol                 ? 
_refine.solvent_model_param_bsol                 ? 
_refine.pdbx_solvent_vdw_probe_radii             1.40 
_refine.pdbx_solvent_ion_probe_radii             0.80 
_refine.pdbx_solvent_shrinkage_radii             0.80 
_refine.pdbx_ls_cross_valid_method               THROUGHOUT 
_refine.details                                  'HYDROGENS HAVE BEEN ADDED IN THE RIDING POSITIONS' 
_refine.pdbx_starting_model                      ? 
_refine.pdbx_method_to_determine_struct          'MOLECULAR REPLACEMENT' 
_refine.pdbx_isotropic_thermal_model             ? 
_refine.pdbx_stereochemistry_target_values       'MAXIMUM LIKELIHOOD' 
_refine.pdbx_stereochem_target_val_spec_case     ? 
_refine.pdbx_R_Free_selection_details            RANDOM 
_refine.pdbx_overall_ESU_R                       0.169 
_refine.pdbx_overall_ESU_R_Free                  0.144 
_refine.overall_SU_ML                            0.104 
_refine.overall_SU_B                             3.455 
_refine.ls_redundancy_reflns_obs                 ? 
_refine.B_iso_min                                ? 
_refine.B_iso_max                                ? 
_refine.overall_SU_R_Cruickshank_DPI             ? 
_refine.overall_SU_R_free                        ? 
_refine.ls_wR_factor_R_free                      ? 
_refine.ls_wR_factor_R_work                      ? 
_refine.overall_FOM_free_R_set                   ? 
_refine.overall_FOM_work_R_set                   ? 
_refine.pdbx_refine_id                           'X-RAY DIFFRACTION' 
_refine.pdbx_diffrn_id                           1 
_refine.pdbx_TLS_residual_ADP_flag               ? 
_refine.pdbx_overall_phase_error                 ? 
_refine.pdbx_overall_SU_R_free_Cruickshank_DPI   ? 
_refine.pdbx_overall_SU_R_Blow_DPI               ? 
_refine.pdbx_overall_SU_R_free_Blow_DPI          ? 
# 
_refine_hist.pdbx_refine_id                   'X-RAY DIFFRACTION' 
_refine_hist.cycle_id                         LAST 
_refine_hist.pdbx_number_atoms_protein        931 
_refine_hist.pdbx_number_atoms_nucleic_acid   0 
_refine_hist.pdbx_number_atoms_ligand         6 
_refine_hist.number_atoms_solvent             122 
_refine_hist.number_atoms_total               1059 
_refine_hist.d_res_high                       1.86 
_refine_hist.d_res_low                        20 
# 
loop_
_refine_ls_restr.type 
_refine_ls_restr.dev_ideal 
_refine_ls_restr.dev_ideal_target 
_refine_ls_restr.weight 
_refine_ls_restr.number 
_refine_ls_restr.pdbx_refine_id 
_refine_ls_restr.pdbx_restraint_function 
r_bond_refined_d         0.005  0.021  ? 965  'X-RAY DIFFRACTION' ? 
r_angle_refined_deg      1.077  1.927  ? 1308 'X-RAY DIFFRACTION' ? 
r_dihedral_angle_1_deg   2.683  3.000  ? 117  'X-RAY DIFFRACTION' ? 
r_dihedral_angle_3_deg   13.865 15.000 ? 154  'X-RAY DIFFRACTION' ? 
r_chiral_restr           0.074  0.200  ? 131  'X-RAY DIFFRACTION' ? 
r_gen_planes_refined     0.002  0.020  ? 760  'X-RAY DIFFRACTION' ? 
r_nbd_refined            0.297  0.300  ? 456  'X-RAY DIFFRACTION' ? 
r_xyhbond_nbd_refined    0.176  0.500  ? 92   'X-RAY DIFFRACTION' ? 
r_symmetry_vdw_refined   0.236  0.300  ? 45   'X-RAY DIFFRACTION' ? 
r_symmetry_hbond_refined 0.240  0.500  ? 12   'X-RAY DIFFRACTION' ? 
r_mcbond_it              0.515  1.500  ? 591  'X-RAY DIFFRACTION' ? 
r_mcangle_it             1.047  2.000  ? 941  'X-RAY DIFFRACTION' ? 
r_scbond_it              1.434  3.000  ? 374  'X-RAY DIFFRACTION' ? 
r_scangle_it             2.416  4.500  ? 367  'X-RAY DIFFRACTION' ? 
# 
_refine_ls_shell.pdbx_total_number_of_bins_used   20 
_refine_ls_shell.d_res_high                       1.862 
_refine_ls_shell.d_res_low                        1.910 
_refine_ls_shell.number_reflns_R_work             591 
_refine_ls_shell.R_factor_R_work                  0.282 
_refine_ls_shell.percent_reflns_obs               ? 
_refine_ls_shell.R_factor_R_free                  0.336 
_refine_ls_shell.R_factor_R_free_error            ? 
_refine_ls_shell.percent_reflns_R_free            ? 
_refine_ls_shell.number_reflns_R_free             31 
_refine_ls_shell.number_reflns_obs                ? 
_refine_ls_shell.redundancy_reflns_obs            ? 
_refine_ls_shell.number_reflns_all                ? 
_refine_ls_shell.R_factor_all                     ? 
_refine_ls_shell.pdbx_refine_id                   'X-RAY DIFFRACTION' 
# 
_struct.entry_id                  1YXH 
_struct.title                     
'Crystal structure of a novel phospholipase A2 from Naja naja sagittifera with a strong anticoagulant activity' 
_struct.pdbx_model_details        ? 
_struct.pdbx_CASP_flag            ? 
_struct.pdbx_model_type_details   ? 
# 
_struct_keywords.entry_id        1YXH 
_struct_keywords.pdbx_keywords   HYDROLASE 
_struct_keywords.text            'PLA2, anticoagulation, monomer, HYDROLASE' 
# 
loop_
_struct_asym.id 
_struct_asym.pdbx_blank_PDB_chainid_flag 
_struct_asym.pdbx_modified 
_struct_asym.entity_id 
_struct_asym.details 
A N N 1 ? 
B N N 2 ? 
C N N 3 ? 
D N N 4 ? 
E N N 4 ? 
F N N 5 ? 
# 
_struct_ref.id                         1 
_struct_ref.db_name                    UNP 
_struct_ref.db_code                    Q6T179_NAJSG 
_struct_ref.pdbx_db_accession          Q6T179 
_struct_ref.entity_id                  1 
_struct_ref.pdbx_seq_one_letter_code   
;SNRPMPLNIYQFKNMIQCTVPSRSWWDFADYGCYCGRGGSGTPVDDLDRCCQVHDNCYNQAQEITGCRPKWKTYTYECSQ
GTLTCKGRNNACAATVCDCDRLAAICFAGAPYNDNNYNIDLKARCQ
;
_struct_ref.pdbx_align_begin           1 
_struct_ref.pdbx_db_isoform            ? 
# 
_struct_ref_seq.align_id                      1 
_struct_ref_seq.ref_id                        1 
_struct_ref_seq.pdbx_PDB_id_code              1YXH 
_struct_ref_seq.pdbx_strand_id                A 
_struct_ref_seq.seq_align_beg                 1 
_struct_ref_seq.pdbx_seq_align_beg_ins_code   ? 
_struct_ref_seq.seq_align_end                 126 
_struct_ref_seq.pdbx_seq_align_end_ins_code   ? 
_struct_ref_seq.pdbx_db_accession             Q6T179 
_struct_ref_seq.db_align_beg                  1 
_struct_ref_seq.pdbx_db_align_beg_ins_code    ? 
_struct_ref_seq.db_align_end                  126 
_struct_ref_seq.pdbx_db_align_end_ins_code    ? 
_struct_ref_seq.pdbx_auth_seq_align_beg       -6 
_struct_ref_seq.pdbx_auth_seq_align_end       120 
# 
_pdbx_struct_assembly.id                   1 
_pdbx_struct_assembly.details              author_defined_assembly 
_pdbx_struct_assembly.method_details       ? 
_pdbx_struct_assembly.oligomeric_details   monomeric 
_pdbx_struct_assembly.oligomeric_count     1 
# 
_pdbx_struct_assembly_gen.assembly_id       1 
_pdbx_struct_assembly_gen.oper_expression   1 
_pdbx_struct_assembly_gen.asym_id_list      A,B,C,D,E,F 
# 
_pdbx_struct_oper_list.id                   1 
_pdbx_struct_oper_list.type                 'identity operation' 
_pdbx_struct_oper_list.name                 1_555 
_pdbx_struct_oper_list.symmetry_operation   x,y,z 
_pdbx_struct_oper_list.matrix[1][1]         1.0000000000 
_pdbx_struct_oper_list.matrix[1][2]         0.0000000000 
_pdbx_struct_oper_list.matrix[1][3]         0.0000000000 
_pdbx_struct_oper_list.vector[1]            0.0000000000 
_pdbx_struct_oper_list.matrix[2][1]         0.0000000000 
_pdbx_struct_oper_list.matrix[2][2]         1.0000000000 
_pdbx_struct_oper_list.matrix[2][3]         0.0000000000 
_pdbx_struct_oper_list.vector[2]            0.0000000000 
_pdbx_struct_oper_list.matrix[3][1]         0.0000000000 
_pdbx_struct_oper_list.matrix[3][2]         0.0000000000 
_pdbx_struct_oper_list.matrix[3][3]         1.0000000000 
_pdbx_struct_oper_list.vector[3]            0.0000000000 
# 
loop_
_struct_conf.conf_type_id 
_struct_conf.id 
_struct_conf.pdbx_PDB_helix_id 
_struct_conf.beg_label_comp_id 
_struct_conf.beg_label_asym_id 
_struct_conf.beg_label_seq_id 
_struct_conf.pdbx_beg_PDB_ins_code 
_struct_conf.end_label_comp_id 
_struct_conf.end_label_asym_id 
_struct_conf.end_label_seq_id 
_struct_conf.pdbx_end_PDB_ins_code 
_struct_conf.beg_auth_comp_id 
_struct_conf.beg_auth_asym_id 
_struct_conf.beg_auth_seq_id 
_struct_conf.end_auth_comp_id 
_struct_conf.end_auth_asym_id 
_struct_conf.end_auth_seq_id 
_struct_conf.pdbx_PDB_helix_class 
_struct_conf.details 
_struct_conf.pdbx_PDB_helix_length 
HELX_P HELX_P1 1 ASN A 8   ? VAL A 20  ? ASN A 1   VAL A 13  1 ? 13 
HELX_P HELX_P2 2 SER A 24  ? PHE A 28  ? SER A 18  PHE A 22  5 ? 5  
HELX_P HELX_P3 3 ASP A 45  ? GLN A 62  ? ASP A 39  GLN A 56  1 ? 18 
HELX_P HELX_P4 4 ASN A 90  ? ALA A 110 ? ASN A 84  ALA A 104 1 ? 21 
HELX_P HELX_P5 5 ASN A 113 ? TYR A 117 ? ASN A 107 TYR A 111 5 ? 5  
HELX_P HELX_P6 6 ASP A 120 ? CYS A 125 ? ASP A 114 CYS A 119 1 ? 6  
# 
_struct_conf_type.id          HELX_P 
_struct_conf_type.criteria    ? 
_struct_conf_type.reference   ? 
# 
loop_
_struct_conn.id 
_struct_conn.conn_type_id 
_struct_conn.pdbx_leaving_atom_flag 
_struct_conn.pdbx_PDB_id 
_struct_conn.ptnr1_label_asym_id 
_struct_conn.ptnr1_label_comp_id 
_struct_conn.ptnr1_label_seq_id 
_struct_conn.ptnr1_label_atom_id 
_struct_conn.pdbx_ptnr1_label_alt_id 
_struct_conn.pdbx_ptnr1_PDB_ins_code 
_struct_conn.pdbx_ptnr1_standard_comp_id 
_struct_conn.ptnr1_symmetry 
_struct_conn.ptnr2_label_asym_id 
_struct_conn.ptnr2_label_comp_id 
_struct_conn.ptnr2_label_seq_id 
_struct_conn.ptnr2_label_atom_id 
_struct_conn.pdbx_ptnr2_label_alt_id 
_struct_conn.pdbx_ptnr2_PDB_ins_code 
_struct_conn.ptnr1_auth_asym_id 
_struct_conn.ptnr1_auth_comp_id 
_struct_conn.ptnr1_auth_seq_id 
_struct_conn.ptnr2_auth_asym_id 
_struct_conn.ptnr2_auth_comp_id 
_struct_conn.ptnr2_auth_seq_id 
_struct_conn.ptnr2_symmetry 
_struct_conn.pdbx_ptnr3_label_atom_id 
_struct_conn.pdbx_ptnr3_label_seq_id 
_struct_conn.pdbx_ptnr3_label_comp_id 
_struct_conn.pdbx_ptnr3_label_asym_id 
_struct_conn.pdbx_ptnr3_label_alt_id 
_struct_conn.pdbx_ptnr3_PDB_ins_code 
_struct_conn.details 
_struct_conn.pdbx_dist_value 
_struct_conn.pdbx_value_order 
_struct_conn.pdbx_role 
disulf1 disulf ? ? A CYS 18 SG  ? ? ? 1_555 A CYS 78  SG ? ? A CYS 11   A CYS 72   1_555 ? ? ? ? ? ? ? 2.001 ? ? 
disulf2 disulf ? ? A CYS 33 SG  ? ? ? 1_555 A CYS 125 SG ? ? A CYS 27   A CYS 119  1_555 ? ? ? ? ? ? ? 2.024 ? ? 
disulf3 disulf ? ? A CYS 35 SG  ? ? ? 1_555 A CYS 51  SG ? ? A CYS 29   A CYS 45   1_555 ? ? ? ? ? ? ? 2.214 ? ? 
disulf4 disulf ? ? A CYS 50 SG  ? ? ? 1_555 A CYS 106 SG ? ? A CYS 44   A CYS 100  1_555 ? ? ? ? ? ? ? 2.014 ? ? 
disulf5 disulf ? ? A CYS 57 SG  ? ? ? 1_555 A CYS 99  SG ? ? A CYS 51   A CYS 93   1_555 ? ? ? ? ? ? ? 2.024 ? ? 
disulf6 disulf ? ? A CYS 67 SG  ? ? ? 1_555 A CYS 92  SG ? ? A CYS 61   A CYS 86   1_555 ? ? ? ? ? ? ? 2.027 ? ? 
disulf7 disulf ? ? A CYS 85 SG  ? ? ? 1_555 A CYS 97  SG ? ? A CYS 79   A CYS 91   1_555 ? ? ? ? ? ? ? 2.020 ? ? 
metalc1 metalc ? ? A TYR 34 O   ? ? ? 1_555 B CA  .   CA ? ? A TYR 28   A CA  1001 1_555 ? ? ? ? ? ? ? 2.397 ? ? 
metalc2 metalc ? ? A GLY 36 O   ? ? ? 1_555 B CA  .   CA ? ? A GLY 30   A CA  1001 1_555 ? ? ? ? ? ? ? 2.553 ? ? 
metalc3 metalc ? ? A GLY 38 O   ? ? ? 1_555 B CA  .   CA ? ? A GLY 32   A CA  1001 1_555 ? ? ? ? ? ? ? 2.436 ? ? 
metalc4 metalc ? ? A ASP 55 OD1 ? ? ? 1_555 B CA  .   CA ? ? A ASP 49   A CA  1001 1_555 ? ? ? ? ? ? ? 2.743 ? ? 
metalc5 metalc ? ? A ASP 55 OD2 ? ? ? 1_555 B CA  .   CA ? ? A ASP 49   A CA  1001 1_555 ? ? ? ? ? ? ? 2.371 ? ? 
metalc6 metalc ? ? B CA  .  CA  ? ? ? 1_555 E EOH .   O  ? ? A CA  1001 A EOH 2002 1_555 ? ? ? ? ? ? ? 2.635 ? ? 
metalc7 metalc ? ? B CA  .  CA  ? ? ? 1_555 F HOH .   O  ? ? A CA  1001 A HOH 3050 1_555 ? ? ? ? ? ? ? 2.371 ? ? 
# 
loop_
_struct_conn_type.id 
_struct_conn_type.criteria 
_struct_conn_type.reference 
disulf ? ? 
metalc ? ? 
# 
loop_
_pdbx_struct_conn_angle.id 
_pdbx_struct_conn_angle.ptnr1_label_atom_id 
_pdbx_struct_conn_angle.ptnr1_label_alt_id 
_pdbx_struct_conn_angle.ptnr1_label_asym_id 
_pdbx_struct_conn_angle.ptnr1_label_comp_id 
_pdbx_struct_conn_angle.ptnr1_label_seq_id 
_pdbx_struct_conn_angle.ptnr1_auth_atom_id 
_pdbx_struct_conn_angle.ptnr1_auth_asym_id 
_pdbx_struct_conn_angle.ptnr1_auth_comp_id 
_pdbx_struct_conn_angle.ptnr1_auth_seq_id 
_pdbx_struct_conn_angle.ptnr1_PDB_ins_code 
_pdbx_struct_conn_angle.ptnr1_symmetry 
_pdbx_struct_conn_angle.ptnr2_label_atom_id 
_pdbx_struct_conn_angle.ptnr2_label_alt_id 
_pdbx_struct_conn_angle.ptnr2_label_asym_id 
_pdbx_struct_conn_angle.ptnr2_label_comp_id 
_pdbx_struct_conn_angle.ptnr2_label_seq_id 
_pdbx_struct_conn_angle.ptnr2_auth_atom_id 
_pdbx_struct_conn_angle.ptnr2_auth_asym_id 
_pdbx_struct_conn_angle.ptnr2_auth_comp_id 
_pdbx_struct_conn_angle.ptnr2_auth_seq_id 
_pdbx_struct_conn_angle.ptnr2_PDB_ins_code 
_pdbx_struct_conn_angle.ptnr2_symmetry 
_pdbx_struct_conn_angle.ptnr3_label_atom_id 
_pdbx_struct_conn_angle.ptnr3_label_alt_id 
_pdbx_struct_conn_angle.ptnr3_label_asym_id 
_pdbx_struct_conn_angle.ptnr3_label_comp_id 
_pdbx_struct_conn_angle.ptnr3_label_seq_id 
_pdbx_struct_conn_angle.ptnr3_auth_atom_id 
_pdbx_struct_conn_angle.ptnr3_auth_asym_id 
_pdbx_struct_conn_angle.ptnr3_auth_comp_id 
_pdbx_struct_conn_angle.ptnr3_auth_seq_id 
_pdbx_struct_conn_angle.ptnr3_PDB_ins_code 
_pdbx_struct_conn_angle.ptnr3_symmetry 
_pdbx_struct_conn_angle.value 
_pdbx_struct_conn_angle.value_esd 
1  O   ? A TYR 34 ? A TYR 28   ? 1_555 CA ? B CA . ? A CA 1001 ? 1_555 O   ? A GLY 36 ? A GLY 30   ? 1_555 90.7  ? 
2  O   ? A TYR 34 ? A TYR 28   ? 1_555 CA ? B CA . ? A CA 1001 ? 1_555 O   ? A GLY 38 ? A GLY 32   ? 1_555 93.0  ? 
3  O   ? A GLY 36 ? A GLY 30   ? 1_555 CA ? B CA . ? A CA 1001 ? 1_555 O   ? A GLY 38 ? A GLY 32   ? 1_555 87.0  ? 
4  O   ? A TYR 34 ? A TYR 28   ? 1_555 CA ? B CA . ? A CA 1001 ? 1_555 OD1 ? A ASP 55 ? A ASP 49   ? 1_555 103.1 ? 
5  O   ? A GLY 36 ? A GLY 30   ? 1_555 CA ? B CA . ? A CA 1001 ? 1_555 OD1 ? A ASP 55 ? A ASP 49   ? 1_555 136.8 ? 
6  O   ? A GLY 38 ? A GLY 32   ? 1_555 CA ? B CA . ? A CA 1001 ? 1_555 OD1 ? A ASP 55 ? A ASP 49   ? 1_555 131.9 ? 
7  O   ? A TYR 34 ? A TYR 28   ? 1_555 CA ? B CA . ? A CA 1001 ? 1_555 OD2 ? A ASP 55 ? A ASP 49   ? 1_555 106.6 ? 
8  O   ? A GLY 36 ? A GLY 30   ? 1_555 CA ? B CA . ? A CA 1001 ? 1_555 OD2 ? A ASP 55 ? A ASP 49   ? 1_555 160.4 ? 
9  O   ? A GLY 38 ? A GLY 32   ? 1_555 CA ? B CA . ? A CA 1001 ? 1_555 OD2 ? A ASP 55 ? A ASP 49   ? 1_555 83.1  ? 
10 OD1 ? A ASP 55 ? A ASP 49   ? 1_555 CA ? B CA . ? A CA 1001 ? 1_555 OD2 ? A ASP 55 ? A ASP 49   ? 1_555 48.9  ? 
11 O   ? A TYR 34 ? A TYR 28   ? 1_555 CA ? B CA . ? A CA 1001 ? 1_555 O   ? E EOH .  ? A EOH 2002 ? 1_555 79.6  ? 
12 O   ? A GLY 36 ? A GLY 30   ? 1_555 CA ? B CA . ? A CA 1001 ? 1_555 O   ? E EOH .  ? A EOH 2002 ? 1_555 73.5  ? 
13 O   ? A GLY 38 ? A GLY 32   ? 1_555 CA ? B CA . ? A CA 1001 ? 1_555 O   ? E EOH .  ? A EOH 2002 ? 1_555 158.9 ? 
14 OD1 ? A ASP 55 ? A ASP 49   ? 1_555 CA ? B CA . ? A CA 1001 ? 1_555 O   ? E EOH .  ? A EOH 2002 ? 1_555 69.3  ? 
15 OD2 ? A ASP 55 ? A ASP 49   ? 1_555 CA ? B CA . ? A CA 1001 ? 1_555 O   ? E EOH .  ? A EOH 2002 ? 1_555 117.9 ? 
16 O   ? A TYR 34 ? A TYR 28   ? 1_555 CA ? B CA . ? A CA 1001 ? 1_555 O   ? F HOH .  ? A HOH 3050 ? 1_555 167.9 ? 
17 O   ? A GLY 36 ? A GLY 30   ? 1_555 CA ? B CA . ? A CA 1001 ? 1_555 O   ? F HOH .  ? A HOH 3050 ? 1_555 77.2  ? 
18 O   ? A GLY 38 ? A GLY 32   ? 1_555 CA ? B CA . ? A CA 1001 ? 1_555 O   ? F HOH .  ? A HOH 3050 ? 1_555 86.4  ? 
19 OD1 ? A ASP 55 ? A ASP 49   ? 1_555 CA ? B CA . ? A CA 1001 ? 1_555 O   ? F HOH .  ? A HOH 3050 ? 1_555 86.2  ? 
20 OD2 ? A ASP 55 ? A ASP 49   ? 1_555 CA ? B CA . ? A CA 1001 ? 1_555 O   ? F HOH .  ? A HOH 3050 ? 1_555 85.3  ? 
21 O   ? E EOH .  ? A EOH 2002 ? 1_555 CA ? B CA . ? A CA 1001 ? 1_555 O   ? F HOH .  ? A HOH 3050 ? 1_555 96.7  ? 
# 
loop_
_pdbx_modification_feature.ordinal 
_pdbx_modification_feature.label_comp_id 
_pdbx_modification_feature.label_asym_id 
_pdbx_modification_feature.label_seq_id 
_pdbx_modification_feature.label_alt_id 
_pdbx_modification_feature.modified_residue_label_comp_id 
_pdbx_modification_feature.modified_residue_label_asym_id 
_pdbx_modification_feature.modified_residue_label_seq_id 
_pdbx_modification_feature.modified_residue_label_alt_id 
_pdbx_modification_feature.auth_comp_id 
_pdbx_modification_feature.auth_asym_id 
_pdbx_modification_feature.auth_seq_id 
_pdbx_modification_feature.PDB_ins_code 
_pdbx_modification_feature.symmetry 
_pdbx_modification_feature.modified_residue_auth_comp_id 
_pdbx_modification_feature.modified_residue_auth_asym_id 
_pdbx_modification_feature.modified_residue_auth_seq_id 
_pdbx_modification_feature.modified_residue_PDB_ins_code 
_pdbx_modification_feature.modified_residue_symmetry 
_pdbx_modification_feature.comp_id_linking_atom 
_pdbx_modification_feature.modified_residue_id_linking_atom 
_pdbx_modification_feature.modified_residue_id 
_pdbx_modification_feature.ref_pcm_id 
_pdbx_modification_feature.ref_comp_id 
_pdbx_modification_feature.type 
_pdbx_modification_feature.category 
1 CYS A 18 ? CYS A 78  ? CYS A 11 ? 1_555 CYS A 72  ? 1_555 SG SG . . . None 'Disulfide bridge' 
2 CYS A 33 ? CYS A 125 ? CYS A 27 ? 1_555 CYS A 119 ? 1_555 SG SG . . . None 'Disulfide bridge' 
3 CYS A 35 ? CYS A 51  ? CYS A 29 ? 1_555 CYS A 45  ? 1_555 SG SG . . . None 'Disulfide bridge' 
4 CYS A 50 ? CYS A 106 ? CYS A 44 ? 1_555 CYS A 100 ? 1_555 SG SG . . . None 'Disulfide bridge' 
5 CYS A 57 ? CYS A 99  ? CYS A 51 ? 1_555 CYS A 93  ? 1_555 SG SG . . . None 'Disulfide bridge' 
6 CYS A 67 ? CYS A 92  ? CYS A 61 ? 1_555 CYS A 86  ? 1_555 SG SG . . . None 'Disulfide bridge' 
7 CYS A 85 ? CYS A 97  ? CYS A 79 ? 1_555 CYS A 91  ? 1_555 SG SG . . . None 'Disulfide bridge' 
# 
loop_
_struct_sheet.id 
_struct_sheet.type 
_struct_sheet.number_strands 
_struct_sheet.details 
A ? 2 ? 
B ? 2 ? 
# 
loop_
_struct_sheet_order.sheet_id 
_struct_sheet_order.range_id_1 
_struct_sheet_order.range_id_2 
_struct_sheet_order.offset 
_struct_sheet_order.sense 
A 1 2 ? anti-parallel 
B 1 2 ? anti-parallel 
# 
loop_
_struct_sheet_range.sheet_id 
_struct_sheet_range.id 
_struct_sheet_range.beg_label_comp_id 
_struct_sheet_range.beg_label_asym_id 
_struct_sheet_range.beg_label_seq_id 
_struct_sheet_range.pdbx_beg_PDB_ins_code 
_struct_sheet_range.end_label_comp_id 
_struct_sheet_range.end_label_asym_id 
_struct_sheet_range.end_label_seq_id 
_struct_sheet_range.pdbx_end_PDB_ins_code 
_struct_sheet_range.beg_auth_comp_id 
_struct_sheet_range.beg_auth_asym_id 
_struct_sheet_range.beg_auth_seq_id 
_struct_sheet_range.end_auth_comp_id 
_struct_sheet_range.end_auth_asym_id 
_struct_sheet_range.end_auth_seq_id 
A 1 ASP A 30 ? TYR A 31 ? ASP A 24 TYR A 25 
A 2 CYS A 35 ? GLY A 36 ? CYS A 29 GLY A 30 
B 1 TYR A 76 ? SER A 79 ? TYR A 70 SER A 73 
B 2 THR A 82 ? CYS A 85 ? THR A 76 CYS A 79 
# 
loop_
_pdbx_struct_sheet_hbond.sheet_id 
_pdbx_struct_sheet_hbond.range_id_1 
_pdbx_struct_sheet_hbond.range_id_2 
_pdbx_struct_sheet_hbond.range_1_label_atom_id 
_pdbx_struct_sheet_hbond.range_1_label_comp_id 
_pdbx_struct_sheet_hbond.range_1_label_asym_id 
_pdbx_struct_sheet_hbond.range_1_label_seq_id 
_pdbx_struct_sheet_hbond.range_1_PDB_ins_code 
_pdbx_struct_sheet_hbond.range_1_auth_atom_id 
_pdbx_struct_sheet_hbond.range_1_auth_comp_id 
_pdbx_struct_sheet_hbond.range_1_auth_asym_id 
_pdbx_struct_sheet_hbond.range_1_auth_seq_id 
_pdbx_struct_sheet_hbond.range_2_label_atom_id 
_pdbx_struct_sheet_hbond.range_2_label_comp_id 
_pdbx_struct_sheet_hbond.range_2_label_asym_id 
_pdbx_struct_sheet_hbond.range_2_label_seq_id 
_pdbx_struct_sheet_hbond.range_2_PDB_ins_code 
_pdbx_struct_sheet_hbond.range_2_auth_atom_id 
_pdbx_struct_sheet_hbond.range_2_auth_comp_id 
_pdbx_struct_sheet_hbond.range_2_auth_asym_id 
_pdbx_struct_sheet_hbond.range_2_auth_seq_id 
A 1 2 N TYR A 31 ? N TYR A 25 O CYS A 35 ? O CYS A 29 
B 1 2 N GLU A 77 ? N GLU A 71 O THR A 84 ? O THR A 78 
# 
loop_
_struct_site.id 
_struct_site.pdbx_evidence_code 
_struct_site.pdbx_auth_asym_id 
_struct_site.pdbx_auth_comp_id 
_struct_site.pdbx_auth_seq_id 
_struct_site.pdbx_auth_ins_code 
_struct_site.pdbx_num_residues 
_struct_site.details 
AC1 Software A CA  1001 ? 6 'BINDING SITE FOR RESIDUE CA A 1001'  
AC2 Software A PO4 3001 ? 2 'BINDING SITE FOR RESIDUE PO4 A 3001' 
AC3 Software A EOH 2001 ? 2 'BINDING SITE FOR RESIDUE EOH A 2001' 
AC4 Software A EOH 2002 ? 6 'BINDING SITE FOR RESIDUE EOH A 2002' 
# 
loop_
_struct_site_gen.id 
_struct_site_gen.site_id 
_struct_site_gen.pdbx_num_res 
_struct_site_gen.label_comp_id 
_struct_site_gen.label_asym_id 
_struct_site_gen.label_seq_id 
_struct_site_gen.pdbx_auth_ins_code 
_struct_site_gen.auth_comp_id 
_struct_site_gen.auth_asym_id 
_struct_site_gen.auth_seq_id 
_struct_site_gen.label_atom_id 
_struct_site_gen.label_alt_id 
_struct_site_gen.symmetry 
_struct_site_gen.details 
1  AC1 6 TYR A 34  ? TYR A 28   . ? 1_555 ? 
2  AC1 6 GLY A 36  ? GLY A 30   . ? 1_555 ? 
3  AC1 6 GLY A 38  ? GLY A 32   . ? 1_555 ? 
4  AC1 6 ASP A 55  ? ASP A 49   . ? 1_555 ? 
5  AC1 6 EOH E .   ? EOH A 2002 . ? 1_555 ? 
6  AC1 6 HOH F .   ? HOH A 3050 . ? 1_555 ? 
7  AC2 2 SER A 40  ? SER A 34   . ? 1_555 ? 
8  AC2 2 GLN A 126 ? GLN A 120  . ? 1_555 ? 
9  AC3 2 PHE A 28  ? PHE A 22   . ? 1_555 ? 
10 AC3 2 EOH E .   ? EOH A 2002 . ? 1_555 ? 
11 AC4 6 TYR A 34  ? TYR A 28   . ? 1_555 ? 
12 AC4 6 GLY A 36  ? GLY A 30   . ? 1_555 ? 
13 AC4 6 ASP A 55  ? ASP A 49   . ? 1_555 ? 
14 AC4 6 CA  B .   ? CA  A 1001 . ? 1_555 ? 
15 AC4 6 EOH D .   ? EOH A 2001 . ? 1_555 ? 
16 AC4 6 HOH F .   ? HOH A 3052 . ? 1_555 ? 
# 
_pdbx_entry_details.entry_id                   1YXH 
_pdbx_entry_details.compound_details           ? 
_pdbx_entry_details.source_details             ? 
_pdbx_entry_details.nonpolymer_details         ? 
_pdbx_entry_details.sequence_details           ? 
_pdbx_entry_details.has_ligand_of_interest     ? 
_pdbx_entry_details.has_protein_modification   Y 
# 
_pdbx_validate_rmsd_angle.id                         1 
_pdbx_validate_rmsd_angle.PDB_model_num              1 
_pdbx_validate_rmsd_angle.auth_atom_id_1             CB 
_pdbx_validate_rmsd_angle.auth_asym_id_1             A 
_pdbx_validate_rmsd_angle.auth_comp_id_1             ASP 
_pdbx_validate_rmsd_angle.auth_seq_id_1              24 
_pdbx_validate_rmsd_angle.PDB_ins_code_1             ? 
_pdbx_validate_rmsd_angle.label_alt_id_1             ? 
_pdbx_validate_rmsd_angle.auth_atom_id_2             CG 
_pdbx_validate_rmsd_angle.auth_asym_id_2             A 
_pdbx_validate_rmsd_angle.auth_comp_id_2             ASP 
_pdbx_validate_rmsd_angle.auth_seq_id_2              24 
_pdbx_validate_rmsd_angle.PDB_ins_code_2             ? 
_pdbx_validate_rmsd_angle.label_alt_id_2             ? 
_pdbx_validate_rmsd_angle.auth_atom_id_3             OD2 
_pdbx_validate_rmsd_angle.auth_asym_id_3             A 
_pdbx_validate_rmsd_angle.auth_comp_id_3             ASP 
_pdbx_validate_rmsd_angle.auth_seq_id_3              24 
_pdbx_validate_rmsd_angle.PDB_ins_code_3             ? 
_pdbx_validate_rmsd_angle.label_alt_id_3             ? 
_pdbx_validate_rmsd_angle.angle_value                123.91 
_pdbx_validate_rmsd_angle.angle_target_value         118.30 
_pdbx_validate_rmsd_angle.angle_deviation            5.61 
_pdbx_validate_rmsd_angle.angle_standard_deviation   0.90 
_pdbx_validate_rmsd_angle.linker_flag                N 
# 
loop_
_pdbx_validate_torsion.id 
_pdbx_validate_torsion.PDB_model_num 
_pdbx_validate_torsion.auth_comp_id 
_pdbx_validate_torsion.auth_asym_id 
_pdbx_validate_torsion.auth_seq_id 
_pdbx_validate_torsion.PDB_ins_code 
_pdbx_validate_torsion.label_alt_id 
_pdbx_validate_torsion.phi 
_pdbx_validate_torsion.psi 
1 1 ASP A 24 ? ? -152.68 76.18   
2 1 ASP A 39 ? ? -160.39 -166.50 
# 
loop_
_pdbx_unobs_or_zero_occ_residues.id 
_pdbx_unobs_or_zero_occ_residues.PDB_model_num 
_pdbx_unobs_or_zero_occ_residues.polymer_flag 
_pdbx_unobs_or_zero_occ_residues.occupancy_flag 
_pdbx_unobs_or_zero_occ_residues.auth_asym_id 
_pdbx_unobs_or_zero_occ_residues.auth_comp_id 
_pdbx_unobs_or_zero_occ_residues.auth_seq_id 
_pdbx_unobs_or_zero_occ_residues.PDB_ins_code 
_pdbx_unobs_or_zero_occ_residues.label_asym_id 
_pdbx_unobs_or_zero_occ_residues.label_comp_id 
_pdbx_unobs_or_zero_occ_residues.label_seq_id 
1 1 Y 1 A SER -6 ? A SER 1 
2 1 Y 1 A ASN -5 ? A ASN 2 
3 1 Y 1 A ARG -4 ? A ARG 3 
4 1 Y 1 A PRO -3 ? A PRO 4 
5 1 Y 1 A MET -2 ? A MET 5 
6 1 Y 1 A PRO -1 ? A PRO 6 
7 1 Y 1 A LEU 0  ? A LEU 7 
# 
loop_
_chem_comp_atom.comp_id 
_chem_comp_atom.atom_id 
_chem_comp_atom.type_symbol 
_chem_comp_atom.pdbx_aromatic_flag 
_chem_comp_atom.pdbx_stereo_config 
_chem_comp_atom.pdbx_ordinal 
ALA N    N  N N 1   
ALA CA   C  N S 2   
ALA C    C  N N 3   
ALA O    O  N N 4   
ALA CB   C  N N 5   
ALA OXT  O  N N 6   
ALA H    H  N N 7   
ALA H2   H  N N 8   
ALA HA   H  N N 9   
ALA HB1  H  N N 10  
ALA HB2  H  N N 11  
ALA HB3  H  N N 12  
ALA HXT  H  N N 13  
ARG N    N  N N 14  
ARG CA   C  N S 15  
ARG C    C  N N 16  
ARG O    O  N N 17  
ARG CB   C  N N 18  
ARG CG   C  N N 19  
ARG CD   C  N N 20  
ARG NE   N  N N 21  
ARG CZ   C  N N 22  
ARG NH1  N  N N 23  
ARG NH2  N  N N 24  
ARG OXT  O  N N 25  
ARG H    H  N N 26  
ARG H2   H  N N 27  
ARG HA   H  N N 28  
ARG HB2  H  N N 29  
ARG HB3  H  N N 30  
ARG HG2  H  N N 31  
ARG HG3  H  N N 32  
ARG HD2  H  N N 33  
ARG HD3  H  N N 34  
ARG HE   H  N N 35  
ARG HH11 H  N N 36  
ARG HH12 H  N N 37  
ARG HH21 H  N N 38  
ARG HH22 H  N N 39  
ARG HXT  H  N N 40  
ASN N    N  N N 41  
ASN CA   C  N S 42  
ASN C    C  N N 43  
ASN O    O  N N 44  
ASN CB   C  N N 45  
ASN CG   C  N N 46  
ASN OD1  O  N N 47  
ASN ND2  N  N N 48  
ASN OXT  O  N N 49  
ASN H    H  N N 50  
ASN H2   H  N N 51  
ASN HA   H  N N 52  
ASN HB2  H  N N 53  
ASN HB3  H  N N 54  
ASN HD21 H  N N 55  
ASN HD22 H  N N 56  
ASN HXT  H  N N 57  
ASP N    N  N N 58  
ASP CA   C  N S 59  
ASP C    C  N N 60  
ASP O    O  N N 61  
ASP CB   C  N N 62  
ASP CG   C  N N 63  
ASP OD1  O  N N 64  
ASP OD2  O  N N 65  
ASP OXT  O  N N 66  
ASP H    H  N N 67  
ASP H2   H  N N 68  
ASP HA   H  N N 69  
ASP HB2  H  N N 70  
ASP HB3  H  N N 71  
ASP HD2  H  N N 72  
ASP HXT  H  N N 73  
CA  CA   CA N N 74  
CYS N    N  N N 75  
CYS CA   C  N R 76  
CYS C    C  N N 77  
CYS O    O  N N 78  
CYS CB   C  N N 79  
CYS SG   S  N N 80  
CYS OXT  O  N N 81  
CYS H    H  N N 82  
CYS H2   H  N N 83  
CYS HA   H  N N 84  
CYS HB2  H  N N 85  
CYS HB3  H  N N 86  
CYS HG   H  N N 87  
CYS HXT  H  N N 88  
EOH C1   C  N N 89  
EOH C2   C  N N 90  
EOH O    O  N N 91  
EOH H11  H  N N 92  
EOH H12  H  N N 93  
EOH H21  H  N N 94  
EOH H22  H  N N 95  
EOH H23  H  N N 96  
EOH HO   H  N N 97  
GLN N    N  N N 98  
GLN CA   C  N S 99  
GLN C    C  N N 100 
GLN O    O  N N 101 
GLN CB   C  N N 102 
GLN CG   C  N N 103 
GLN CD   C  N N 104 
GLN OE1  O  N N 105 
GLN NE2  N  N N 106 
GLN OXT  O  N N 107 
GLN H    H  N N 108 
GLN H2   H  N N 109 
GLN HA   H  N N 110 
GLN HB2  H  N N 111 
GLN HB3  H  N N 112 
GLN HG2  H  N N 113 
GLN HG3  H  N N 114 
GLN HE21 H  N N 115 
GLN HE22 H  N N 116 
GLN HXT  H  N N 117 
GLU N    N  N N 118 
GLU CA   C  N S 119 
GLU C    C  N N 120 
GLU O    O  N N 121 
GLU CB   C  N N 122 
GLU CG   C  N N 123 
GLU CD   C  N N 124 
GLU OE1  O  N N 125 
GLU OE2  O  N N 126 
GLU OXT  O  N N 127 
GLU H    H  N N 128 
GLU H2   H  N N 129 
GLU HA   H  N N 130 
GLU HB2  H  N N 131 
GLU HB3  H  N N 132 
GLU HG2  H  N N 133 
GLU HG3  H  N N 134 
GLU HE2  H  N N 135 
GLU HXT  H  N N 136 
GLY N    N  N N 137 
GLY CA   C  N N 138 
GLY C    C  N N 139 
GLY O    O  N N 140 
GLY OXT  O  N N 141 
GLY H    H  N N 142 
GLY H2   H  N N 143 
GLY HA2  H  N N 144 
GLY HA3  H  N N 145 
GLY HXT  H  N N 146 
HIS N    N  N N 147 
HIS CA   C  N S 148 
HIS C    C  N N 149 
HIS O    O  N N 150 
HIS CB   C  N N 151 
HIS CG   C  Y N 152 
HIS ND1  N  Y N 153 
HIS CD2  C  Y N 154 
HIS CE1  C  Y N 155 
HIS NE2  N  Y N 156 
HIS OXT  O  N N 157 
HIS H    H  N N 158 
HIS H2   H  N N 159 
HIS HA   H  N N 160 
HIS HB2  H  N N 161 
HIS HB3  H  N N 162 
HIS HD1  H  N N 163 
HIS HD2  H  N N 164 
HIS HE1  H  N N 165 
HIS HE2  H  N N 166 
HIS HXT  H  N N 167 
HOH O    O  N N 168 
HOH H1   H  N N 169 
HOH H2   H  N N 170 
ILE N    N  N N 171 
ILE CA   C  N S 172 
ILE C    C  N N 173 
ILE O    O  N N 174 
ILE CB   C  N S 175 
ILE CG1  C  N N 176 
ILE CG2  C  N N 177 
ILE CD1  C  N N 178 
ILE OXT  O  N N 179 
ILE H    H  N N 180 
ILE H2   H  N N 181 
ILE HA   H  N N 182 
ILE HB   H  N N 183 
ILE HG12 H  N N 184 
ILE HG13 H  N N 185 
ILE HG21 H  N N 186 
ILE HG22 H  N N 187 
ILE HG23 H  N N 188 
ILE HD11 H  N N 189 
ILE HD12 H  N N 190 
ILE HD13 H  N N 191 
ILE HXT  H  N N 192 
LEU N    N  N N 193 
LEU CA   C  N S 194 
LEU C    C  N N 195 
LEU O    O  N N 196 
LEU CB   C  N N 197 
LEU CG   C  N N 198 
LEU CD1  C  N N 199 
LEU CD2  C  N N 200 
LEU OXT  O  N N 201 
LEU H    H  N N 202 
LEU H2   H  N N 203 
LEU HA   H  N N 204 
LEU HB2  H  N N 205 
LEU HB3  H  N N 206 
LEU HG   H  N N 207 
LEU HD11 H  N N 208 
LEU HD12 H  N N 209 
LEU HD13 H  N N 210 
LEU HD21 H  N N 211 
LEU HD22 H  N N 212 
LEU HD23 H  N N 213 
LEU HXT  H  N N 214 
LYS N    N  N N 215 
LYS CA   C  N S 216 
LYS C    C  N N 217 
LYS O    O  N N 218 
LYS CB   C  N N 219 
LYS CG   C  N N 220 
LYS CD   C  N N 221 
LYS CE   C  N N 222 
LYS NZ   N  N N 223 
LYS OXT  O  N N 224 
LYS H    H  N N 225 
LYS H2   H  N N 226 
LYS HA   H  N N 227 
LYS HB2  H  N N 228 
LYS HB3  H  N N 229 
LYS HG2  H  N N 230 
LYS HG3  H  N N 231 
LYS HD2  H  N N 232 
LYS HD3  H  N N 233 
LYS HE2  H  N N 234 
LYS HE3  H  N N 235 
LYS HZ1  H  N N 236 
LYS HZ2  H  N N 237 
LYS HZ3  H  N N 238 
LYS HXT  H  N N 239 
MET N    N  N N 240 
MET CA   C  N S 241 
MET C    C  N N 242 
MET O    O  N N 243 
MET CB   C  N N 244 
MET CG   C  N N 245 
MET SD   S  N N 246 
MET CE   C  N N 247 
MET OXT  O  N N 248 
MET H    H  N N 249 
MET H2   H  N N 250 
MET HA   H  N N 251 
MET HB2  H  N N 252 
MET HB3  H  N N 253 
MET HG2  H  N N 254 
MET HG3  H  N N 255 
MET HE1  H  N N 256 
MET HE2  H  N N 257 
MET HE3  H  N N 258 
MET HXT  H  N N 259 
PHE N    N  N N 260 
PHE CA   C  N S 261 
PHE C    C  N N 262 
PHE O    O  N N 263 
PHE CB   C  N N 264 
PHE CG   C  Y N 265 
PHE CD1  C  Y N 266 
PHE CD2  C  Y N 267 
PHE CE1  C  Y N 268 
PHE CE2  C  Y N 269 
PHE CZ   C  Y N 270 
PHE OXT  O  N N 271 
PHE H    H  N N 272 
PHE H2   H  N N 273 
PHE HA   H  N N 274 
PHE HB2  H  N N 275 
PHE HB3  H  N N 276 
PHE HD1  H  N N 277 
PHE HD2  H  N N 278 
PHE HE1  H  N N 279 
PHE HE2  H  N N 280 
PHE HZ   H  N N 281 
PHE HXT  H  N N 282 
PO4 P    P  N N 283 
PO4 O1   O  N N 284 
PO4 O2   O  N N 285 
PO4 O3   O  N N 286 
PO4 O4   O  N N 287 
PRO N    N  N N 288 
PRO CA   C  N S 289 
PRO C    C  N N 290 
PRO O    O  N N 291 
PRO CB   C  N N 292 
PRO CG   C  N N 293 
PRO CD   C  N N 294 
PRO OXT  O  N N 295 
PRO H    H  N N 296 
PRO HA   H  N N 297 
PRO HB2  H  N N 298 
PRO HB3  H  N N 299 
PRO HG2  H  N N 300 
PRO HG3  H  N N 301 
PRO HD2  H  N N 302 
PRO HD3  H  N N 303 
PRO HXT  H  N N 304 
SER N    N  N N 305 
SER CA   C  N S 306 
SER C    C  N N 307 
SER O    O  N N 308 
SER CB   C  N N 309 
SER OG   O  N N 310 
SER OXT  O  N N 311 
SER H    H  N N 312 
SER H2   H  N N 313 
SER HA   H  N N 314 
SER HB2  H  N N 315 
SER HB3  H  N N 316 
SER HG   H  N N 317 
SER HXT  H  N N 318 
THR N    N  N N 319 
THR CA   C  N S 320 
THR C    C  N N 321 
THR O    O  N N 322 
THR CB   C  N R 323 
THR OG1  O  N N 324 
THR CG2  C  N N 325 
THR OXT  O  N N 326 
THR H    H  N N 327 
THR H2   H  N N 328 
THR HA   H  N N 329 
THR HB   H  N N 330 
THR HG1  H  N N 331 
THR HG21 H  N N 332 
THR HG22 H  N N 333 
THR HG23 H  N N 334 
THR HXT  H  N N 335 
TRP N    N  N N 336 
TRP CA   C  N S 337 
TRP C    C  N N 338 
TRP O    O  N N 339 
TRP CB   C  N N 340 
TRP CG   C  Y N 341 
TRP CD1  C  Y N 342 
TRP CD2  C  Y N 343 
TRP NE1  N  Y N 344 
TRP CE2  C  Y N 345 
TRP CE3  C  Y N 346 
TRP CZ2  C  Y N 347 
TRP CZ3  C  Y N 348 
TRP CH2  C  Y N 349 
TRP OXT  O  N N 350 
TRP H    H  N N 351 
TRP H2   H  N N 352 
TRP HA   H  N N 353 
TRP HB2  H  N N 354 
TRP HB3  H  N N 355 
TRP HD1  H  N N 356 
TRP HE1  H  N N 357 
TRP HE3  H  N N 358 
TRP HZ2  H  N N 359 
TRP HZ3  H  N N 360 
TRP HH2  H  N N 361 
TRP HXT  H  N N 362 
TYR N    N  N N 363 
TYR CA   C  N S 364 
TYR C    C  N N 365 
TYR O    O  N N 366 
TYR CB   C  N N 367 
TYR CG   C  Y N 368 
TYR CD1  C  Y N 369 
TYR CD2  C  Y N 370 
TYR CE1  C  Y N 371 
TYR CE2  C  Y N 372 
TYR CZ   C  Y N 373 
TYR OH   O  N N 374 
TYR OXT  O  N N 375 
TYR H    H  N N 376 
TYR H2   H  N N 377 
TYR HA   H  N N 378 
TYR HB2  H  N N 379 
TYR HB3  H  N N 380 
TYR HD1  H  N N 381 
TYR HD2  H  N N 382 
TYR HE1  H  N N 383 
TYR HE2  H  N N 384 
TYR HH   H  N N 385 
TYR HXT  H  N N 386 
VAL N    N  N N 387 
VAL CA   C  N S 388 
VAL C    C  N N 389 
VAL O    O  N N 390 
VAL CB   C  N N 391 
VAL CG1  C  N N 392 
VAL CG2  C  N N 393 
VAL OXT  O  N N 394 
VAL H    H  N N 395 
VAL H2   H  N N 396 
VAL HA   H  N N 397 
VAL HB   H  N N 398 
VAL HG11 H  N N 399 
VAL HG12 H  N N 400 
VAL HG13 H  N N 401 
VAL HG21 H  N N 402 
VAL HG22 H  N N 403 
VAL HG23 H  N N 404 
VAL HXT  H  N N 405 
# 
loop_
_chem_comp_bond.comp_id 
_chem_comp_bond.atom_id_1 
_chem_comp_bond.atom_id_2 
_chem_comp_bond.value_order 
_chem_comp_bond.pdbx_aromatic_flag 
_chem_comp_bond.pdbx_stereo_config 
_chem_comp_bond.pdbx_ordinal 
ALA N   CA   sing N N 1   
ALA N   H    sing N N 2   
ALA N   H2   sing N N 3   
ALA CA  C    sing N N 4   
ALA CA  CB   sing N N 5   
ALA CA  HA   sing N N 6   
ALA C   O    doub N N 7   
ALA C   OXT  sing N N 8   
ALA CB  HB1  sing N N 9   
ALA CB  HB2  sing N N 10  
ALA CB  HB3  sing N N 11  
ALA OXT HXT  sing N N 12  
ARG N   CA   sing N N 13  
ARG N   H    sing N N 14  
ARG N   H2   sing N N 15  
ARG CA  C    sing N N 16  
ARG CA  CB   sing N N 17  
ARG CA  HA   sing N N 18  
ARG C   O    doub N N 19  
ARG C   OXT  sing N N 20  
ARG CB  CG   sing N N 21  
ARG CB  HB2  sing N N 22  
ARG CB  HB3  sing N N 23  
ARG CG  CD   sing N N 24  
ARG CG  HG2  sing N N 25  
ARG CG  HG3  sing N N 26  
ARG CD  NE   sing N N 27  
ARG CD  HD2  sing N N 28  
ARG CD  HD3  sing N N 29  
ARG NE  CZ   sing N N 30  
ARG NE  HE   sing N N 31  
ARG CZ  NH1  sing N N 32  
ARG CZ  NH2  doub N N 33  
ARG NH1 HH11 sing N N 34  
ARG NH1 HH12 sing N N 35  
ARG NH2 HH21 sing N N 36  
ARG NH2 HH22 sing N N 37  
ARG OXT HXT  sing N N 38  
ASN N   CA   sing N N 39  
ASN N   H    sing N N 40  
ASN N   H2   sing N N 41  
ASN CA  C    sing N N 42  
ASN CA  CB   sing N N 43  
ASN CA  HA   sing N N 44  
ASN C   O    doub N N 45  
ASN C   OXT  sing N N 46  
ASN CB  CG   sing N N 47  
ASN CB  HB2  sing N N 48  
ASN CB  HB3  sing N N 49  
ASN CG  OD1  doub N N 50  
ASN CG  ND2  sing N N 51  
ASN ND2 HD21 sing N N 52  
ASN ND2 HD22 sing N N 53  
ASN OXT HXT  sing N N 54  
ASP N   CA   sing N N 55  
ASP N   H    sing N N 56  
ASP N   H2   sing N N 57  
ASP CA  C    sing N N 58  
ASP CA  CB   sing N N 59  
ASP CA  HA   sing N N 60  
ASP C   O    doub N N 61  
ASP C   OXT  sing N N 62  
ASP CB  CG   sing N N 63  
ASP CB  HB2  sing N N 64  
ASP CB  HB3  sing N N 65  
ASP CG  OD1  doub N N 66  
ASP CG  OD2  sing N N 67  
ASP OD2 HD2  sing N N 68  
ASP OXT HXT  sing N N 69  
CYS N   CA   sing N N 70  
CYS N   H    sing N N 71  
CYS N   H2   sing N N 72  
CYS CA  C    sing N N 73  
CYS CA  CB   sing N N 74  
CYS CA  HA   sing N N 75  
CYS C   O    doub N N 76  
CYS C   OXT  sing N N 77  
CYS CB  SG   sing N N 78  
CYS CB  HB2  sing N N 79  
CYS CB  HB3  sing N N 80  
CYS SG  HG   sing N N 81  
CYS OXT HXT  sing N N 82  
EOH C1  C2   sing N N 83  
EOH C1  O    sing N N 84  
EOH C1  H11  sing N N 85  
EOH C1  H12  sing N N 86  
EOH C2  H21  sing N N 87  
EOH C2  H22  sing N N 88  
EOH C2  H23  sing N N 89  
EOH O   HO   sing N N 90  
GLN N   CA   sing N N 91  
GLN N   H    sing N N 92  
GLN N   H2   sing N N 93  
GLN CA  C    sing N N 94  
GLN CA  CB   sing N N 95  
GLN CA  HA   sing N N 96  
GLN C   O    doub N N 97  
GLN C   OXT  sing N N 98  
GLN CB  CG   sing N N 99  
GLN CB  HB2  sing N N 100 
GLN CB  HB3  sing N N 101 
GLN CG  CD   sing N N 102 
GLN CG  HG2  sing N N 103 
GLN CG  HG3  sing N N 104 
GLN CD  OE1  doub N N 105 
GLN CD  NE2  sing N N 106 
GLN NE2 HE21 sing N N 107 
GLN NE2 HE22 sing N N 108 
GLN OXT HXT  sing N N 109 
GLU N   CA   sing N N 110 
GLU N   H    sing N N 111 
GLU N   H2   sing N N 112 
GLU CA  C    sing N N 113 
GLU CA  CB   sing N N 114 
GLU CA  HA   sing N N 115 
GLU C   O    doub N N 116 
GLU C   OXT  sing N N 117 
GLU CB  CG   sing N N 118 
GLU CB  HB2  sing N N 119 
GLU CB  HB3  sing N N 120 
GLU CG  CD   sing N N 121 
GLU CG  HG2  sing N N 122 
GLU CG  HG3  sing N N 123 
GLU CD  OE1  doub N N 124 
GLU CD  OE2  sing N N 125 
GLU OE2 HE2  sing N N 126 
GLU OXT HXT  sing N N 127 
GLY N   CA   sing N N 128 
GLY N   H    sing N N 129 
GLY N   H2   sing N N 130 
GLY CA  C    sing N N 131 
GLY CA  HA2  sing N N 132 
GLY CA  HA3  sing N N 133 
GLY C   O    doub N N 134 
GLY C   OXT  sing N N 135 
GLY OXT HXT  sing N N 136 
HIS N   CA   sing N N 137 
HIS N   H    sing N N 138 
HIS N   H2   sing N N 139 
HIS CA  C    sing N N 140 
HIS CA  CB   sing N N 141 
HIS CA  HA   sing N N 142 
HIS C   O    doub N N 143 
HIS C   OXT  sing N N 144 
HIS CB  CG   sing N N 145 
HIS CB  HB2  sing N N 146 
HIS CB  HB3  sing N N 147 
HIS CG  ND1  sing Y N 148 
HIS CG  CD2  doub Y N 149 
HIS ND1 CE1  doub Y N 150 
HIS ND1 HD1  sing N N 151 
HIS CD2 NE2  sing Y N 152 
HIS CD2 HD2  sing N N 153 
HIS CE1 NE2  sing Y N 154 
HIS CE1 HE1  sing N N 155 
HIS NE2 HE2  sing N N 156 
HIS OXT HXT  sing N N 157 
HOH O   H1   sing N N 158 
HOH O   H2   sing N N 159 
ILE N   CA   sing N N 160 
ILE N   H    sing N N 161 
ILE N   H2   sing N N 162 
ILE CA  C    sing N N 163 
ILE CA  CB   sing N N 164 
ILE CA  HA   sing N N 165 
ILE C   O    doub N N 166 
ILE C   OXT  sing N N 167 
ILE CB  CG1  sing N N 168 
ILE CB  CG2  sing N N 169 
ILE CB  HB   sing N N 170 
ILE CG1 CD1  sing N N 171 
ILE CG1 HG12 sing N N 172 
ILE CG1 HG13 sing N N 173 
ILE CG2 HG21 sing N N 174 
ILE CG2 HG22 sing N N 175 
ILE CG2 HG23 sing N N 176 
ILE CD1 HD11 sing N N 177 
ILE CD1 HD12 sing N N 178 
ILE CD1 HD13 sing N N 179 
ILE OXT HXT  sing N N 180 
LEU N   CA   sing N N 181 
LEU N   H    sing N N 182 
LEU N   H2   sing N N 183 
LEU CA  C    sing N N 184 
LEU CA  CB   sing N N 185 
LEU CA  HA   sing N N 186 
LEU C   O    doub N N 187 
LEU C   OXT  sing N N 188 
LEU CB  CG   sing N N 189 
LEU CB  HB2  sing N N 190 
LEU CB  HB3  sing N N 191 
LEU CG  CD1  sing N N 192 
LEU CG  CD2  sing N N 193 
LEU CG  HG   sing N N 194 
LEU CD1 HD11 sing N N 195 
LEU CD1 HD12 sing N N 196 
LEU CD1 HD13 sing N N 197 
LEU CD2 HD21 sing N N 198 
LEU CD2 HD22 sing N N 199 
LEU CD2 HD23 sing N N 200 
LEU OXT HXT  sing N N 201 
LYS N   CA   sing N N 202 
LYS N   H    sing N N 203 
LYS N   H2   sing N N 204 
LYS CA  C    sing N N 205 
LYS CA  CB   sing N N 206 
LYS CA  HA   sing N N 207 
LYS C   O    doub N N 208 
LYS C   OXT  sing N N 209 
LYS CB  CG   sing N N 210 
LYS CB  HB2  sing N N 211 
LYS CB  HB3  sing N N 212 
LYS CG  CD   sing N N 213 
LYS CG  HG2  sing N N 214 
LYS CG  HG3  sing N N 215 
LYS CD  CE   sing N N 216 
LYS CD  HD2  sing N N 217 
LYS CD  HD3  sing N N 218 
LYS CE  NZ   sing N N 219 
LYS CE  HE2  sing N N 220 
LYS CE  HE3  sing N N 221 
LYS NZ  HZ1  sing N N 222 
LYS NZ  HZ2  sing N N 223 
LYS NZ  HZ3  sing N N 224 
LYS OXT HXT  sing N N 225 
MET N   CA   sing N N 226 
MET N   H    sing N N 227 
MET N   H2   sing N N 228 
MET CA  C    sing N N 229 
MET CA  CB   sing N N 230 
MET CA  HA   sing N N 231 
MET C   O    doub N N 232 
MET C   OXT  sing N N 233 
MET CB  CG   sing N N 234 
MET CB  HB2  sing N N 235 
MET CB  HB3  sing N N 236 
MET CG  SD   sing N N 237 
MET CG  HG2  sing N N 238 
MET CG  HG3  sing N N 239 
MET SD  CE   sing N N 240 
MET CE  HE1  sing N N 241 
MET CE  HE2  sing N N 242 
MET CE  HE3  sing N N 243 
MET OXT HXT  sing N N 244 
PHE N   CA   sing N N 245 
PHE N   H    sing N N 246 
PHE N   H2   sing N N 247 
PHE CA  C    sing N N 248 
PHE CA  CB   sing N N 249 
PHE CA  HA   sing N N 250 
PHE C   O    doub N N 251 
PHE C   OXT  sing N N 252 
PHE CB  CG   sing N N 253 
PHE CB  HB2  sing N N 254 
PHE CB  HB3  sing N N 255 
PHE CG  CD1  doub Y N 256 
PHE CG  CD2  sing Y N 257 
PHE CD1 CE1  sing Y N 258 
PHE CD1 HD1  sing N N 259 
PHE CD2 CE2  doub Y N 260 
PHE CD2 HD2  sing N N 261 
PHE CE1 CZ   doub Y N 262 
PHE CE1 HE1  sing N N 263 
PHE CE2 CZ   sing Y N 264 
PHE CE2 HE2  sing N N 265 
PHE CZ  HZ   sing N N 266 
PHE OXT HXT  sing N N 267 
PO4 P   O1   doub N N 268 
PO4 P   O2   sing N N 269 
PO4 P   O3   sing N N 270 
PO4 P   O4   sing N N 271 
PRO N   CA   sing N N 272 
PRO N   CD   sing N N 273 
PRO N   H    sing N N 274 
PRO CA  C    sing N N 275 
PRO CA  CB   sing N N 276 
PRO CA  HA   sing N N 277 
PRO C   O    doub N N 278 
PRO C   OXT  sing N N 279 
PRO CB  CG   sing N N 280 
PRO CB  HB2  sing N N 281 
PRO CB  HB3  sing N N 282 
PRO CG  CD   sing N N 283 
PRO CG  HG2  sing N N 284 
PRO CG  HG3  sing N N 285 
PRO CD  HD2  sing N N 286 
PRO CD  HD3  sing N N 287 
PRO OXT HXT  sing N N 288 
SER N   CA   sing N N 289 
SER N   H    sing N N 290 
SER N   H2   sing N N 291 
SER CA  C    sing N N 292 
SER CA  CB   sing N N 293 
SER CA  HA   sing N N 294 
SER C   O    doub N N 295 
SER C   OXT  sing N N 296 
SER CB  OG   sing N N 297 
SER CB  HB2  sing N N 298 
SER CB  HB3  sing N N 299 
SER OG  HG   sing N N 300 
SER OXT HXT  sing N N 301 
THR N   CA   sing N N 302 
THR N   H    sing N N 303 
THR N   H2   sing N N 304 
THR CA  C    sing N N 305 
THR CA  CB   sing N N 306 
THR CA  HA   sing N N 307 
THR C   O    doub N N 308 
THR C   OXT  sing N N 309 
THR CB  OG1  sing N N 310 
THR CB  CG2  sing N N 311 
THR CB  HB   sing N N 312 
THR OG1 HG1  sing N N 313 
THR CG2 HG21 sing N N 314 
THR CG2 HG22 sing N N 315 
THR CG2 HG23 sing N N 316 
THR OXT HXT  sing N N 317 
TRP N   CA   sing N N 318 
TRP N   H    sing N N 319 
TRP N   H2   sing N N 320 
TRP CA  C    sing N N 321 
TRP CA  CB   sing N N 322 
TRP CA  HA   sing N N 323 
TRP C   O    doub N N 324 
TRP C   OXT  sing N N 325 
TRP CB  CG   sing N N 326 
TRP CB  HB2  sing N N 327 
TRP CB  HB3  sing N N 328 
TRP CG  CD1  doub Y N 329 
TRP CG  CD2  sing Y N 330 
TRP CD1 NE1  sing Y N 331 
TRP CD1 HD1  sing N N 332 
TRP CD2 CE2  doub Y N 333 
TRP CD2 CE3  sing Y N 334 
TRP NE1 CE2  sing Y N 335 
TRP NE1 HE1  sing N N 336 
TRP CE2 CZ2  sing Y N 337 
TRP CE3 CZ3  doub Y N 338 
TRP CE3 HE3  sing N N 339 
TRP CZ2 CH2  doub Y N 340 
TRP CZ2 HZ2  sing N N 341 
TRP CZ3 CH2  sing Y N 342 
TRP CZ3 HZ3  sing N N 343 
TRP CH2 HH2  sing N N 344 
TRP OXT HXT  sing N N 345 
TYR N   CA   sing N N 346 
TYR N   H    sing N N 347 
TYR N   H2   sing N N 348 
TYR CA  C    sing N N 349 
TYR CA  CB   sing N N 350 
TYR CA  HA   sing N N 351 
TYR C   O    doub N N 352 
TYR C   OXT  sing N N 353 
TYR CB  CG   sing N N 354 
TYR CB  HB2  sing N N 355 
TYR CB  HB3  sing N N 356 
TYR CG  CD1  doub Y N 357 
TYR CG  CD2  sing Y N 358 
TYR CD1 CE1  sing Y N 359 
TYR CD1 HD1  sing N N 360 
TYR CD2 CE2  doub Y N 361 
TYR CD2 HD2  sing N N 362 
TYR CE1 CZ   doub Y N 363 
TYR CE1 HE1  sing N N 364 
TYR CE2 CZ   sing Y N 365 
TYR CE2 HE2  sing N N 366 
TYR CZ  OH   sing N N 367 
TYR OH  HH   sing N N 368 
TYR OXT HXT  sing N N 369 
VAL N   CA   sing N N 370 
VAL N   H    sing N N 371 
VAL N   H2   sing N N 372 
VAL CA  C    sing N N 373 
VAL CA  CB   sing N N 374 
VAL CA  HA   sing N N 375 
VAL C   O    doub N N 376 
VAL C   OXT  sing N N 377 
VAL CB  CG1  sing N N 378 
VAL CB  CG2  sing N N 379 
VAL CB  HB   sing N N 380 
VAL CG1 HG11 sing N N 381 
VAL CG1 HG12 sing N N 382 
VAL CG1 HG13 sing N N 383 
VAL CG2 HG21 sing N N 384 
VAL CG2 HG22 sing N N 385 
VAL CG2 HG23 sing N N 386 
VAL OXT HXT  sing N N 387 
# 
_atom_sites.entry_id                    1YXH 
_atom_sites.fract_transf_matrix[1][1]   -0.01627568 
_atom_sites.fract_transf_matrix[1][2]   -0.01668854 
_atom_sites.fract_transf_matrix[1][3]   0.00143213 
_atom_sites.fract_transf_matrix[2][1]   0.00424510 
_atom_sites.fract_transf_matrix[2][2]   -0.00217813 
_atom_sites.fract_transf_matrix[2][3]   0.02286243 
_atom_sites.fract_transf_matrix[3][1]   -0.01051270 
_atom_sites.fract_transf_matrix[3][2]   0.01050604 
_atom_sites.fract_transf_matrix[3][3]   0.00295292 
_atom_sites.fract_transf_vector[1]      0.729619 
_atom_sites.fract_transf_vector[2]      0.033326 
_atom_sites.fract_transf_vector[3]      0.000941 
# 
loop_
_atom_type.symbol 
C  
CA 
N  
O  
P  
S  
# 
loop_
_atom_site.group_PDB 
_atom_site.id 
_atom_site.type_symbol 
_atom_site.label_atom_id 
_atom_site.label_alt_id 
_atom_site.label_comp_id 
_atom_site.label_asym_id 
_atom_site.label_entity_id 
_atom_site.label_seq_id 
_atom_site.pdbx_PDB_ins_code 
_atom_site.Cartn_x 
_atom_site.Cartn_y 
_atom_site.Cartn_z 
_atom_site.occupancy 
_atom_site.B_iso_or_equiv 
_atom_site.pdbx_formal_charge 
_atom_site.auth_seq_id 
_atom_site.auth_comp_id 
_atom_site.auth_asym_id 
_atom_site.auth_atom_id 
_atom_site.pdbx_PDB_model_num 
ATOM   1    N  N   . ASN A 1 8   ? 8.127   -5.235  -4.619  1.00 17.68 ? 1    ASN A N   1 
ATOM   2    C  CA  . ASN A 1 8   ? 8.201   -5.953  -3.313  1.00 17.96 ? 1    ASN A CA  1 
ATOM   3    C  C   . ASN A 1 8   ? 8.009   -4.979  -2.150  1.00 18.19 ? 1    ASN A C   1 
ATOM   4    O  O   . ASN A 1 8   ? 8.100   -3.766  -2.341  1.00 17.90 ? 1    ASN A O   1 
ATOM   5    C  CB  . ASN A 1 8   ? 9.510   -6.748  -3.193  1.00 18.28 ? 1    ASN A CB  1 
ATOM   6    C  CG  . ASN A 1 8   ? 10.741  -5.857  -3.179  1.00 18.91 ? 1    ASN A CG  1 
ATOM   7    O  OD1 . ASN A 1 8   ? 10.783  -4.852  -2.478  1.00 18.29 ? 1    ASN A OD1 1 
ATOM   8    N  ND2 . ASN A 1 8   ? 11.758  -6.235  -3.954  1.00 20.65 ? 1    ASN A ND2 1 
ATOM   9    N  N   . ILE A 1 9   ? 7.740   -5.508  -0.958  1.00 18.22 ? 2    ILE A N   1 
ATOM   10   C  CA  . ILE A 1 9   ? 7.481   -4.681  0.223   1.00 18.81 ? 2    ILE A CA  1 
ATOM   11   C  C   . ILE A 1 9   ? 8.558   -3.632  0.523   1.00 18.47 ? 2    ILE A C   1 
ATOM   12   O  O   . ILE A 1 9   ? 8.240   -2.544  0.995   1.00 18.51 ? 2    ILE A O   1 
ATOM   13   C  CB  . ILE A 1 9   ? 7.236   -5.560  1.471   1.00 18.77 ? 2    ILE A CB  1 
ATOM   14   C  CG1 . ILE A 1 9   ? 5.955   -6.380  1.302   1.00 20.19 ? 2    ILE A CG1 1 
ATOM   15   C  CG2 . ILE A 1 9   ? 7.138   -4.697  2.714   1.00 20.72 ? 2    ILE A CG2 1 
ATOM   16   C  CD1 . ILE A 1 9   ? 5.547   -7.148  2.556   1.00 20.91 ? 2    ILE A CD1 1 
ATOM   17   N  N   . TYR A 1 10  ? 9.821   -3.959  0.263   1.00 18.45 ? 3    TYR A N   1 
ATOM   18   C  CA  . TYR A 1 10  ? 10.908  -2.998  0.467   1.00 18.39 ? 3    TYR A CA  1 
ATOM   19   C  C   . TYR A 1 10  ? 10.717  -1.784  -0.442  1.00 17.71 ? 3    TYR A C   1 
ATOM   20   O  O   . TYR A 1 10  ? 10.897  -0.637  -0.018  1.00 17.76 ? 3    TYR A O   1 
ATOM   21   C  CB  . TYR A 1 10  ? 12.266  -3.658  0.200   1.00 18.60 ? 3    TYR A CB  1 
ATOM   22   C  CG  . TYR A 1 10  ? 13.443  -2.705  0.184   1.00 20.00 ? 3    TYR A CG  1 
ATOM   23   C  CD1 . TYR A 1 10  ? 13.967  -2.191  1.365   1.00 21.18 ? 3    TYR A CD1 1 
ATOM   24   C  CD2 . TYR A 1 10  ? 14.039  -2.330  -1.014  1.00 20.97 ? 3    TYR A CD2 1 
ATOM   25   C  CE1 . TYR A 1 10  ? 15.050  -1.321  1.351   1.00 22.07 ? 3    TYR A CE1 1 
ATOM   26   C  CE2 . TYR A 1 10  ? 15.119  -1.465  -1.039  1.00 21.50 ? 3    TYR A CE2 1 
ATOM   27   C  CZ  . TYR A 1 10  ? 15.622  -0.964  0.146   1.00 22.62 ? 3    TYR A CZ  1 
ATOM   28   O  OH  . TYR A 1 10  ? 16.695  -0.098  0.118   1.00 22.90 ? 3    TYR A OH  1 
ATOM   29   N  N   . GLN A 1 11  ? 10.343  -2.036  -1.692  1.00 17.21 ? 4    GLN A N   1 
ATOM   30   C  CA  . GLN A 1 11  ? 10.125  -0.956  -2.648  1.00 16.86 ? 4    GLN A CA  1 
ATOM   31   C  C   . GLN A 1 11  ? 8.890   -0.145  -2.281  1.00 16.72 ? 4    GLN A C   1 
ATOM   32   O  O   . GLN A 1 11  ? 8.884   1.072   -2.417  1.00 16.52 ? 4    GLN A O   1 
ATOM   33   C  CB  . GLN A 1 11  ? 10.007  -1.500  -4.078  1.00 16.77 ? 4    GLN A CB  1 
ATOM   34   C  CG  . GLN A 1 11  ? 11.240  -2.256  -4.540  1.00 16.17 ? 4    GLN A CG  1 
ATOM   35   C  CD  . GLN A 1 11  ? 11.047  -2.914  -5.885  1.00 16.05 ? 4    GLN A CD  1 
ATOM   36   O  OE1 . GLN A 1 11  ? 10.156  -3.753  -6.046  1.00 15.70 ? 4    GLN A OE1 1 
ATOM   37   N  NE2 . GLN A 1 11  ? 11.883  -2.545  -6.857  1.00 17.08 ? 4    GLN A NE2 1 
ATOM   38   N  N   . PHE A 1 12  ? 7.849   -0.826  -1.809  1.00 16.82 ? 5    PHE A N   1 
ATOM   39   C  CA  . PHE A 1 12  ? 6.627   -0.149  -1.375  1.00 17.35 ? 5    PHE A CA  1 
ATOM   40   C  C   . PHE A 1 12  ? 6.988   0.798   -0.228  1.00 17.58 ? 5    PHE A C   1 
ATOM   41   O  O   . PHE A 1 12  ? 6.566   1.960   -0.202  1.00 17.82 ? 5    PHE A O   1 
ATOM   42   C  CB  . PHE A 1 12  ? 5.579   -1.178  -0.934  1.00 16.98 ? 5    PHE A CB  1 
ATOM   43   C  CG  . PHE A 1 12  ? 4.231   -0.585  -0.576  1.00 18.13 ? 5    PHE A CG  1 
ATOM   44   C  CD1 . PHE A 1 12  ? 3.733   0.518   -1.249  1.00 18.50 ? 5    PHE A CD1 1 
ATOM   45   C  CD2 . PHE A 1 12  ? 3.460   -1.153  0.430   1.00 18.97 ? 5    PHE A CD2 1 
ATOM   46   C  CE1 . PHE A 1 12  ? 2.493   1.060   -0.921  1.00 19.12 ? 5    PHE A CE1 1 
ATOM   47   C  CE2 . PHE A 1 12  ? 2.217   -0.624  0.767   1.00 19.83 ? 5    PHE A CE2 1 
ATOM   48   C  CZ  . PHE A 1 12  ? 1.731   0.484   0.088   1.00 20.08 ? 5    PHE A CZ  1 
ATOM   49   N  N   . LYS A 1 13  ? 7.789   0.304   0.711   1.00 17.90 ? 6    LYS A N   1 
ATOM   50   C  CA  . LYS A 1 13  ? 8.229   1.124   1.831   1.00 18.63 ? 6    LYS A CA  1 
ATOM   51   C  C   . LYS A 1 13  ? 8.915   2.391   1.330   1.00 18.49 ? 6    LYS A C   1 
ATOM   52   O  O   . LYS A 1 13  ? 8.682   3.484   1.850   1.00 18.39 ? 6    LYS A O   1 
ATOM   53   C  CB  . LYS A 1 13  ? 9.185   0.342   2.739   1.00 18.82 ? 6    LYS A CB  1 
ATOM   54   C  CG  . LYS A 1 13  ? 9.620   1.133   3.964   1.00 21.69 ? 6    LYS A CG  1 
ATOM   55   C  CD  . LYS A 1 13  ? 10.670  0.393   4.771   1.00 25.15 ? 6    LYS A CD  1 
ATOM   56   C  CE  . LYS A 1 13  ? 12.013  0.415   4.078   1.00 27.27 ? 6    LYS A CE  1 
ATOM   57   N  NZ  . LYS A 1 13  ? 13.129  0.161   5.040   1.00 29.93 ? 6    LYS A NZ  1 
ATOM   58   N  N   . ASN A 1 14  ? 9.759   2.243   0.312   1.00 18.41 ? 7    ASN A N   1 
ATOM   59   C  CA  . ASN A 1 14  ? 10.474  3.383   -0.253  1.00 18.58 ? 7    ASN A CA  1 
ATOM   60   C  C   . ASN A 1 14  ? 9.563   4.371   -0.965  1.00 18.71 ? 7    ASN A C   1 
ATOM   61   O  O   . ASN A 1 14  ? 9.809   5.580   -0.924  1.00 18.46 ? 7    ASN A O   1 
ATOM   62   C  CB  . ASN A 1 14  ? 11.620  2.932   -1.164  1.00 18.55 ? 7    ASN A CB  1 
ATOM   63   C  CG  . ASN A 1 14  ? 12.900  2.657   -0.392  1.00 19.16 ? 7    ASN A CG  1 
ATOM   64   O  OD1 . ASN A 1 14  ? 13.744  3.538   -0.240  1.00 19.29 ? 7    ASN A OD1 1 
ATOM   65   N  ND2 . ASN A 1 14  ? 13.042  1.434   0.112   1.00 19.43 ? 7    ASN A ND2 1 
ATOM   66   N  N   . MET A 1 15  ? 8.523   3.859   -1.622  1.00 18.70 ? 8    MET A N   1 
ATOM   67   C  CA  . MET A 1 15  ? 7.532   4.717   -2.260  1.00 19.25 ? 8    MET A CA  1 
ATOM   68   C  C   . MET A 1 15  ? 6.884   5.606   -1.201  1.00 20.08 ? 8    MET A C   1 
ATOM   69   O  O   . MET A 1 15  ? 6.722   6.808   -1.404  1.00 20.25 ? 8    MET A O   1 
ATOM   70   C  CB  . MET A 1 15  ? 6.444   3.887   -2.937  1.00 19.18 ? 8    MET A CB  1 
ATOM   71   C  CG  . MET A 1 15  ? 6.823   3.295   -4.284  1.00 18.47 ? 8    MET A CG  1 
ATOM   72   S  SD  . MET A 1 15  ? 5.342   2.727   -5.123  1.00 17.09 ? 8    MET A SD  1 
ATOM   73   C  CE  . MET A 1 15  ? 6.036   1.968   -6.578  1.00 16.98 ? 8    MET A CE  1 
ATOM   74   N  N   . ILE A 1 16  ? 6.503   4.999   -0.079  1.00 20.89 ? 9    ILE A N   1 
ATOM   75   C  CA  . ILE A 1 16  ? 5.876   5.728   1.019   1.00 22.15 ? 9    ILE A CA  1 
ATOM   76   C  C   . ILE A 1 16  ? 6.819   6.812   1.532   1.00 23.13 ? 9    ILE A C   1 
ATOM   77   O  O   . ILE A 1 16  ? 6.398   7.938   1.782   1.00 23.36 ? 9    ILE A O   1 
ATOM   78   C  CB  . ILE A 1 16  ? 5.491   4.765   2.159   1.00 22.11 ? 9    ILE A CB  1 
ATOM   79   C  CG1 . ILE A 1 16  ? 4.482   3.730   1.657   1.00 22.25 ? 9    ILE A CG1 1 
ATOM   80   C  CG2 . ILE A 1 16  ? 4.908   5.532   3.357   1.00 21.98 ? 9    ILE A CG2 1 
ATOM   81   C  CD1 . ILE A 1 16  ? 4.282   2.556   2.613   1.00 23.04 ? 9    ILE A CD1 1 
ATOM   82   N  N   . GLN A 1 17  ? 8.093   6.468   1.680   1.00 24.48 ? 10   GLN A N   1 
ATOM   83   C  CA  . GLN A 1 17  ? 9.090   7.434   2.128   1.00 26.17 ? 10   GLN A CA  1 
ATOM   84   C  C   . GLN A 1 17  ? 9.194   8.574   1.115   1.00 26.92 ? 10   GLN A C   1 
ATOM   85   O  O   . GLN A 1 17  ? 9.420   9.729   1.490   1.00 26.94 ? 10   GLN A O   1 
ATOM   86   C  CB  . GLN A 1 17  ? 10.450  6.764   2.340   1.00 26.26 ? 10   GLN A CB  1 
ATOM   87   C  CG  . GLN A 1 17  ? 10.459  5.739   3.458   1.00 27.99 ? 10   GLN A CG  1 
ATOM   88   C  CD  . GLN A 1 17  ? 11.805  5.065   3.633   1.00 29.92 ? 10   GLN A CD  1 
ATOM   89   O  OE1 . GLN A 1 17  ? 12.601  4.989   2.694   1.00 30.94 ? 10   GLN A OE1 1 
ATOM   90   N  NE2 . GLN A 1 17  ? 12.064  4.570   4.838   1.00 31.27 ? 10   GLN A NE2 1 
ATOM   91   N  N   . CYS A 1 18  ? 8.999   8.227   -0.156  1.00 27.95 ? 11   CYS A N   1 
ATOM   92   C  CA  . CYS A 1 18  ? 9.035   9.154   -1.288  1.00 29.50 ? 11   CYS A CA  1 
ATOM   93   C  C   . CYS A 1 18  ? 7.890   10.159  -1.234  1.00 29.75 ? 11   CYS A C   1 
ATOM   94   O  O   . CYS A 1 18  ? 8.098   11.358  -1.419  1.00 29.92 ? 11   CYS A O   1 
ATOM   95   C  CB  . CYS A 1 18  ? 8.952   8.361   -2.610  1.00 29.52 ? 11   CYS A CB  1 
ATOM   96   S  SG  . CYS A 1 18  ? 9.078   9.288   -4.171  1.00 32.53 ? 11   CYS A SG  1 
ATOM   97   N  N   . THR A 1 19  ? 6.686   9.669   -0.959  1.00 30.18 ? 12   THR A N   1 
ATOM   98   C  CA  . THR A 1 19  ? 5.500   10.518  -1.008  1.00 30.73 ? 12   THR A CA  1 
ATOM   99   C  C   . THR A 1 19  ? 5.102   11.135  0.321   1.00 31.02 ? 12   THR A C   1 
ATOM   100  O  O   . THR A 1 19  ? 4.468   12.186  0.348   1.00 30.88 ? 12   THR A O   1 
ATOM   101  C  CB  . THR A 1 19  ? 4.312   9.743   -1.600  1.00 30.63 ? 12   THR A CB  1 
ATOM   102  O  OG1 . THR A 1 19  ? 4.034   8.597   -0.786  1.00 31.02 ? 12   THR A OG1 1 
ATOM   103  C  CG2 . THR A 1 19  ? 4.689   9.143   -2.942  1.00 30.78 ? 12   THR A CG2 1 
ATOM   104  N  N   . VAL A 1 20  ? 5.468   10.481  1.420   1.00 31.62 ? 13   VAL A N   1 
ATOM   105  C  CA  . VAL A 1 20  ? 5.144   10.986  2.751   1.00 32.32 ? 13   VAL A CA  1 
ATOM   106  C  C   . VAL A 1 20  ? 6.403   11.106  3.613   1.00 33.06 ? 13   VAL A C   1 
ATOM   107  O  O   . VAL A 1 20  ? 6.592   10.350  4.567   1.00 33.06 ? 13   VAL A O   1 
ATOM   108  C  CB  . VAL A 1 20  ? 4.108   10.086  3.463   1.00 32.36 ? 13   VAL A CB  1 
ATOM   109  C  CG1 . VAL A 1 20  ? 3.622   10.740  4.749   1.00 32.29 ? 13   VAL A CG1 1 
ATOM   110  C  CG2 . VAL A 1 20  ? 2.930   9.790   2.545   1.00 32.11 ? 13   VAL A CG2 1 
ATOM   111  N  N   . PRO A 1 21  ? 7.265   12.057  3.268   1.00 33.85 ? 14   PRO A N   1 
ATOM   112  C  CA  . PRO A 1 21  ? 8.517   12.285  4.000   1.00 34.52 ? 14   PRO A CA  1 
ATOM   113  C  C   . PRO A 1 21  ? 8.300   12.726  5.449   1.00 35.10 ? 14   PRO A C   1 
ATOM   114  O  O   . PRO A 1 21  ? 9.128   12.416  6.308   1.00 35.39 ? 14   PRO A O   1 
ATOM   115  C  CB  . PRO A 1 21  ? 9.173   13.439  3.228   1.00 34.63 ? 14   PRO A CB  1 
ATOM   116  C  CG  . PRO A 1 21  ? 8.479   13.508  1.922   1.00 34.39 ? 14   PRO A CG  1 
ATOM   117  C  CD  . PRO A 1 21  ? 7.099   12.989  2.139   1.00 34.03 ? 14   PRO A CD  1 
ATOM   118  N  N   . SER A 1 22  ? 7.186   13.419  5.708   1.00 35.57 ? 15   SER A N   1 
ATOM   119  C  CA  . SER A 1 22  ? 6.909   13.930  7.031   1.00 36.01 ? 15   SER A CA  1 
ATOM   120  C  C   . SER A 1 22  ? 6.486   12.825  8.057   1.00 36.15 ? 15   SER A C   1 
ATOM   121  O  O   . SER A 1 22  ? 6.174   13.172  9.204   1.00 36.46 ? 15   SER A O   1 
ATOM   122  C  CB  . SER A 1 22  ? 5.845   15.022  6.945   1.00 36.09 ? 15   SER A CB  1 
ATOM   123  O  OG  . SER A 1 22  ? 4.576   14.464  6.655   1.00 36.79 ? 15   SER A OG  1 
ATOM   124  N  N   . ARG A 1 23  ? 6.468   11.504  7.697   1.00 42.63 ? 17   ARG A N   1 
ATOM   125  C  CA  . ARG A 1 23  ? 6.074   10.425  8.604   1.00 42.53 ? 17   ARG A CA  1 
ATOM   126  C  C   . ARG A 1 23  ? 6.888   9.157   8.436   1.00 42.30 ? 17   ARG A C   1 
ATOM   127  O  O   . ARG A 1 23  ? 7.305   8.816   7.331   1.00 42.37 ? 17   ARG A O   1 
ATOM   128  C  CB  . ARG A 1 23  ? 4.597   10.038  8.370   1.00 42.64 ? 17   ARG A CB  1 
ATOM   129  C  CG  . ARG A 1 23  ? 3.581   10.919  9.083   1.00 43.10 ? 17   ARG A CG  1 
ATOM   130  C  CD  . ARG A 1 23  ? 2.169   10.328  9.009   1.00 44.08 ? 17   ARG A CD  1 
ATOM   131  N  NE  . ARG A 1 23  ? 1.211   11.123  9.770   1.00 44.74 ? 17   ARG A NE  1 
ATOM   132  C  CZ  . ARG A 1 23  ? 1.082   11.075  11.088  1.00 45.09 ? 17   ARG A CZ  1 
ATOM   133  N  NH1 . ARG A 1 23  ? 1.854   10.270  11.805  1.00 45.02 ? 17   ARG A NH1 1 
ATOM   134  N  NH2 . ARG A 1 23  ? 0.178   11.835  11.693  1.00 45.76 ? 17   ARG A NH2 1 
ATOM   135  N  N   . SER A 1 24  ? 7.114   8.452   9.536   1.00 41.95 ? 18   SER A N   1 
ATOM   136  C  CA  . SER A 1 24  ? 7.806   7.183   9.462   1.00 41.59 ? 18   SER A CA  1 
ATOM   137  C  C   . SER A 1 24  ? 6.827   6.225   8.814   1.00 41.16 ? 18   SER A C   1 
ATOM   138  O  O   . SER A 1 24  ? 5.627   6.282   9.085   1.00 41.17 ? 18   SER A O   1 
ATOM   139  C  CB  . SER A 1 24  ? 8.189   6.685   10.854  1.00 41.70 ? 18   SER A CB  1 
ATOM   140  O  OG  . SER A 1 24  ? 8.731   5.376   10.784  1.00 42.28 ? 18   SER A OG  1 
ATOM   141  N  N   . TRP A 1 25  ? 7.327   5.364   7.937   1.00 40.54 ? 19   TRP A N   1 
ATOM   142  C  CA  . TRP A 1 25  ? 6.473   4.413   7.241   1.00 39.93 ? 19   TRP A CA  1 
ATOM   143  C  C   . TRP A 1 25  ? 5.798   3.461   8.218   1.00 39.18 ? 19   TRP A C   1 
ATOM   144  O  O   . TRP A 1 25  ? 4.734   2.918   7.923   1.00 39.17 ? 19   TRP A O   1 
ATOM   145  C  CB  . TRP A 1 25  ? 7.287   3.619   6.225   1.00 40.15 ? 19   TRP A CB  1 
ATOM   146  C  CG  . TRP A 1 25  ? 8.305   2.733   6.860   1.00 41.19 ? 19   TRP A CG  1 
ATOM   147  C  CD1 . TRP A 1 25  ? 9.560   3.085   7.273   1.00 41.92 ? 19   TRP A CD1 1 
ATOM   148  C  CD2 . TRP A 1 25  ? 8.160   1.344   7.164   1.00 42.02 ? 19   TRP A CD2 1 
ATOM   149  N  NE1 . TRP A 1 25  ? 10.201  1.996   7.812   1.00 42.47 ? 19   TRP A NE1 1 
ATOM   150  C  CE2 . TRP A 1 25  ? 9.362   0.913   7.758   1.00 42.45 ? 19   TRP A CE2 1 
ATOM   151  C  CE3 . TRP A 1 25  ? 7.129   0.413   6.993   1.00 42.55 ? 19   TRP A CE3 1 
ATOM   152  C  CZ2 . TRP A 1 25  ? 9.563   -0.399  8.175   1.00 42.92 ? 19   TRP A CZ2 1 
ATOM   153  C  CZ3 . TRP A 1 25  ? 7.332   -0.889  7.410   1.00 43.22 ? 19   TRP A CZ3 1 
ATOM   154  C  CH2 . TRP A 1 25  ? 8.538   -1.283  7.993   1.00 43.26 ? 19   TRP A CH2 1 
ATOM   155  N  N   . TRP A 1 26  ? 6.420   3.253   9.375   1.00 38.22 ? 20   TRP A N   1 
ATOM   156  C  CA  . TRP A 1 26  ? 5.863   2.370   10.398  1.00 37.37 ? 20   TRP A CA  1 
ATOM   157  C  C   . TRP A 1 26  ? 4.458   2.797   10.798  1.00 36.05 ? 20   TRP A C   1 
ATOM   158  O  O   . TRP A 1 26  ? 3.656   1.977   11.246  1.00 35.92 ? 20   TRP A O   1 
ATOM   159  C  CB  . TRP A 1 26  ? 6.749   2.364   11.643  1.00 37.87 ? 20   TRP A CB  1 
ATOM   160  C  CG  . TRP A 1 26  ? 8.048   1.668   11.459  1.00 39.63 ? 20   TRP A CG  1 
ATOM   161  C  CD1 . TRP A 1 26  ? 9.182   2.177   10.894  1.00 40.90 ? 20   TRP A CD1 1 
ATOM   162  C  CD2 . TRP A 1 26  ? 8.362   0.329   11.849  1.00 41.50 ? 20   TRP A CD2 1 
ATOM   163  N  NE1 . TRP A 1 26  ? 10.181  1.233   10.904  1.00 41.62 ? 20   TRP A NE1 1 
ATOM   164  C  CE2 . TRP A 1 26  ? 9.702   0.087   11.486  1.00 41.95 ? 20   TRP A CE2 1 
ATOM   165  C  CE3 . TRP A 1 26  ? 7.642   -0.700  12.470  1.00 42.24 ? 20   TRP A CE3 1 
ATOM   166  C  CZ2 . TRP A 1 26  ? 10.334  -1.132  11.721  1.00 42.62 ? 20   TRP A CZ2 1 
ATOM   167  C  CZ3 . TRP A 1 26  ? 8.272   -1.908  12.702  1.00 42.88 ? 20   TRP A CZ3 1 
ATOM   168  C  CH2 . TRP A 1 26  ? 9.604   -2.114  12.328  1.00 43.13 ? 20   TRP A CH2 1 
ATOM   169  N  N   . ASP A 1 27  ? 4.172   4.086   10.640  1.00 34.53 ? 21   ASP A N   1 
ATOM   170  C  CA  . ASP A 1 27  ? 2.868   4.630   11.002  1.00 33.26 ? 21   ASP A CA  1 
ATOM   171  C  C   . ASP A 1 27  ? 1.748   4.041   10.154  1.00 32.02 ? 21   ASP A C   1 
ATOM   172  O  O   . ASP A 1 27  ? 0.580   4.103   10.530  1.00 31.64 ? 21   ASP A O   1 
ATOM   173  C  CB  . ASP A 1 27  ? 2.867   6.153   10.873  1.00 33.50 ? 21   ASP A CB  1 
ATOM   174  C  CG  . ASP A 1 27  ? 3.736   6.827   11.918  1.00 34.31 ? 21   ASP A CG  1 
ATOM   175  O  OD1 . ASP A 1 27  ? 4.336   6.109   12.748  1.00 35.18 ? 21   ASP A OD1 1 
ATOM   176  O  OD2 . ASP A 1 27  ? 3.879   8.066   11.986  1.00 35.48 ? 21   ASP A OD2 1 
ATOM   177  N  N   . PHE A 1 28  ? 2.111   3.466   9.014   1.00 30.50 ? 22   PHE A N   1 
ATOM   178  C  CA  . PHE A 1 28  ? 1.128   2.898   8.104   1.00 29.28 ? 22   PHE A CA  1 
ATOM   179  C  C   . PHE A 1 28  ? 1.111   1.382   8.187   1.00 28.51 ? 22   PHE A C   1 
ATOM   180  O  O   . PHE A 1 28  ? 0.341   0.732   7.488   1.00 28.37 ? 22   PHE A O   1 
ATOM   181  C  CB  . PHE A 1 28  ? 1.431   3.326   6.663   1.00 29.24 ? 22   PHE A CB  1 
ATOM   182  C  CG  . PHE A 1 28  ? 1.401   4.815   6.448   1.00 28.93 ? 22   PHE A CG  1 
ATOM   183  C  CD1 . PHE A 1 28  ? 0.199   5.479   6.272   1.00 28.97 ? 22   PHE A CD1 1 
ATOM   184  C  CD2 . PHE A 1 28  ? 2.577   5.549   6.424   1.00 29.09 ? 22   PHE A CD2 1 
ATOM   185  C  CE1 . PHE A 1 28  ? 0.166   6.850   6.078   1.00 29.32 ? 22   PHE A CE1 1 
ATOM   186  C  CE2 . PHE A 1 28  ? 2.553   6.919   6.226   1.00 28.78 ? 22   PHE A CE2 1 
ATOM   187  C  CZ  . PHE A 1 28  ? 1.343   7.572   6.055   1.00 28.91 ? 22   PHE A CZ  1 
ATOM   188  N  N   . ALA A 1 29  ? 1.957   0.824   9.048   1.00 27.55 ? 23   ALA A N   1 
ATOM   189  C  CA  . ALA A 1 29  ? 2.111   -0.627  9.151   1.00 26.73 ? 23   ALA A CA  1 
ATOM   190  C  C   . ALA A 1 29  ? 1.089   -1.326  10.052  1.00 26.15 ? 23   ALA A C   1 
ATOM   191  O  O   . ALA A 1 29  ? 0.968   -2.550  10.033  1.00 25.72 ? 23   ALA A O   1 
ATOM   192  C  CB  . ALA A 1 29  ? 3.533   -0.974  9.584   1.00 26.84 ? 23   ALA A CB  1 
ATOM   193  N  N   . ASP A 1 30  ? 0.369   -0.548  10.852  1.00 25.51 ? 24   ASP A N   1 
ATOM   194  C  CA  . ASP A 1 30  ? -0.639  -1.094  11.749  1.00 24.74 ? 24   ASP A CA  1 
ATOM   195  C  C   . ASP A 1 30  ? -1.684  -0.017  11.975  1.00 24.02 ? 24   ASP A C   1 
ATOM   196  O  O   . ASP A 1 30  ? -1.709  0.626   13.021  1.00 23.86 ? 24   ASP A O   1 
ATOM   197  C  CB  . ASP A 1 30  ? 0.003   -1.497  13.078  1.00 25.03 ? 24   ASP A CB  1 
ATOM   198  C  CG  . ASP A 1 30  ? -0.933  -2.287  13.973  1.00 26.09 ? 24   ASP A CG  1 
ATOM   199  O  OD1 . ASP A 1 30  ? -0.525  -2.590  15.115  1.00 28.27 ? 24   ASP A OD1 1 
ATOM   200  O  OD2 . ASP A 1 30  ? -2.080  -2.654  13.633  1.00 25.33 ? 24   ASP A OD2 1 
ATOM   201  N  N   . TYR A 1 31  ? -2.541  0.186   10.982  1.00 23.02 ? 25   TYR A N   1 
ATOM   202  C  CA  . TYR A 1 31  ? -3.542  1.241   11.056  1.00 22.05 ? 25   TYR A CA  1 
ATOM   203  C  C   . TYR A 1 31  ? -4.892  0.735   10.566  1.00 21.80 ? 25   TYR A C   1 
ATOM   204  O  O   . TYR A 1 31  ? -4.984  0.088   9.519   1.00 21.34 ? 25   TYR A O   1 
ATOM   205  C  CB  . TYR A 1 31  ? -3.074  2.440   10.230  1.00 22.04 ? 25   TYR A CB  1 
ATOM   206  C  CG  . TYR A 1 31  ? -3.947  3.673   10.309  1.00 21.36 ? 25   TYR A CG  1 
ATOM   207  C  CD1 . TYR A 1 31  ? -5.110  3.777   9.562   1.00 21.05 ? 25   TYR A CD1 1 
ATOM   208  C  CD2 . TYR A 1 31  ? -3.584  4.751   11.112  1.00 21.83 ? 25   TYR A CD2 1 
ATOM   209  C  CE1 . TYR A 1 31  ? -5.902  4.910   9.622   1.00 21.86 ? 25   TYR A CE1 1 
ATOM   210  C  CE2 . TYR A 1 31  ? -4.371  5.890   11.182  1.00 21.49 ? 25   TYR A CE2 1 
ATOM   211  C  CZ  . TYR A 1 31  ? -5.524  5.964   10.432  1.00 21.71 ? 25   TYR A CZ  1 
ATOM   212  O  OH  . TYR A 1 31  ? -6.303  7.095   10.493  1.00 22.68 ? 25   TYR A OH  1 
ATOM   213  N  N   . GLY A 1 32  ? -5.937  1.017   11.338  1.00 21.47 ? 26   GLY A N   1 
ATOM   214  C  CA  . GLY A 1 32  ? -7.285  0.609   10.980  1.00 21.41 ? 26   GLY A CA  1 
ATOM   215  C  C   . GLY A 1 32  ? -7.421  -0.888  10.768  1.00 21.23 ? 26   GLY A C   1 
ATOM   216  O  O   . GLY A 1 32  ? -6.672  -1.683  11.342  1.00 21.19 ? 26   GLY A O   1 
ATOM   217  N  N   . CYS A 1 33  ? -8.379  -1.270  9.929   1.00 21.07 ? 27   CYS A N   1 
ATOM   218  C  CA  . CYS A 1 33  ? -8.655  -2.673  9.652   1.00 21.29 ? 27   CYS A CA  1 
ATOM   219  C  C   . CYS A 1 33  ? -7.840  -3.243  8.496   1.00 21.52 ? 27   CYS A C   1 
ATOM   220  O  O   . CYS A 1 33  ? -7.676  -4.459  8.390   1.00 21.32 ? 27   CYS A O   1 
ATOM   221  C  CB  . CYS A 1 33  ? -10.146 -2.856  9.348   1.00 21.39 ? 27   CYS A CB  1 
ATOM   222  S  SG  . CYS A 1 33  ? -11.205 -2.631  10.793  1.00 21.08 ? 27   CYS A SG  1 
ATOM   223  N  N   . TYR A 1 34  ? -7.316  -2.374  7.638   1.00 21.61 ? 28   TYR A N   1 
ATOM   224  C  CA  . TYR A 1 34  ? -6.633  -2.849  6.438   1.00 22.32 ? 28   TYR A CA  1 
ATOM   225  C  C   . TYR A 1 34  ? -5.145  -2.526  6.319   1.00 22.57 ? 28   TYR A C   1 
ATOM   226  O  O   . TYR A 1 34  ? -4.429  -3.201  5.590   1.00 22.72 ? 28   TYR A O   1 
ATOM   227  C  CB  . TYR A 1 34  ? -7.381  -2.366  5.192   1.00 22.28 ? 28   TYR A CB  1 
ATOM   228  C  CG  . TYR A 1 34  ? -8.691  -3.082  4.990   1.00 22.50 ? 28   TYR A CG  1 
ATOM   229  C  CD1 . TYR A 1 34  ? -8.752  -4.250  4.242   1.00 22.99 ? 28   TYR A CD1 1 
ATOM   230  C  CD2 . TYR A 1 34  ? -9.865  -2.602  5.558   1.00 23.69 ? 28   TYR A CD2 1 
ATOM   231  C  CE1 . TYR A 1 34  ? -9.943  -4.920  4.058   1.00 23.09 ? 28   TYR A CE1 1 
ATOM   232  C  CE2 . TYR A 1 34  ? -11.068 -3.267  5.379   1.00 24.16 ? 28   TYR A CE2 1 
ATOM   233  C  CZ  . TYR A 1 34  ? -11.098 -4.428  4.626   1.00 24.21 ? 28   TYR A CZ  1 
ATOM   234  O  OH  . TYR A 1 34  ? -12.286 -5.099  4.439   1.00 25.15 ? 28   TYR A OH  1 
ATOM   235  N  N   . CYS A 1 35  ? -4.676  -1.504  7.022   1.00 23.14 ? 29   CYS A N   1 
ATOM   236  C  CA  . CYS A 1 35  ? -3.281  -1.104  6.898   1.00 23.84 ? 29   CYS A CA  1 
ATOM   237  C  C   . CYS A 1 35  ? -2.303  -2.063  7.570   1.00 25.11 ? 29   CYS A C   1 
ATOM   238  O  O   . CYS A 1 35  ? -2.052  -1.961  8.767   1.00 25.17 ? 29   CYS A O   1 
ATOM   239  C  CB  . CYS A 1 35  ? -3.088  0.335   7.374   1.00 23.53 ? 29   CYS A CB  1 
ATOM   240  S  SG  . CYS A 1 35  ? -4.041  1.516   6.376   1.00 21.08 ? 29   CYS A SG  1 
ATOM   241  N  N   . GLY A 1 36  ? -1.784  -2.991  6.767   1.00 26.52 ? 30   GLY A N   1 
ATOM   242  C  CA  . GLY A 1 36  ? -0.798  -3.983  7.170   1.00 28.50 ? 30   GLY A CA  1 
ATOM   243  C  C   . GLY A 1 36  ? -1.477  -5.313  7.386   1.00 29.86 ? 30   GLY A C   1 
ATOM   244  O  O   . GLY A 1 36  ? -2.237  -5.791  6.539   1.00 30.03 ? 30   GLY A O   1 
ATOM   245  N  N   . ARG A 1 37  ? -1.206  -5.921  8.530   1.00 31.12 ? 31   ARG A N   1 
ATOM   246  C  CA  . ARG A 1 37  ? -1.915  -7.133  8.861   1.00 32.49 ? 31   ARG A CA  1 
ATOM   247  C  C   . ARG A 1 37  ? -3.382  -6.747  8.898   1.00 32.83 ? 31   ARG A C   1 
ATOM   248  O  O   . ARG A 1 37  ? -3.744  -5.643  9.323   1.00 33.40 ? 31   ARG A O   1 
ATOM   249  C  CB  . ARG A 1 37  ? -1.474  -7.690  10.210  1.00 32.85 ? 31   ARG A CB  1 
ATOM   250  C  CG  . ARG A 1 37  ? -2.550  -8.512  10.897  1.00 34.16 ? 31   ARG A CG  1 
ATOM   251  C  CD  . ARG A 1 37  ? -2.033  -9.475  11.945  1.00 36.71 ? 31   ARG A CD  1 
ATOM   252  N  NE  . ARG A 1 37  ? -2.233  -10.870 11.564  1.00 38.26 ? 31   ARG A NE  1 
ATOM   253  C  CZ  . ARG A 1 37  ? -1.495  -11.878 12.012  1.00 39.07 ? 31   ARG A CZ  1 
ATOM   254  N  NH1 . ARG A 1 37  ? -0.492  -11.647 12.848  1.00 39.58 ? 31   ARG A NH1 1 
ATOM   255  N  NH2 . ARG A 1 37  ? -1.753  -13.116 11.622  1.00 39.71 ? 31   ARG A NH2 1 
ATOM   256  N  N   . GLY A 1 38  ? -4.231  -7.642  8.422   1.00 33.17 ? 32   GLY A N   1 
ATOM   257  C  CA  . GLY A 1 38  ? -5.653  -7.379  8.439   1.00 33.24 ? 32   GLY A CA  1 
ATOM   258  C  C   . GLY A 1 38  ? -6.168  -7.193  7.038   1.00 33.19 ? 32   GLY A C   1 
ATOM   259  O  O   . GLY A 1 38  ? -5.598  -6.439  6.258   1.00 33.21 ? 32   GLY A O   1 
ATOM   260  N  N   . GLY A 1 39  ? -7.247  -7.892  6.718   1.00 33.14 ? 33   GLY A N   1 
ATOM   261  C  CA  . GLY A 1 39  ? -7.841  -7.800  5.404   1.00 33.01 ? 33   GLY A CA  1 
ATOM   262  C  C   . GLY A 1 39  ? -9.329  -8.045  5.474   1.00 33.05 ? 33   GLY A C   1 
ATOM   263  O  O   . GLY A 1 39  ? -9.892  -8.702  4.605   1.00 33.36 ? 33   GLY A O   1 
ATOM   264  N  N   . SER A 1 40  ? -9.977  -7.504  6.502   1.00 32.81 ? 34   SER A N   1 
ATOM   265  C  CA  . SER A 1 40  ? -11.418 -7.681  6.656   1.00 32.53 ? 34   SER A CA  1 
ATOM   266  C  C   . SER A 1 40  ? -12.078 -6.551  7.437   1.00 32.25 ? 34   SER A C   1 
ATOM   267  O  O   . SER A 1 40  ? -11.407 -5.763  8.106   1.00 32.06 ? 34   SER A O   1 
ATOM   268  C  CB  . SER A 1 40  ? -11.719 -9.017  7.337   1.00 32.70 ? 34   SER A CB  1 
ATOM   269  O  OG  . SER A 1 40  ? -11.177 -9.052  8.647   1.00 33.10 ? 34   SER A OG  1 
ATOM   270  N  N   . GLY A 1 41  ? -13.402 -6.477  7.336   1.00 31.78 ? 35   GLY A N   1 
ATOM   271  C  CA  . GLY A 1 41  ? -14.177 -5.487  8.058   1.00 31.55 ? 35   GLY A CA  1 
ATOM   272  C  C   . GLY A 1 41  ? -14.478 -4.213  7.294   1.00 31.22 ? 35   GLY A C   1 
ATOM   273  O  O   . GLY A 1 41  ? -14.164 -4.082  6.109   1.00 31.28 ? 35   GLY A O   1 
ATOM   274  N  N   . THR A 1 42  ? -15.105 -3.274  7.990   1.00 30.90 ? 36   THR A N   1 
ATOM   275  C  CA  . THR A 1 42  ? -15.442 -1.977  7.426   1.00 30.66 ? 36   THR A CA  1 
ATOM   276  C  C   . THR A 1 42  ? -14.269 -1.031  7.618   1.00 30.10 ? 36   THR A C   1 
ATOM   277  O  O   . THR A 1 42  ? -13.795 -0.845  8.740   1.00 30.11 ? 36   THR A O   1 
ATOM   278  C  CB  . THR A 1 42  ? -16.691 -1.400  8.126   1.00 30.88 ? 36   THR A CB  1 
ATOM   279  O  OG1 . THR A 1 42  ? -17.843 -2.174  7.765   1.00 31.52 ? 36   THR A OG1 1 
ATOM   280  C  CG2 . THR A 1 42  ? -17.021 -0.015  7.583   1.00 30.93 ? 36   THR A CG2 1 
ATOM   281  N  N   . PRO A 1 43  ? -13.790 -0.446  6.524   1.00 29.50 ? 37   PRO A N   1 
ATOM   282  C  CA  . PRO A 1 43  ? -12.692 0.521   6.594   1.00 28.95 ? 37   PRO A CA  1 
ATOM   283  C  C   . PRO A 1 43  ? -13.028 1.615   7.600   1.00 28.58 ? 37   PRO A C   1 
ATOM   284  O  O   . PRO A 1 43  ? -14.121 2.182   7.575   1.00 28.41 ? 37   PRO A O   1 
ATOM   285  C  CB  . PRO A 1 43  ? -12.640 1.101   5.180   1.00 28.98 ? 37   PRO A CB  1 
ATOM   286  C  CG  . PRO A 1 43  ? -13.242 0.056   4.315   1.00 29.17 ? 37   PRO A CG  1 
ATOM   287  C  CD  . PRO A 1 43  ? -14.258 -0.664  5.145   1.00 29.50 ? 37   PRO A CD  1 
ATOM   288  N  N   . VAL A 1 44  ? -12.068 1.903   8.467   1.00 27.98 ? 38   VAL A N   1 
ATOM   289  C  CA  . VAL A 1 44  ? -12.227 2.853   9.561   1.00 27.79 ? 38   VAL A CA  1 
ATOM   290  C  C   . VAL A 1 44  ? -12.298 4.332   9.144   1.00 27.32 ? 38   VAL A C   1 
ATOM   291  O  O   . VAL A 1 44  ? -13.044 5.127   9.738   1.00 27.40 ? 38   VAL A O   1 
ATOM   292  C  CB  . VAL A 1 44  ? -11.108 2.597   10.604  1.00 27.88 ? 38   VAL A CB  1 
ATOM   293  C  CG1 . VAL A 1 44  ? -10.319 3.849   10.909  1.00 28.27 ? 38   VAL A CG1 1 
ATOM   294  C  CG2 . VAL A 1 44  ? -11.679 1.935   11.843  1.00 28.37 ? 38   VAL A CG2 1 
ATOM   295  N  N   . ASP A 1 45  ? -11.529 4.699   8.122   1.00 26.40 ? 39   ASP A N   1 
ATOM   296  C  CA  . ASP A 1 45  ? -11.533 6.063   7.599   1.00 25.69 ? 39   ASP A CA  1 
ATOM   297  C  C   . ASP A 1 45  ? -10.963 6.088   6.184   1.00 25.41 ? 39   ASP A C   1 
ATOM   298  O  O   . ASP A 1 45  ? -10.809 5.043   5.559   1.00 25.21 ? 39   ASP A O   1 
ATOM   299  C  CB  . ASP A 1 45  ? -10.775 7.040   8.517   1.00 25.46 ? 39   ASP A CB  1 
ATOM   300  C  CG  . ASP A 1 45  ? -9.330  6.647   8.737   1.00 25.18 ? 39   ASP A CG  1 
ATOM   301  O  OD1 . ASP A 1 45  ? -8.825  5.757   8.013   1.00 23.68 ? 39   ASP A OD1 1 
ATOM   302  O  OD2 . ASP A 1 45  ? -8.612  7.182   9.615   1.00 24.53 ? 39   ASP A OD2 1 
ATOM   303  N  N   . ASP A 1 46  ? -10.649 7.280   5.689   1.00 25.21 ? 40   ASP A N   1 
ATOM   304  C  CA  . ASP A 1 46  ? -10.129 7.435   4.332   1.00 24.92 ? 40   ASP A CA  1 
ATOM   305  C  C   . ASP A 1 46  ? -8.808  6.692   4.117   1.00 24.07 ? 40   ASP A C   1 
ATOM   306  O  O   . ASP A 1 46  ? -8.614  6.044   3.087   1.00 23.75 ? 40   ASP A O   1 
ATOM   307  C  CB  . ASP A 1 46  ? -9.940  8.916   3.997   1.00 25.57 ? 40   ASP A CB  1 
ATOM   308  C  CG  . ASP A 1 46  ? -11.251 9.626   3.706   1.00 27.75 ? 40   ASP A CG  1 
ATOM   309  O  OD1 . ASP A 1 46  ? -12.297 8.949   3.611   1.00 30.80 ? 40   ASP A OD1 1 
ATOM   310  O  OD2 . ASP A 1 46  ? -11.333 10.867  3.550   1.00 31.17 ? 40   ASP A OD2 1 
ATOM   311  N  N   . LEU A 1 47  ? -7.902  6.811   5.085   1.00 22.79 ? 41   LEU A N   1 
ATOM   312  C  CA  . LEU A 1 47  ? -6.600  6.162   5.002   1.00 21.84 ? 41   LEU A CA  1 
ATOM   313  C  C   . LEU A 1 47  ? -6.751  4.647   4.950   1.00 21.04 ? 41   LEU A C   1 
ATOM   314  O  O   . LEU A 1 47  ? -6.072  3.973   4.176   1.00 20.72 ? 41   LEU A O   1 
ATOM   315  C  CB  . LEU A 1 47  ? -5.709  6.572   6.180   1.00 21.81 ? 41   LEU A CB  1 
ATOM   316  C  CG  . LEU A 1 47  ? -4.333  5.902   6.253   1.00 21.91 ? 41   LEU A CG  1 
ATOM   317  C  CD1 . LEU A 1 47  ? -3.576  6.054   4.934   1.00 22.49 ? 41   LEU A CD1 1 
ATOM   318  C  CD2 . LEU A 1 47  ? -3.515  6.468   7.405   1.00 22.24 ? 41   LEU A CD2 1 
ATOM   319  N  N   . ASP A 1 48  ? -7.647  4.119   5.778   1.00 20.19 ? 42   ASP A N   1 
ATOM   320  C  CA  . ASP A 1 48  ? -7.922  2.689   5.809   1.00 19.42 ? 42   ASP A CA  1 
ATOM   321  C  C   . ASP A 1 48  ? -8.478  2.246   4.454   1.00 19.26 ? 42   ASP A C   1 
ATOM   322  O  O   . ASP A 1 48  ? -8.191  1.143   3.986   1.00 18.54 ? 42   ASP A O   1 
ATOM   323  C  CB  . ASP A 1 48  ? -8.922  2.374   6.926   1.00 19.31 ? 42   ASP A CB  1 
ATOM   324  C  CG  . ASP A 1 48  ? -8.754  0.980   7.503   1.00 19.44 ? 42   ASP A CG  1 
ATOM   325  O  OD1 . ASP A 1 48  ? -7.726  0.313   7.233   1.00 16.98 ? 42   ASP A OD1 1 
ATOM   326  O  OD2 . ASP A 1 48  ? -9.612  0.469   8.257   1.00 19.21 ? 42   ASP A OD2 1 
ATOM   327  N  N   . ARG A 1 49  ? -9.277  3.107   3.829   1.00 19.26 ? 43   ARG A N   1 
ATOM   328  C  CA  . ARG A 1 49  ? -9.823  2.806   2.506   1.00 19.63 ? 43   ARG A CA  1 
ATOM   329  C  C   . ARG A 1 49  ? -8.704  2.684   1.467   1.00 19.19 ? 43   ARG A C   1 
ATOM   330  O  O   . ARG A 1 49  ? -8.791  1.871   0.553   1.00 19.48 ? 43   ARG A O   1 
ATOM   331  C  CB  . ARG A 1 49  ? -10.863 3.852   2.091   1.00 20.00 ? 43   ARG A CB  1 
ATOM   332  C  CG  . ARG A 1 49  ? -12.140 3.774   2.914   1.00 22.36 ? 43   ARG A CG  1 
ATOM   333  C  CD  . ARG A 1 49  ? -13.270 4.701   2.464   1.00 26.38 ? 43   ARG A CD  1 
ATOM   334  N  NE  . ARG A 1 49  ? -14.502 4.422   3.202   1.00 28.92 ? 43   ARG A NE  1 
ATOM   335  C  CZ  . ARG A 1 49  ? -15.293 3.373   2.975   1.00 30.80 ? 43   ARG A CZ  1 
ATOM   336  N  NH1 . ARG A 1 49  ? -14.997 2.500   2.021   1.00 31.28 ? 43   ARG A NH1 1 
ATOM   337  N  NH2 . ARG A 1 49  ? -16.385 3.195   3.704   1.00 31.58 ? 43   ARG A NH2 1 
ATOM   338  N  N   . CYS A 1 50  ? -7.663  3.499   1.609   1.00 18.98 ? 44   CYS A N   1 
ATOM   339  C  CA  . CYS A 1 50  ? -6.492  3.406   0.736   1.00 18.53 ? 44   CYS A CA  1 
ATOM   340  C  C   . CYS A 1 50  ? -5.912  2.005   0.824   1.00 18.18 ? 44   CYS A C   1 
ATOM   341  O  O   . CYS A 1 50  ? -5.577  1.389   -0.186  1.00 17.49 ? 44   CYS A O   1 
ATOM   342  C  CB  . CYS A 1 50  ? -5.403  4.364   1.204   1.00 18.85 ? 44   CYS A CB  1 
ATOM   343  S  SG  . CYS A 1 50  ? -5.737  6.106   0.951   1.00 19.79 ? 44   CYS A SG  1 
ATOM   344  N  N   . CYS A 1 51  ? -5.771  1.518   2.049   1.00 17.56 ? 45   CYS A N   1 
ATOM   345  C  CA  . CYS A 1 51  ? -5.209  0.190   2.279   1.00 17.70 ? 45   CYS A CA  1 
ATOM   346  C  C   . CYS A 1 51  ? -6.112  -0.935  1.809   1.00 17.32 ? 45   CYS A C   1 
ATOM   347  O  O   . CYS A 1 51  ? -5.627  -1.967  1.361   1.00 17.05 ? 45   CYS A O   1 
ATOM   348  C  CB  . CYS A 1 51  ? -4.861  0.009   3.752   1.00 17.49 ? 45   CYS A CB  1 
ATOM   349  S  SG  . CYS A 1 51  ? -3.559  1.141   4.248   1.00 18.72 ? 45   CYS A SG  1 
ATOM   350  N  N   . GLN A 1 52  ? -7.423  -0.750  1.923   1.00 17.18 ? 46   GLN A N   1 
ATOM   351  C  CA  . GLN A 1 52  ? -8.347  -1.781  1.465   1.00 17.21 ? 46   GLN A CA  1 
ATOM   352  C  C   . GLN A 1 52  ? -8.219  -1.942  -0.049  1.00 16.96 ? 46   GLN A C   1 
ATOM   353  O  O   . GLN A 1 52  ? -8.175  -3.061  -0.568  1.00 17.05 ? 46   GLN A O   1 
ATOM   354  C  CB  . GLN A 1 52  ? -9.790  -1.435  1.831   1.00 17.62 ? 46   GLN A CB  1 
ATOM   355  C  CG  . GLN A 1 52  ? -10.788 -2.474  1.352   1.00 18.74 ? 46   GLN A CG  1 
ATOM   356  C  CD  . GLN A 1 52  ? -12.223 -2.018  1.482   1.00 21.56 ? 46   GLN A CD  1 
ATOM   357  O  OE1 . GLN A 1 52  ? -12.555 -0.891  1.118   1.00 23.99 ? 46   GLN A OE1 1 
ATOM   358  N  NE2 . GLN A 1 52  ? -13.078 -2.891  1.998   1.00 21.45 ? 46   GLN A NE2 1 
ATOM   359  N  N   . VAL A 1 53  ? -8.154  -0.816  -0.752  1.00 16.77 ? 47   VAL A N   1 
ATOM   360  C  CA  . VAL A 1 53  ? -7.995  -0.833  -2.205  1.00 16.68 ? 47   VAL A CA  1 
ATOM   361  C  C   . VAL A 1 53  ? -6.671  -1.511  -2.560  1.00 16.33 ? 47   VAL A C   1 
ATOM   362  O  O   . VAL A 1 53  ? -6.619  -2.349  -3.460  1.00 16.00 ? 47   VAL A O   1 
ATOM   363  C  CB  . VAL A 1 53  ? -8.066  0.589   -2.799  1.00 16.91 ? 47   VAL A CB  1 
ATOM   364  C  CG1 . VAL A 1 53  ? -7.783  0.569   -4.295  1.00 16.87 ? 47   VAL A CG1 1 
ATOM   365  C  CG2 . VAL A 1 53  ? -9.435  1.199   -2.536  1.00 17.92 ? 47   VAL A CG2 1 
ATOM   366  N  N   . HIS A 1 54  ? -5.613  -1.180  -1.824  1.00 16.33 ? 48   HIS A N   1 
ATOM   367  C  CA  . HIS A 1 54  ? -4.303  -1.808  -2.037  1.00 16.40 ? 48   HIS A CA  1 
ATOM   368  C  C   . HIS A 1 54  ? -4.381  -3.321  -1.827  1.00 16.68 ? 48   HIS A C   1 
ATOM   369  O  O   . HIS A 1 54  ? -3.833  -4.086  -2.626  1.00 16.37 ? 48   HIS A O   1 
ATOM   370  C  CB  . HIS A 1 54  ? -3.253  -1.189  -1.111  1.00 16.61 ? 48   HIS A CB  1 
ATOM   371  C  CG  . HIS A 1 54  ? -1.855  -1.644  -1.392  1.00 17.20 ? 48   HIS A CG  1 
ATOM   372  N  ND1 . HIS A 1 54  ? -1.189  -2.537  -0.583  1.00 17.48 ? 48   HIS A ND1 1 
ATOM   373  C  CD2 . HIS A 1 54  ? -0.999  -1.330  -2.393  1.00 17.56 ? 48   HIS A CD2 1 
ATOM   374  C  CE1 . HIS A 1 54  ? 0.021   -2.748  -1.067  1.00 17.65 ? 48   HIS A CE1 1 
ATOM   375  N  NE2 . HIS A 1 54  ? 0.161   -2.031  -2.166  1.00 16.94 ? 48   HIS A NE2 1 
ATOM   376  N  N   . ASP A 1 55  ? -5.057  -3.755  -0.759  1.00 16.78 ? 49   ASP A N   1 
ATOM   377  C  CA  . ASP A 1 55  ? -5.223  -5.186  -0.482  1.00 17.23 ? 49   ASP A CA  1 
ATOM   378  C  C   . ASP A 1 55  ? -5.933  -5.881  -1.650  1.00 16.65 ? 49   ASP A C   1 
ATOM   379  O  O   . ASP A 1 55  ? -5.493  -6.924  -2.130  1.00 16.31 ? 49   ASP A O   1 
ATOM   380  C  CB  . ASP A 1 55  ? -6.054  -5.399  0.779   1.00 17.74 ? 49   ASP A CB  1 
ATOM   381  C  CG  . ASP A 1 55  ? -5.221  -5.424  2.045   1.00 20.12 ? 49   ASP A CG  1 
ATOM   382  O  OD1 . ASP A 1 55  ? -4.038  -5.030  2.021   1.00 21.82 ? 49   ASP A OD1 1 
ATOM   383  O  OD2 . ASP A 1 55  ? -5.685  -5.840  3.126   1.00 23.80 ? 49   ASP A OD2 1 
ATOM   384  N  N   . ASN A 1 56  ? -7.058  -5.317  -2.069  1.00 16.30 ? 50   ASN A N   1 
ATOM   385  C  CA  . ASN A 1 56  ? -7.819  -5.860  -3.186  1.00 16.07 ? 50   ASN A CA  1 
ATOM   386  C  C   . ASN A 1 56  ? -6.982  -5.902  -4.460  1.00 15.89 ? 50   ASN A C   1 
ATOM   387  O  O   . ASN A 1 56  ? -7.071  -6.852  -5.235  1.00 15.62 ? 50   ASN A O   1 
ATOM   388  C  CB  . ASN A 1 56  ? -9.060  -5.006  -3.446  1.00 16.09 ? 50   ASN A CB  1 
ATOM   389  C  CG  . ASN A 1 56  ? -10.114 -5.147  -2.368  1.00 16.97 ? 50   ASN A CG  1 
ATOM   390  O  OD1 . ASN A 1 56  ? -9.981  -5.950  -1.439  1.00 18.32 ? 50   ASN A OD1 1 
ATOM   391  N  ND2 . ASN A 1 56  ? -11.179 -4.361  -2.489  1.00 17.73 ? 50   ASN A ND2 1 
ATOM   392  N  N   . CYS A 1 57  ? -6.184  -4.858  -4.671  1.00 15.46 ? 51   CYS A N   1 
ATOM   393  C  CA  . CYS A 1 57  ? -5.338  -4.749  -5.855  1.00 15.75 ? 51   CYS A CA  1 
ATOM   394  C  C   . CYS A 1 57  ? -4.334  -5.906  -5.897  1.00 15.63 ? 51   CYS A C   1 
ATOM   395  O  O   . CYS A 1 57  ? -4.118  -6.507  -6.948  1.00 15.24 ? 51   CYS A O   1 
ATOM   396  C  CB  . CYS A 1 57  ? -4.634  -3.378  -5.876  1.00 15.63 ? 51   CYS A CB  1 
ATOM   397  S  SG  . CYS A 1 57  ? -3.871  -2.860  -7.439  1.00 16.50 ? 51   CYS A SG  1 
ATOM   398  N  N   . TYR A 1 58  ? -3.741  -6.229  -4.750  1.00 15.83 ? 52   TYR A N   1 
ATOM   399  C  CA  . TYR A 1 58  ? -2.798  -7.348  -4.662  1.00 16.13 ? 52   TYR A CA  1 
ATOM   400  C  C   . TYR A 1 58  ? -3.492  -8.675  -4.941  1.00 16.74 ? 52   TYR A C   1 
ATOM   401  O  O   . TYR A 1 58  ? -2.917  -9.570  -5.568  1.00 16.59 ? 52   TYR A O   1 
ATOM   402  C  CB  . TYR A 1 58  ? -2.170  -7.420  -3.269  1.00 15.68 ? 52   TYR A CB  1 
ATOM   403  C  CG  . TYR A 1 58  ? -0.879  -6.646  -3.094  1.00 15.14 ? 52   TYR A CG  1 
ATOM   404  C  CD1 . TYR A 1 58  ? -0.514  -5.635  -3.976  1.00 15.12 ? 52   TYR A CD1 1 
ATOM   405  C  CD2 . TYR A 1 58  ? -0.037  -6.921  -2.029  1.00 14.37 ? 52   TYR A CD2 1 
ATOM   406  C  CE1 . TYR A 1 58  ? 0.674   -4.927  -3.805  1.00 13.91 ? 52   TYR A CE1 1 
ATOM   407  C  CE2 . TYR A 1 58  ? 1.142   -6.219  -1.842  1.00 15.06 ? 52   TYR A CE2 1 
ATOM   408  C  CZ  . TYR A 1 58  ? 1.494   -5.227  -2.729  1.00 15.05 ? 52   TYR A CZ  1 
ATOM   409  O  OH  . TYR A 1 58  ? 2.669   -4.539  -2.528  1.00 15.22 ? 52   TYR A OH  1 
ATOM   410  N  N   . ASN A 1 59  ? -4.724  -8.813  -4.460  1.00 17.60 ? 53   ASN A N   1 
ATOM   411  C  CA  . ASN A 1 59  ? -5.486  -10.038 -4.682  1.00 18.58 ? 53   ASN A CA  1 
ATOM   412  C  C   . ASN A 1 59  ? -5.718  -10.275 -6.173  1.00 18.87 ? 53   ASN A C   1 
ATOM   413  O  O   . ASN A 1 59  ? -5.713  -11.414 -6.647  1.00 18.84 ? 53   ASN A O   1 
ATOM   414  C  CB  . ASN A 1 59  ? -6.816  -10.017 -3.914  1.00 18.96 ? 53   ASN A CB  1 
ATOM   415  C  CG  . ASN A 1 59  ? -6.646  -10.349 -2.439  1.00 20.30 ? 53   ASN A CG  1 
ATOM   416  O  OD1 . ASN A 1 59  ? -5.649  -10.946 -2.035  1.00 22.67 ? 53   ASN A OD1 1 
ATOM   417  N  ND2 . ASN A 1 59  ? -7.621  -9.966  -1.631  1.00 21.54 ? 53   ASN A ND2 1 
ATOM   418  N  N   . GLN A 1 60  ? -5.903  -9.190  -6.913  1.00 19.23 ? 54   GLN A N   1 
ATOM   419  C  CA  . GLN A 1 60  ? -6.108  -9.284  -8.349  1.00 19.63 ? 54   GLN A CA  1 
ATOM   420  C  C   . GLN A 1 60  ? -4.810  -9.650  -9.049  1.00 20.03 ? 54   GLN A C   1 
ATOM   421  O  O   . GLN A 1 60  ? -4.797  -10.490 -9.945  1.00 19.59 ? 54   GLN A O   1 
ATOM   422  C  CB  . GLN A 1 60  ? -6.648  -7.965  -8.900  1.00 19.83 ? 54   GLN A CB  1 
ATOM   423  C  CG  . GLN A 1 60  ? -8.067  -7.657  -8.474  1.00 21.09 ? 54   GLN A CG  1 
ATOM   424  C  CD  . GLN A 1 60  ? -9.093  -8.584  -9.115  1.00 22.49 ? 54   GLN A CD  1 
ATOM   425  O  OE1 . GLN A 1 60  ? -10.106 -8.911  -8.499  1.00 24.25 ? 54   GLN A OE1 1 
ATOM   426  N  NE2 . GLN A 1 60  ? -8.835  -8.998  -10.343 1.00 22.97 ? 54   GLN A NE2 1 
ATOM   427  N  N   . ALA A 1 61  ? -3.717  -9.014  -8.636  1.00 20.27 ? 55   ALA A N   1 
ATOM   428  C  CA  . ALA A 1 61  ? -2.412  -9.286  -9.231  1.00 20.89 ? 55   ALA A CA  1 
ATOM   429  C  C   . ALA A 1 61  ? -1.983  -10.737 -9.044  1.00 21.43 ? 55   ALA A C   1 
ATOM   430  O  O   . ALA A 1 61  ? -1.332  -11.316 -9.913  1.00 21.34 ? 55   ALA A O   1 
ATOM   431  C  CB  . ALA A 1 61  ? -1.360  -8.345  -8.649  1.00 20.67 ? 55   ALA A CB  1 
ATOM   432  N  N   . GLN A 1 62  ? -2.346  -11.327 -7.911  1.00 22.15 ? 56   GLN A N   1 
ATOM   433  C  CA  . GLN A 1 62  ? -1.954  -12.705 -7.627  1.00 23.61 ? 56   GLN A CA  1 
ATOM   434  C  C   . GLN A 1 62  ? -2.666  -13.728 -8.521  1.00 23.47 ? 56   GLN A C   1 
ATOM   435  O  O   . GLN A 1 62  ? -2.351  -14.917 -8.490  1.00 23.65 ? 56   GLN A O   1 
ATOM   436  C  CB  . GLN A 1 62  ? -2.098  -13.036 -6.136  1.00 23.95 ? 56   GLN A CB  1 
ATOM   437  C  CG  . GLN A 1 62  ? -3.502  -12.916 -5.577  1.00 26.90 ? 56   GLN A CG  1 
ATOM   438  C  CD  . GLN A 1 62  ? -3.515  -12.853 -4.055  1.00 29.56 ? 56   GLN A CD  1 
ATOM   439  O  OE1 . GLN A 1 62  ? -2.610  -12.284 -3.449  1.00 32.20 ? 56   GLN A OE1 1 
ATOM   440  N  NE2 . GLN A 1 62  ? -4.545  -13.432 -3.439  1.00 31.10 ? 56   GLN A NE2 1 
ATOM   441  N  N   . GLU A 1 63  ? -3.607  -13.261 -9.335  1.00 23.57 ? 57   GLU A N   1 
ATOM   442  C  CA  . GLU A 1 63  ? -4.294  -14.148 -10.267 1.00 23.92 ? 57   GLU A CA  1 
ATOM   443  C  C   . GLU A 1 63  ? -3.428  -14.374 -11.507 1.00 23.57 ? 57   GLU A C   1 
ATOM   444  O  O   . GLU A 1 63  ? -3.685  -15.275 -12.314 1.00 23.30 ? 57   GLU A O   1 
ATOM   445  C  CB  . GLU A 1 63  ? -5.662  -13.585 -10.640 1.00 24.25 ? 57   GLU A CB  1 
ATOM   446  C  CG  . GLU A 1 63  ? -6.631  -13.553 -9.466  1.00 26.93 ? 57   GLU A CG  1 
ATOM   447  C  CD  . GLU A 1 63  ? -8.042  -13.188 -9.875  1.00 30.39 ? 57   GLU A CD  1 
ATOM   448  O  OE1 . GLU A 1 63  ? -8.202  -12.302 -10.743 1.00 32.15 ? 57   GLU A OE1 1 
ATOM   449  O  OE2 . GLU A 1 63  ? -8.993  -13.791 -9.328  1.00 32.82 ? 57   GLU A OE2 1 
ATOM   450  N  N   . ILE A 1 64  ? -2.405  -13.538 -11.655 1.00 22.91 ? 58   ILE A N   1 
ATOM   451  C  CA  . ILE A 1 64  ? -1.457  -13.691 -12.744 1.00 22.64 ? 58   ILE A CA  1 
ATOM   452  C  C   . ILE A 1 64  ? -0.519  -14.831 -12.373 1.00 22.38 ? 58   ILE A C   1 
ATOM   453  O  O   . ILE A 1 64  ? -0.017  -14.898 -11.256 1.00 21.73 ? 58   ILE A O   1 
ATOM   454  C  CB  . ILE A 1 64  ? -0.677  -12.383 -12.975 1.00 22.57 ? 58   ILE A CB  1 
ATOM   455  C  CG1 . ILE A 1 64  ? -1.638  -11.260 -13.384 1.00 22.51 ? 58   ILE A CG1 1 
ATOM   456  C  CG2 . ILE A 1 64  ? 0.407   -12.579 -14.028 1.00 22.80 ? 58   ILE A CG2 1 
ATOM   457  C  CD1 . ILE A 1 64  ? -0.985  -9.888  -13.480 1.00 22.72 ? 58   ILE A CD1 1 
ATOM   458  N  N   . THR A 1 65  ? -0.307  -15.743 -13.313 1.00 22.54 ? 59   THR A N   1 
ATOM   459  C  CA  . THR A 1 65  ? 0.547   -16.901 -13.079 1.00 22.60 ? 59   THR A CA  1 
ATOM   460  C  C   . THR A 1 65  ? 1.937   -16.537 -12.558 1.00 21.83 ? 59   THR A C   1 
ATOM   461  O  O   . THR A 1 65  ? 2.670   -15.784 -13.198 1.00 21.98 ? 59   THR A O   1 
ATOM   462  C  CB  . THR A 1 65  ? 0.659   -17.723 -14.371 1.00 22.80 ? 59   THR A CB  1 
ATOM   463  O  OG1 . THR A 1 65  ? -0.599  -18.362 -14.629 1.00 25.11 ? 59   THR A OG1 1 
ATOM   464  C  CG2 . THR A 1 65  ? 1.588   -18.885 -14.173 1.00 23.62 ? 59   THR A CG2 1 
ATOM   465  N  N   . GLY A 1 66  ? 2.286   -17.071 -11.389 1.00 21.10 ? 60   GLY A N   1 
ATOM   466  C  CA  . GLY A 1 66  ? 3.595   -16.859 -10.792 1.00 20.24 ? 60   GLY A CA  1 
ATOM   467  C  C   . GLY A 1 66  ? 3.826   -15.461 -10.239 1.00 19.40 ? 60   GLY A C   1 
ATOM   468  O  O   . GLY A 1 66  ? 4.961   -15.073 -9.984  1.00 19.66 ? 60   GLY A O   1 
ATOM   469  N  N   . CYS A 1 67  ? 2.746   -14.710 -10.053 1.00 18.43 ? 61   CYS A N   1 
ATOM   470  C  CA  . CYS A 1 67  ? 2.832   -13.335 -9.568  1.00 17.67 ? 61   CYS A CA  1 
ATOM   471  C  C   . CYS A 1 67  ? 2.645   -13.274 -8.058  1.00 17.31 ? 61   CYS A C   1 
ATOM   472  O  O   . CYS A 1 67  ? 1.576   -13.599 -7.550  1.00 17.44 ? 61   CYS A O   1 
ATOM   473  C  CB  . CYS A 1 67  ? 1.771   -12.467 -10.248 1.00 17.27 ? 61   CYS A CB  1 
ATOM   474  S  SG  . CYS A 1 67  ? 2.088   -10.691 -10.104 1.00 16.50 ? 61   CYS A SG  1 
ATOM   475  N  N   . ARG A 1 68  ? 3.683   -12.851 -7.346  1.00 16.91 ? 62   ARG A N   1 
ATOM   476  C  CA  . ARG A 1 68  ? 3.635   -12.764 -5.888  1.00 16.81 ? 62   ARG A CA  1 
ATOM   477  C  C   . ARG A 1 68  ? 3.956   -11.339 -5.458  1.00 16.74 ? 62   ARG A C   1 
ATOM   478  O  O   . ARG A 1 68  ? 5.118   -10.979 -5.302  1.00 16.00 ? 62   ARG A O   1 
ATOM   479  C  CB  . ARG A 1 68  ? 4.626   -13.754 -5.268  1.00 16.90 ? 62   ARG A CB  1 
ATOM   480  C  CG  . ARG A 1 68  ? 4.433   -15.190 -5.753  1.00 17.72 ? 62   ARG A CG  1 
ATOM   481  C  CD  . ARG A 1 68  ? 5.558   -16.154 -5.358  1.00 19.87 ? 62   ARG A CD  1 
ATOM   482  N  NE  . ARG A 1 68  ? 6.756   -16.003 -6.187  1.00 20.97 ? 62   ARG A NE  1 
ATOM   483  C  CZ  . ARG A 1 68  ? 6.995   -16.704 -7.290  1.00 22.42 ? 62   ARG A CZ  1 
ATOM   484  N  NH1 . ARG A 1 68  ? 6.115   -17.600 -7.715  1.00 23.11 ? 62   ARG A NH1 1 
ATOM   485  N  NH2 . ARG A 1 68  ? 8.106   -16.501 -7.979  1.00 23.75 ? 62   ARG A NH2 1 
ATOM   486  N  N   . PRO A 1 69  ? 2.912   -10.540 -5.263  1.00 16.80 ? 63   PRO A N   1 
ATOM   487  C  CA  . PRO A 1 69  ? 3.047   -9.106  -4.962  1.00 17.24 ? 63   PRO A CA  1 
ATOM   488  C  C   . PRO A 1 69  ? 4.010   -8.706  -3.848  1.00 17.43 ? 63   PRO A C   1 
ATOM   489  O  O   . PRO A 1 69  ? 4.705   -7.708  -4.027  1.00 17.42 ? 63   PRO A O   1 
ATOM   490  C  CB  . PRO A 1 69  ? 1.617   -8.697  -4.602  1.00 17.18 ? 63   PRO A CB  1 
ATOM   491  C  CG  . PRO A 1 69  ? 0.778   -9.621  -5.403  1.00 17.45 ? 63   PRO A CG  1 
ATOM   492  C  CD  . PRO A 1 69  ? 1.500   -10.955 -5.347  1.00 17.01 ? 63   PRO A CD  1 
ATOM   493  N  N   . LYS A 1 70  ? 4.043   -9.435  -2.733  1.00 17.71 ? 64   LYS A N   1 
ATOM   494  C  CA  . LYS A 1 70  ? 4.943   -9.086  -1.630  1.00 18.56 ? 64   LYS A CA  1 
ATOM   495  C  C   . LYS A 1 70  ? 6.415   -9.235  -2.015  1.00 18.62 ? 64   LYS A C   1 
ATOM   496  O  O   . LYS A 1 70  ? 7.280   -8.560  -1.449  1.00 18.50 ? 64   LYS A O   1 
ATOM   497  C  CB  . LYS A 1 70  ? 4.656   -9.944  -0.386  1.00 18.95 ? 64   LYS A CB  1 
ATOM   498  C  CG  . LYS A 1 70  ? 3.610   -9.378  0.572   1.00 20.82 ? 64   LYS A CG  1 
ATOM   499  C  CD  . LYS A 1 70  ? 2.238   -9.330  -0.058  1.00 23.95 ? 64   LYS A CD  1 
ATOM   500  C  CE  . LYS A 1 70  ? 1.146   -9.116  0.977   1.00 25.99 ? 64   LYS A CE  1 
ATOM   501  N  NZ  . LYS A 1 70  ? 1.358   -7.882  1.778   1.00 28.31 ? 64   LYS A NZ  1 
ATOM   502  N  N   . TRP A 1 71  ? 6.696   -10.107 -2.984  1.00 18.53 ? 65   TRP A N   1 
ATOM   503  C  CA  . TRP A 1 71  ? 8.077   -10.413 -3.355  1.00 19.07 ? 65   TRP A CA  1 
ATOM   504  C  C   . TRP A 1 71  ? 8.552   -9.988  -4.732  1.00 18.44 ? 65   TRP A C   1 
ATOM   505  O  O   . TRP A 1 71  ? 9.758   -9.952  -4.973  1.00 18.65 ? 65   TRP A O   1 
ATOM   506  C  CB  . TRP A 1 71  ? 8.345   -11.905 -3.183  1.00 19.61 ? 65   TRP A CB  1 
ATOM   507  C  CG  . TRP A 1 71  ? 8.501   -12.233 -1.764  1.00 22.66 ? 65   TRP A CG  1 
ATOM   508  C  CD1 . TRP A 1 71  ? 9.597   -12.002 -0.994  1.00 25.31 ? 65   TRP A CD1 1 
ATOM   509  C  CD2 . TRP A 1 71  ? 7.520   -12.800 -0.911  1.00 26.28 ? 65   TRP A CD2 1 
ATOM   510  N  NE1 . TRP A 1 71  ? 9.363   -12.412 0.296   1.00 27.59 ? 65   TRP A NE1 1 
ATOM   511  C  CE2 . TRP A 1 71  ? 8.090   -12.906 0.373   1.00 27.14 ? 65   TRP A CE2 1 
ATOM   512  C  CE3 . TRP A 1 71  ? 6.213   -13.238 -1.096  1.00 27.08 ? 65   TRP A CE3 1 
ATOM   513  C  CZ2 . TRP A 1 71  ? 7.404   -13.429 1.449   1.00 28.14 ? 65   TRP A CZ2 1 
ATOM   514  C  CZ3 . TRP A 1 71  ? 5.534   -13.757 -0.024  1.00 28.69 ? 65   TRP A CZ3 1 
ATOM   515  C  CH2 . TRP A 1 71  ? 6.130   -13.851 1.232   1.00 29.73 ? 65   TRP A CH2 1 
ATOM   516  N  N   . LYS A 1 72  ? 7.623   -9.679  -5.630  1.00 17.68 ? 66   LYS A N   1 
ATOM   517  C  CA  . LYS A 1 72  ? 7.992   -9.301  -6.988  1.00 17.14 ? 66   LYS A CA  1 
ATOM   518  C  C   . LYS A 1 72  ? 8.731   -7.975  -7.021  1.00 17.01 ? 66   LYS A C   1 
ATOM   519  O  O   . LYS A 1 72  ? 8.214   -6.949  -6.576  1.00 16.18 ? 66   LYS A O   1 
ATOM   520  C  CB  . LYS A 1 72  ? 6.759   -9.199  -7.888  1.00 17.16 ? 66   LYS A CB  1 
ATOM   521  C  CG  . LYS A 1 72  ? 7.090   -8.792  -9.323  1.00 17.39 ? 66   LYS A CG  1 
ATOM   522  C  CD  . LYS A 1 72  ? 7.830   -9.908  -10.045 1.00 18.40 ? 66   LYS A CD  1 
ATOM   523  C  CE  . LYS A 1 72  ? 8.263   -9.492  -11.445 1.00 19.99 ? 66   LYS A CE  1 
ATOM   524  N  NZ  . LYS A 1 72  ? 9.222   -10.482 -12.032 1.00 21.94 ? 66   LYS A NZ  1 
ATOM   525  N  N   . THR A 1 73  ? 9.938   -8.003  -7.568  1.00 16.87 ? 67   THR A N   1 
ATOM   526  C  CA  . THR A 1 73  ? 10.746  -6.805  -7.692  1.00 17.06 ? 67   THR A CA  1 
ATOM   527  C  C   . THR A 1 73  ? 10.378  -6.117  -9.000  1.00 17.16 ? 67   THR A C   1 
ATOM   528  O  O   . THR A 1 73  ? 10.434  -6.728  -10.065 1.00 17.48 ? 67   THR A O   1 
ATOM   529  C  CB  . THR A 1 73  ? 12.231  -7.190  -7.670  1.00 17.13 ? 67   THR A CB  1 
ATOM   530  O  OG1 . THR A 1 73  ? 12.557  -7.708  -6.375  1.00 17.97 ? 67   THR A OG1 1 
ATOM   531  C  CG2 . THR A 1 73  ? 13.104  -5.959  -7.790  1.00 17.43 ? 67   THR A CG2 1 
ATOM   532  N  N   . TYR A 1 74  ? 9.965   -4.858  -8.919  1.00 16.99 ? 68   TYR A N   1 
ATOM   533  C  CA  . TYR A 1 74  ? 9.592   -4.131  -10.121 1.00 16.95 ? 68   TYR A CA  1 
ATOM   534  C  C   . TYR A 1 74  ? 10.550  -2.978  -10.388 1.00 17.39 ? 68   TYR A C   1 
ATOM   535  O  O   . TYR A 1 74  ? 11.477  -2.737  -9.617  1.00 17.53 ? 68   TYR A O   1 
ATOM   536  C  CB  . TYR A 1 74  ? 8.140   -3.640  -10.044 1.00 16.50 ? 68   TYR A CB  1 
ATOM   537  C  CG  . TYR A 1 74  ? 7.764   -2.979  -8.730  1.00 15.54 ? 68   TYR A CG  1 
ATOM   538  C  CD1 . TYR A 1 74  ? 8.311   -1.754  -8.363  1.00 14.77 ? 68   TYR A CD1 1 
ATOM   539  C  CD2 . TYR A 1 74  ? 6.858   -3.581  -7.861  1.00 15.01 ? 68   TYR A CD2 1 
ATOM   540  C  CE1 . TYR A 1 74  ? 7.969   -1.145  -7.164  1.00 15.05 ? 68   TYR A CE1 1 
ATOM   541  C  CE2 . TYR A 1 74  ? 6.503   -2.979  -6.661  1.00 14.06 ? 68   TYR A CE2 1 
ATOM   542  C  CZ  . TYR A 1 74  ? 7.061   -1.761  -6.318  1.00 15.26 ? 68   TYR A CZ  1 
ATOM   543  O  OH  . TYR A 1 74  ? 6.721   -1.157  -5.129  1.00 14.90 ? 68   TYR A OH  1 
ATOM   544  N  N   . THR A 1 75  ? 10.337  -2.284  -11.500 1.00 18.22 ? 69   THR A N   1 
ATOM   545  C  CA  . THR A 1 75  ? 11.172  -1.140  -11.852 1.00 19.15 ? 69   THR A CA  1 
ATOM   546  C  C   . THR A 1 75  ? 10.376  0.137   -11.654 1.00 19.01 ? 69   THR A C   1 
ATOM   547  O  O   . THR A 1 75  ? 9.309   0.306   -12.242 1.00 19.04 ? 69   THR A O   1 
ATOM   548  C  CB  . THR A 1 75  ? 11.642  -1.234  -13.308 1.00 19.16 ? 69   THR A CB  1 
ATOM   549  O  OG1 . THR A 1 75  ? 12.541  -2.338  -13.448 1.00 22.75 ? 69   THR A OG1 1 
ATOM   550  C  CG2 . THR A 1 75  ? 12.526  -0.062  -13.641 1.00 19.55 ? 69   THR A CG2 1 
ATOM   551  N  N   . TYR A 1 76  ? 10.895  1.035   -10.823 1.00 19.34 ? 70   TYR A N   1 
ATOM   552  C  CA  . TYR A 1 76  ? 10.207  2.292   -10.545 1.00 19.67 ? 70   TYR A CA  1 
ATOM   553  C  C   . TYR A 1 76  ? 11.218  3.390   -10.253 1.00 20.38 ? 70   TYR A C   1 
ATOM   554  O  O   . TYR A 1 76  ? 12.405  3.129   -10.075 1.00 19.92 ? 70   TYR A O   1 
ATOM   555  C  CB  . TYR A 1 76  ? 9.232   2.136   -9.364  1.00 19.40 ? 70   TYR A CB  1 
ATOM   556  C  CG  . TYR A 1 76  ? 9.914   2.119   -8.012  1.00 18.87 ? 70   TYR A CG  1 
ATOM   557  C  CD1 . TYR A 1 76  ? 10.699  1.044   -7.628  1.00 18.72 ? 70   TYR A CD1 1 
ATOM   558  C  CD2 . TYR A 1 76  ? 9.786   3.188   -7.130  1.00 18.90 ? 70   TYR A CD2 1 
ATOM   559  C  CE1 . TYR A 1 76  ? 11.331  1.021   -6.403  1.00 19.23 ? 70   TYR A CE1 1 
ATOM   560  C  CE2 . TYR A 1 76  ? 10.419  3.176   -5.894  1.00 18.91 ? 70   TYR A CE2 1 
ATOM   561  C  CZ  . TYR A 1 76  ? 11.191  2.085   -5.539  1.00 19.34 ? 70   TYR A CZ  1 
ATOM   562  O  OH  . TYR A 1 76  ? 11.839  2.046   -4.322  1.00 20.77 ? 70   TYR A OH  1 
ATOM   563  N  N   . GLU A 1 77  ? 10.738  4.622   -10.199 1.00 21.19 ? 71   GLU A N   1 
ATOM   564  C  CA  . GLU A 1 77  ? 11.604  5.748   -9.912  1.00 22.55 ? 71   GLU A CA  1 
ATOM   565  C  C   . GLU A 1 77  ? 10.871  6.740   -9.036  1.00 22.94 ? 71   GLU A C   1 
ATOM   566  O  O   . GLU A 1 77  ? 9.668   6.954   -9.184  1.00 22.39 ? 71   GLU A O   1 
ATOM   567  C  CB  . GLU A 1 77  ? 12.061  6.424   -11.209 1.00 22.69 ? 71   GLU A CB  1 
ATOM   568  C  CG  . GLU A 1 77  ? 12.913  7.659   -10.992 1.00 25.33 ? 71   GLU A CG  1 
ATOM   569  C  CD  . GLU A 1 77  ? 13.486  8.210   -12.281 1.00 28.45 ? 71   GLU A CD  1 
ATOM   570  O  OE1 . GLU A 1 77  ? 14.052  9.325   -12.239 1.00 30.01 ? 71   GLU A OE1 1 
ATOM   571  O  OE2 . GLU A 1 77  ? 13.374  7.533   -13.329 1.00 29.73 ? 71   GLU A OE2 1 
ATOM   572  N  N   . CYS A 1 78  ? 11.613  7.331   -8.112  1.00 23.90 ? 72   CYS A N   1 
ATOM   573  C  CA  . CYS A 1 78  ? 11.085  8.340   -7.224  1.00 25.41 ? 72   CYS A CA  1 
ATOM   574  C  C   . CYS A 1 78  ? 12.022  9.527   -7.237  1.00 25.11 ? 72   CYS A C   1 
ATOM   575  O  O   . CYS A 1 78  ? 13.040  9.509   -6.546  1.00 25.29 ? 72   CYS A O   1 
ATOM   576  C  CB  . CYS A 1 78  ? 11.058  7.825   -5.802  1.00 25.94 ? 72   CYS A CB  1 
ATOM   577  S  SG  . CYS A 1 78  ? 11.020  9.208   -4.649  1.00 31.80 ? 72   CYS A SG  1 
ATOM   578  N  N   . SER A 1 79  ? 11.694  10.558  -8.003  1.00 24.92 ? 73   SER A N   1 
ATOM   579  C  CA  . SER A 1 79  ? 12.552  11.733  -8.040  1.00 24.91 ? 73   SER A CA  1 
ATOM   580  C  C   . SER A 1 79  ? 11.776  13.021  -8.263  1.00 24.42 ? 73   SER A C   1 
ATOM   581  O  O   . SER A 1 79  ? 10.792  13.064  -9.014  1.00 24.22 ? 73   SER A O   1 
ATOM   582  C  CB  . SER A 1 79  ? 13.642  11.581  -9.103  1.00 24.97 ? 73   SER A CB  1 
ATOM   583  O  OG  . SER A 1 79  ? 13.077  11.488  -10.396 1.00 26.59 ? 73   SER A OG  1 
ATOM   584  N  N   . GLN A 1 80  ? 12.230  14.064  -7.580  1.00 24.09 ? 74   GLN A N   1 
ATOM   585  C  CA  . GLN A 1 80  ? 11.647  15.396  -7.702  1.00 23.89 ? 74   GLN A CA  1 
ATOM   586  C  C   . GLN A 1 80  ? 10.135  15.386  -7.555  1.00 23.75 ? 74   GLN A C   1 
ATOM   587  O  O   . GLN A 1 80  ? 9.417   15.984  -8.351  1.00 23.77 ? 74   GLN A O   1 
ATOM   588  C  CB  . GLN A 1 80  ? 12.107  16.056  -9.010  1.00 23.95 ? 74   GLN A CB  1 
ATOM   589  C  CG  . GLN A 1 80  ? 13.600  16.378  -8.999  1.00 24.18 ? 74   GLN A CG  1 
ATOM   590  C  CD  . GLN A 1 80  ? 14.077  17.050  -10.271 1.00 24.91 ? 74   GLN A CD  1 
ATOM   591  O  OE1 . GLN A 1 80  ? 13.366  17.070  -11.266 1.00 26.37 ? 74   GLN A OE1 1 
ATOM   592  N  NE2 . GLN A 1 80  ? 15.293  17.585  -10.244 1.00 25.84 ? 74   GLN A NE2 1 
ATOM   593  N  N   . GLY A 1 81  ? 9.670   14.687  -6.521  1.00 23.69 ? 75   GLY A N   1 
ATOM   594  C  CA  . GLY A 1 81  ? 8.259   14.629  -6.190  1.00 23.51 ? 75   GLY A CA  1 
ATOM   595  C  C   . GLY A 1 81  ? 7.388   13.801  -7.113  1.00 23.28 ? 75   GLY A C   1 
ATOM   596  O  O   . GLY A 1 81  ? 6.162   13.863  -7.024  1.00 23.36 ? 75   GLY A O   1 
ATOM   597  N  N   . THR A 1 82  ? 8.006   13.017  -7.989  1.00 23.09 ? 76   THR A N   1 
ATOM   598  C  CA  . THR A 1 82  ? 7.243   12.230  -8.946  1.00 23.25 ? 76   THR A CA  1 
ATOM   599  C  C   . THR A 1 82  ? 7.536   10.737  -8.837  1.00 23.03 ? 76   THR A C   1 
ATOM   600  O  O   . THR A 1 82  ? 8.685   10.315  -8.916  1.00 22.70 ? 76   THR A O   1 
ATOM   601  C  CB  . THR A 1 82  ? 7.532   12.705  -10.384 1.00 23.38 ? 76   THR A CB  1 
ATOM   602  O  OG1 . THR A 1 82  ? 7.040   14.043  -10.561 1.00 25.32 ? 76   THR A OG1 1 
ATOM   603  C  CG2 . THR A 1 82  ? 6.710   11.905  -11.366 1.00 23.43 ? 76   THR A CG2 1 
ATOM   604  N  N   . LEU A 1 83  ? 6.482   9.951   -8.665  1.00 22.78 ? 77   LEU A N   1 
ATOM   605  C  CA  . LEU A 1 83  ? 6.602   8.506   -8.554  1.00 23.03 ? 77   LEU A CA  1 
ATOM   606  C  C   . LEU A 1 83  ? 6.177   7.888   -9.877  1.00 22.80 ? 77   LEU A C   1 
ATOM   607  O  O   . LEU A 1 83  ? 5.049   8.093   -10.318 1.00 22.71 ? 77   LEU A O   1 
ATOM   608  C  CB  . LEU A 1 83  ? 5.676   8.001   -7.449  1.00 23.08 ? 77   LEU A CB  1 
ATOM   609  C  CG  . LEU A 1 83  ? 6.198   7.046   -6.379  1.00 24.53 ? 77   LEU A CG  1 
ATOM   610  C  CD1 . LEU A 1 83  ? 5.002   6.492   -5.606  1.00 24.85 ? 77   LEU A CD1 1 
ATOM   611  C  CD2 . LEU A 1 83  ? 7.047   5.927   -6.961  1.00 24.75 ? 77   LEU A CD2 1 
ATOM   612  N  N   . THR A 1 84  ? 7.069   7.117   -10.493 1.00 22.62 ? 78   THR A N   1 
ATOM   613  C  CA  . THR A 1 84  ? 6.790   6.500   -11.788 1.00 23.19 ? 78   THR A CA  1 
ATOM   614  C  C   . THR A 1 84  ? 7.112   5.005   -11.849 1.00 22.71 ? 78   THR A C   1 
ATOM   615  O  O   . THR A 1 84  ? 8.149   4.567   -11.353 1.00 22.84 ? 78   THR A O   1 
ATOM   616  C  CB  . THR A 1 84  ? 7.599   7.211   -12.900 1.00 23.15 ? 78   THR A CB  1 
ATOM   617  O  OG1 . THR A 1 84  ? 7.192   8.582   -12.998 1.00 24.76 ? 78   THR A OG1 1 
ATOM   618  C  CG2 . THR A 1 84  ? 7.241   6.650   -14.261 1.00 23.96 ? 78   THR A CG2 1 
ATOM   619  N  N   . CYS A 1 85  ? 6.217   4.234   -12.462 1.00 22.50 ? 79   CYS A N   1 
ATOM   620  C  CA  . CYS A 1 85  ? 6.470   2.825   -12.740 1.00 22.38 ? 79   CYS A CA  1 
ATOM   621  C  C   . CYS A 1 85  ? 7.030   2.745   -14.156 1.00 23.22 ? 79   CYS A C   1 
ATOM   622  O  O   . CYS A 1 85  ? 6.397   3.215   -15.104 1.00 23.03 ? 79   CYS A O   1 
ATOM   623  C  CB  . CYS A 1 85  ? 5.182   2.016   -12.642 1.00 21.90 ? 79   CYS A CB  1 
ATOM   624  S  SG  . CYS A 1 85  ? 4.627   1.791   -10.949 1.00 19.26 ? 79   CYS A SG  1 
ATOM   625  N  N   . LYS A 1 86  ? 8.213   2.153   -14.301 1.00 24.17 ? 80   LYS A N   1 
ATOM   626  C  CA  . LYS A 1 86  ? 8.894   2.118   -15.596 1.00 25.61 ? 80   LYS A CA  1 
ATOM   627  C  C   . LYS A 1 86  ? 8.319   1.123   -16.606 1.00 26.05 ? 80   LYS A C   1 
ATOM   628  O  O   . LYS A 1 86  ? 7.612   0.185   -16.244 1.00 26.30 ? 80   LYS A O   1 
ATOM   629  C  CB  . LYS A 1 86  ? 10.393  1.886   -15.409 1.00 25.86 ? 80   LYS A CB  1 
ATOM   630  C  CG  . LYS A 1 86  ? 11.092  2.984   -14.628 1.00 27.57 ? 80   LYS A CG  1 
ATOM   631  C  CD  . LYS A 1 86  ? 12.598  2.910   -14.821 1.00 30.03 ? 80   LYS A CD  1 
ATOM   632  C  CE  . LYS A 1 86  ? 13.330  3.827   -13.858 1.00 31.94 ? 80   LYS A CE  1 
ATOM   633  N  NZ  . LYS A 1 86  ? 14.812  3.659   -13.962 1.00 33.26 ? 80   LYS A NZ  1 
ATOM   634  N  N   . GLY A 1 87  ? 8.645   1.333   -17.877 1.00 26.63 ? 81   GLY A N   1 
ATOM   635  C  CA  . GLY A 1 87  ? 8.118   0.504   -18.946 1.00 27.27 ? 81   GLY A CA  1 
ATOM   636  C  C   . GLY A 1 87  ? 8.787   -0.846  -19.150 1.00 27.67 ? 81   GLY A C   1 
ATOM   637  O  O   . GLY A 1 87  ? 8.364   -1.621  -20.007 1.00 28.24 ? 81   GLY A O   1 
ATOM   638  N  N   . ARG A 1 88  ? 9.818   -1.143  -18.367 1.00 27.68 ? 82   ARG A N   1 
ATOM   639  C  CA  . ARG A 1 88  ? 10.518  -2.417  -18.509 1.00 27.76 ? 82   ARG A CA  1 
ATOM   640  C  C   . ARG A 1 88  ? 9.869   -3.547  -17.704 1.00 26.96 ? 82   ARG A C   1 
ATOM   641  O  O   . ARG A 1 88  ? 10.343  -4.685  -17.709 1.00 27.58 ? 82   ARG A O   1 
ATOM   642  C  CB  . ARG A 1 88  ? 11.983  -2.261  -18.115 1.00 28.34 ? 82   ARG A CB  1 
ATOM   643  C  CG  . ARG A 1 88  ? 12.182  -1.468  -16.843 1.00 30.04 ? 82   ARG A CG  1 
ATOM   644  C  CD  . ARG A 1 88  ? 13.523  -1.706  -16.193 1.00 33.79 ? 82   ARG A CD  1 
ATOM   645  N  NE  . ARG A 1 88  ? 14.602  -1.008  -16.877 1.00 36.97 ? 82   ARG A NE  1 
ATOM   646  C  CZ  . ARG A 1 88  ? 15.746  -0.664  -16.303 1.00 38.49 ? 82   ARG A CZ  1 
ATOM   647  N  NH1 . ARG A 1 88  ? 15.964  -0.956  -15.027 1.00 39.27 ? 82   ARG A NH1 1 
ATOM   648  N  NH2 . ARG A 1 88  ? 16.677  -0.032  -17.005 1.00 39.18 ? 82   ARG A NH2 1 
ATOM   649  N  N   . ASN A 1 89  ? 8.769   -3.233  -17.033 1.00 25.61 ? 83   ASN A N   1 
ATOM   650  C  CA  . ASN A 1 89  ? 8.069   -4.207  -16.208 1.00 24.26 ? 83   ASN A CA  1 
ATOM   651  C  C   . ASN A 1 89  ? 7.233   -5.201  -17.005 1.00 23.49 ? 83   ASN A C   1 
ATOM   652  O  O   . ASN A 1 89  ? 6.570   -4.827  -17.975 1.00 23.39 ? 83   ASN A O   1 
ATOM   653  C  CB  . ASN A 1 89  ? 7.162   -3.482  -15.208 1.00 24.06 ? 83   ASN A CB  1 
ATOM   654  C  CG  . ASN A 1 89  ? 7.943   -2.718  -14.162 1.00 23.39 ? 83   ASN A CG  1 
ATOM   655  O  OD1 . ASN A 1 89  ? 8.839   -3.267  -13.520 1.00 22.29 ? 83   ASN A OD1 1 
ATOM   656  N  ND2 . ASN A 1 89  ? 7.607   -1.444  -13.982 1.00 22.86 ? 83   ASN A ND2 1 
ATOM   657  N  N   . ASN A 1 90  ? 7.269   -6.471  -16.604 1.00 22.42 ? 84   ASN A N   1 
ATOM   658  C  CA  . ASN A 1 90  ? 6.390   -7.456  -17.222 1.00 21.52 ? 84   ASN A CA  1 
ATOM   659  C  C   . ASN A 1 90  ? 4.980   -7.257  -16.650 1.00 20.82 ? 84   ASN A C   1 
ATOM   660  O  O   . ASN A 1 90  ? 4.776   -6.371  -15.819 1.00 20.36 ? 84   ASN A O   1 
ATOM   661  C  CB  . ASN A 1 90  ? 6.923   -8.893  -17.071 1.00 21.54 ? 84   ASN A CB  1 
ATOM   662  C  CG  . ASN A 1 90  ? 6.869   -9.412  -15.638 1.00 21.63 ? 84   ASN A CG  1 
ATOM   663  O  OD1 . ASN A 1 90  ? 6.197   -8.851  -14.783 1.00 21.02 ? 84   ASN A OD1 1 
ATOM   664  N  ND2 . ASN A 1 90  ? 7.569   -10.517 -15.388 1.00 22.40 ? 84   ASN A ND2 1 
ATOM   665  N  N   . ALA A 1 91  ? 4.011   -8.051  -17.092 1.00 19.73 ? 85   ALA A N   1 
ATOM   666  C  CA  . ALA A 1 91  ? 2.629   -7.872  -16.636 1.00 19.05 ? 85   ALA A CA  1 
ATOM   667  C  C   . ALA A 1 91  ? 2.496   -7.883  -15.112 1.00 18.43 ? 85   ALA A C   1 
ATOM   668  O  O   . ALA A 1 91  ? 1.826   -7.030  -14.530 1.00 18.34 ? 85   ALA A O   1 
ATOM   669  C  CB  . ALA A 1 91  ? 1.720   -8.920  -17.254 1.00 19.23 ? 85   ALA A CB  1 
ATOM   670  N  N   . CYS A 1 92  ? 3.136   -8.855  -14.475 1.00 17.58 ? 86   CYS A N   1 
ATOM   671  C  CA  . CYS A 1 92  ? 3.116   -8.963  -13.022 1.00 17.06 ? 86   CYS A CA  1 
ATOM   672  C  C   . CYS A 1 92  ? 3.751   -7.746  -12.354 1.00 16.79 ? 86   CYS A C   1 
ATOM   673  O  O   . CYS A 1 92  ? 3.152   -7.129  -11.472 1.00 16.83 ? 86   CYS A O   1 
ATOM   674  C  CB  . CYS A 1 92  ? 3.855   -10.227 -12.583 1.00 17.00 ? 86   CYS A CB  1 
ATOM   675  S  SG  . CYS A 1 92  ? 3.973   -10.411 -10.794 1.00 16.47 ? 86   CYS A SG  1 
ATOM   676  N  N   . ALA A 1 93  ? 4.966   -7.407  -12.771 1.00 16.46 ? 87   ALA A N   1 
ATOM   677  C  CA  . ALA A 1 93  ? 5.668   -6.269  -12.187 1.00 16.43 ? 87   ALA A CA  1 
ATOM   678  C  C   . ALA A 1 93  ? 4.896   -4.954  -12.375 1.00 16.67 ? 87   ALA A C   1 
ATOM   679  O  O   . ALA A 1 93  ? 4.789   -4.151  -11.447 1.00 16.37 ? 87   ALA A O   1 
ATOM   680  C  CB  . ALA A 1 93  ? 7.075   -6.160  -12.756 1.00 16.61 ? 87   ALA A CB  1 
ATOM   681  N  N   . ALA A 1 94  ? 4.350   -4.750  -13.570 1.00 16.56 ? 88   ALA A N   1 
ATOM   682  C  CA  . ALA A 1 94  ? 3.603   -3.530  -13.877 1.00 16.79 ? 88   ALA A CA  1 
ATOM   683  C  C   . ALA A 1 94  ? 2.369   -3.384  -12.992 1.00 16.83 ? 88   ALA A C   1 
ATOM   684  O  O   . ALA A 1 94  ? 2.046   -2.287  -12.519 1.00 16.98 ? 88   ALA A O   1 
ATOM   685  C  CB  . ALA A 1 94  ? 3.199   -3.521  -15.347 1.00 16.94 ? 88   ALA A CB  1 
ATOM   686  N  N   . THR A 1 95  ? 1.679   -4.498  -12.785 1.00 16.19 ? 89   THR A N   1 
ATOM   687  C  CA  . THR A 1 95  ? 0.460   -4.523  -11.995 1.00 16.72 ? 89   THR A CA  1 
ATOM   688  C  C   . THR A 1 95  ? 0.746   -4.214  -10.535 1.00 16.02 ? 89   THR A C   1 
ATOM   689  O  O   . THR A 1 95  ? 0.069   -3.387  -9.918  1.00 15.70 ? 89   THR A O   1 
ATOM   690  C  CB  . THR A 1 95  ? -0.193  -5.900  -12.113 1.00 16.73 ? 89   THR A CB  1 
ATOM   691  O  OG1 . THR A 1 95  ? -0.800  -6.025  -13.403 1.00 18.97 ? 89   THR A OG1 1 
ATOM   692  C  CG2 . THR A 1 95  ? -1.360  -6.009  -11.178 1.00 18.45 ? 89   THR A CG2 1 
ATOM   693  N  N   . VAL A 1 96  ? 1.757   -4.879  -9.993  1.00 15.16 ? 90   VAL A N   1 
ATOM   694  C  CA  . VAL A 1 96  ? 2.131   -4.686  -8.600  1.00 15.46 ? 90   VAL A CA  1 
ATOM   695  C  C   . VAL A 1 96  ? 2.664   -3.278  -8.381  1.00 15.07 ? 90   VAL A C   1 
ATOM   696  O  O   . VAL A 1 96  ? 2.295   -2.618  -7.419  1.00 14.67 ? 90   VAL A O   1 
ATOM   697  C  CB  . VAL A 1 96  ? 3.179   -5.722  -8.141  1.00 15.31 ? 90   VAL A CB  1 
ATOM   698  C  CG1 . VAL A 1 96  ? 3.653   -5.413  -6.732  1.00 15.50 ? 90   VAL A CG1 1 
ATOM   699  C  CG2 . VAL A 1 96  ? 2.588   -7.121  -8.197  1.00 15.89 ? 90   VAL A CG2 1 
ATOM   700  N  N   . CYS A 1 97  ? 3.523   -2.815  -9.284  1.00 15.24 ? 91   CYS A N   1 
ATOM   701  C  CA  . CYS A 1 97  ? 4.071   -1.470  -9.153  1.00 15.69 ? 91   CYS A CA  1 
ATOM   702  C  C   . CYS A 1 97  ? 2.936   -0.446  -9.109  1.00 15.93 ? 91   CYS A C   1 
ATOM   703  O  O   . CYS A 1 97  ? 2.960   0.504   -8.323  1.00 15.71 ? 91   CYS A O   1 
ATOM   704  C  CB  . CYS A 1 97  ? 5.040   -1.158  -10.297 1.00 15.76 ? 91   CYS A CB  1 
ATOM   705  S  SG  . CYS A 1 97  ? 5.877   0.440   -10.117 1.00 15.58 ? 91   CYS A SG  1 
ATOM   706  N  N   . ASP A 1 98  ? 1.921   -0.656  -9.934  1.00 16.61 ? 92   ASP A N   1 
ATOM   707  C  CA  . ASP A 1 98  ? 0.807   0.284   -9.972  1.00 17.26 ? 92   ASP A CA  1 
ATOM   708  C  C   . ASP A 1 98  ? -0.052  0.261   -8.714  1.00 16.74 ? 92   ASP A C   1 
ATOM   709  O  O   . ASP A 1 98  ? -0.513  1.311   -8.254  1.00 16.67 ? 92   ASP A O   1 
ATOM   710  C  CB  . ASP A 1 98  ? -0.043  0.059   -11.211 1.00 18.17 ? 92   ASP A CB  1 
ATOM   711  C  CG  . ASP A 1 98  ? -0.358  1.348   -11.914 1.00 21.81 ? 92   ASP A CG  1 
ATOM   712  O  OD1 . ASP A 1 98  ? 0.592   2.012   -12.390 1.00 24.98 ? 92   ASP A OD1 1 
ATOM   713  O  OD2 . ASP A 1 98  ? -1.517  1.788   -12.018 1.00 26.94 ? 92   ASP A OD2 1 
ATOM   714  N  N   . CYS A 1 99  ? -0.270  -0.930  -8.161  1.00 16.15 ? 93   CYS A N   1 
ATOM   715  C  CA  . CYS A 1 99  ? -0.992  -1.070  -6.900  1.00 15.70 ? 93   CYS A CA  1 
ATOM   716  C  C   . CYS A 1 99  ? -0.277  -0.242  -5.829  1.00 15.56 ? 93   CYS A C   1 
ATOM   717  O  O   . CYS A 1 99  ? -0.893  0.564   -5.118  1.00 15.09 ? 93   CYS A O   1 
ATOM   718  C  CB  . CYS A 1 99  ? -1.028  -2.543  -6.462  1.00 15.60 ? 93   CYS A CB  1 
ATOM   719  S  SG  . CYS A 1 99  ? -2.013  -3.659  -7.500  1.00 15.69 ? 93   CYS A SG  1 
ATOM   720  N  N   . ASP A 1 100 ? 1.034   -0.443  -5.734  1.00 15.47 ? 94   ASP A N   1 
ATOM   721  C  CA  . ASP A 1 100 ? 1.869   0.252   -4.752  1.00 15.98 ? 94   ASP A CA  1 
ATOM   722  C  C   . ASP A 1 100 ? 1.883   1.772   -4.949  1.00 16.21 ? 94   ASP A C   1 
ATOM   723  O  O   . ASP A 1 100 ? 1.767   2.536   -3.991  1.00 16.31 ? 94   ASP A O   1 
ATOM   724  C  CB  . ASP A 1 100 ? 3.309   -0.283  -4.801  1.00 15.60 ? 94   ASP A CB  1 
ATOM   725  C  CG  . ASP A 1 100 ? 3.455   -1.657  -4.165  1.00 16.23 ? 94   ASP A CG  1 
ATOM   726  O  OD1 . ASP A 1 100 ? 2.442   -2.212  -3.671  1.00 15.89 ? 94   ASP A OD1 1 
ATOM   727  O  OD2 . ASP A 1 100 ? 4.554   -2.267  -4.119  1.00 15.30 ? 94   ASP A OD2 1 
ATOM   728  N  N   . ARG A 1 101 ? 2.045   2.197   -6.196  1.00 16.71 ? 95   ARG A N   1 
ATOM   729  C  CA  . ARG A 1 101 ? 2.106   3.612   -6.544  1.00 17.46 ? 95   ARG A CA  1 
ATOM   730  C  C   . ARG A 1 101 ? 0.825   4.343   -6.182  1.00 17.53 ? 95   ARG A C   1 
ATOM   731  O  O   . ARG A 1 101 ? 0.855   5.402   -5.559  1.00 17.49 ? 95   ARG A O   1 
ATOM   732  C  CB  . ARG A 1 101 ? 2.375   3.760   -8.043  1.00 17.62 ? 95   ARG A CB  1 
ATOM   733  C  CG  . ARG A 1 101 ? 2.365   5.192   -8.538  1.00 19.71 ? 95   ARG A CG  1 
ATOM   734  C  CD  . ARG A 1 101 ? 2.735   5.330   -10.010 1.00 22.37 ? 95   ARG A CD  1 
ATOM   735  N  NE  . ARG A 1 101 ? 1.664   4.854   -10.889 1.00 25.74 ? 95   ARG A NE  1 
ATOM   736  C  CZ  . ARG A 1 101 ? 0.568   5.556   -11.174 1.00 27.73 ? 95   ARG A CZ  1 
ATOM   737  N  NH1 . ARG A 1 101 ? -0.364  5.053   -11.975 1.00 29.12 ? 95   ARG A NH1 1 
ATOM   738  N  NH2 . ARG A 1 101 ? 0.401   6.768   -10.659 1.00 28.42 ? 95   ARG A NH2 1 
ATOM   739  N  N   . LEU A 1 102 ? -0.303  3.767   -6.572  1.00 17.72 ? 96   LEU A N   1 
ATOM   740  C  CA  . LEU A 1 102 ? -1.595  4.369   -6.266  1.00 18.45 ? 96   LEU A CA  1 
ATOM   741  C  C   . LEU A 1 102 ? -1.830  4.460   -4.758  1.00 18.18 ? 96   LEU A C   1 
ATOM   742  O  O   . LEU A 1 102 ? -2.406  5.432   -4.271  1.00 18.24 ? 96   LEU A O   1 
ATOM   743  C  CB  . LEU A 1 102 ? -2.729  3.592   -6.939  1.00 18.68 ? 96   LEU A CB  1 
ATOM   744  C  CG  . LEU A 1 102 ? -2.773  3.701   -8.464  1.00 20.49 ? 96   LEU A CG  1 
ATOM   745  C  CD1 . LEU A 1 102 ? -3.928  2.904   -9.043  1.00 21.95 ? 96   LEU A CD1 1 
ATOM   746  C  CD2 . LEU A 1 102 ? -2.854  5.161   -8.900  1.00 21.82 ? 96   LEU A CD2 1 
ATOM   747  N  N   . ALA A 1 103 ? -1.383  3.452   -4.020  1.00 18.04 ? 97   ALA A N   1 
ATOM   748  C  CA  . ALA A 1 103 ? -1.548  3.452   -2.571  1.00 18.14 ? 97   ALA A CA  1 
ATOM   749  C  C   . ALA A 1 103 ? -0.683  4.535   -1.940  1.00 18.25 ? 97   ALA A C   1 
ATOM   750  O  O   . ALA A 1 103 ? -1.120  5.246   -1.038  1.00 18.23 ? 97   ALA A O   1 
ATOM   751  C  CB  . ALA A 1 103 ? -1.211  2.090   -1.990  1.00 18.03 ? 97   ALA A CB  1 
ATOM   752  N  N   . ALA A 1 104 ? 0.551   4.651   -2.413  1.00 18.51 ? 98   ALA A N   1 
ATOM   753  C  CA  . ALA A 1 104 ? 1.459   5.673   -1.908  1.00 19.08 ? 98   ALA A CA  1 
ATOM   754  C  C   . ALA A 1 104 ? 0.872   7.068   -2.124  1.00 19.51 ? 98   ALA A C   1 
ATOM   755  O  O   . ALA A 1 104 ? 0.932   7.917   -1.235  1.00 19.78 ? 98   ALA A O   1 
ATOM   756  C  CB  . ALA A 1 104 ? 2.807   5.552   -2.579  1.00 19.21 ? 98   ALA A CB  1 
ATOM   757  N  N   . ILE A 1 105 ? 0.303   7.299   -3.305  1.00 19.80 ? 99   ILE A N   1 
ATOM   758  C  CA  . ILE A 1 105 ? -0.326  8.581   -3.612  1.00 20.25 ? 99   ILE A CA  1 
ATOM   759  C  C   . ILE A 1 105 ? -1.558  8.787   -2.728  1.00 20.25 ? 99   ILE A C   1 
ATOM   760  O  O   . ILE A 1 105 ? -1.819  9.893   -2.246  1.00 20.19 ? 99   ILE A O   1 
ATOM   761  C  CB  . ILE A 1 105 ? -0.704  8.649   -5.103  1.00 20.26 ? 99   ILE A CB  1 
ATOM   762  C  CG1 . ILE A 1 105 ? 0.560   8.668   -5.964  1.00 21.30 ? 99   ILE A CG1 1 
ATOM   763  C  CG2 . ILE A 1 105 ? -1.561  9.883   -5.390  1.00 21.11 ? 99   ILE A CG2 1 
ATOM   764  C  CD1 . ILE A 1 105 ? 0.301   8.457   -7.444  1.00 21.82 ? 99   ILE A CD1 1 
ATOM   765  N  N   . CYS A 1 106 ? -2.302  7.710   -2.502  1.00 20.16 ? 100  CYS A N   1 
ATOM   766  C  CA  . CYS A 1 106 ? -3.492  7.759   -1.660  1.00 20.28 ? 100  CYS A CA  1 
ATOM   767  C  C   . CYS A 1 106 ? -3.123  8.160   -0.225  1.00 20.56 ? 100  CYS A C   1 
ATOM   768  O  O   . CYS A 1 106 ? -3.796  8.995   0.387   1.00 20.13 ? 100  CYS A O   1 
ATOM   769  C  CB  . CYS A 1 106 ? -4.216  6.406   -1.693  1.00 19.92 ? 100  CYS A CB  1 
ATOM   770  S  SG  . CYS A 1 106 ? -5.908  6.383   -1.036  1.00 19.92 ? 100  CYS A SG  1 
ATOM   771  N  N   . PHE A 1 107 ? -2.047  7.573   0.300   1.00 21.08 ? 101  PHE A N   1 
ATOM   772  C  CA  . PHE A 1 107 ? -1.583  7.869   1.654   1.00 22.23 ? 101  PHE A CA  1 
ATOM   773  C  C   . PHE A 1 107 ? -1.270  9.356   1.856   1.00 23.09 ? 101  PHE A C   1 
ATOM   774  O  O   . PHE A 1 107 ? -1.577  9.932   2.901   1.00 23.24 ? 101  PHE A O   1 
ATOM   775  C  CB  . PHE A 1 107 ? -0.324  7.056   1.989   1.00 22.10 ? 101  PHE A CB  1 
ATOM   776  C  CG  . PHE A 1 107 ? -0.569  5.582   2.163   1.00 22.03 ? 101  PHE A CG  1 
ATOM   777  C  CD1 . PHE A 1 107 ? -1.841  5.050   2.042   1.00 21.75 ? 101  PHE A CD1 1 
ATOM   778  C  CD2 . PHE A 1 107 ? 0.482   4.729   2.452   1.00 22.54 ? 101  PHE A CD2 1 
ATOM   779  C  CE1 . PHE A 1 107 ? -2.054  3.691   2.198   1.00 22.48 ? 101  PHE A CE1 1 
ATOM   780  C  CE2 . PHE A 1 107 ? 0.272   3.377   2.616   1.00 22.27 ? 101  PHE A CE2 1 
ATOM   781  C  CZ  . PHE A 1 107 ? -0.997  2.857   2.486   1.00 22.02 ? 101  PHE A CZ  1 
ATOM   782  N  N   . ALA A 1 108 ? -0.660  9.969   0.847   1.00 24.17 ? 102  ALA A N   1 
ATOM   783  C  CA  . ALA A 1 108 ? -0.230  11.362  0.942   1.00 25.23 ? 102  ALA A CA  1 
ATOM   784  C  C   . ALA A 1 108 ? -1.378  12.364  1.063   1.00 26.19 ? 102  ALA A C   1 
ATOM   785  O  O   . ALA A 1 108 ? -1.191  13.462  1.595   1.00 26.64 ? 102  ALA A O   1 
ATOM   786  C  CB  . ALA A 1 108 ? 0.662   11.719  -0.236  1.00 25.12 ? 102  ALA A CB  1 
ATOM   787  N  N   . GLY A 1 109 ? -2.555  11.990  0.572   1.00 26.88 ? 103  GLY A N   1 
ATOM   788  C  CA  . GLY A 1 109 ? -3.698  12.881  0.600   1.00 28.09 ? 103  GLY A CA  1 
ATOM   789  C  C   . GLY A 1 109 ? -4.730  12.574  1.667   1.00 28.76 ? 103  GLY A C   1 
ATOM   790  O  O   . GLY A 1 109 ? -5.728  13.288  1.793   1.00 28.89 ? 103  GLY A O   1 
ATOM   791  N  N   . ALA A 1 110 ? -4.499  11.514  2.436   1.00 29.07 ? 104  ALA A N   1 
ATOM   792  C  CA  . ALA A 1 110 ? -5.439  11.113  3.474   1.00 29.81 ? 104  ALA A CA  1 
ATOM   793  C  C   . ALA A 1 110 ? -5.020  11.596  4.862   1.00 30.11 ? 104  ALA A C   1 
ATOM   794  O  O   . ALA A 1 110 ? -3.842  11.580  5.207   1.00 30.24 ? 104  ALA A O   1 
ATOM   795  C  CB  . ALA A 1 110 ? -5.610  9.593   3.474   1.00 29.64 ? 104  ALA A CB  1 
ATOM   796  N  N   . PRO A 1 111 ? -5.987  12.059  5.645   1.00 30.65 ? 105  PRO A N   1 
ATOM   797  C  CA  . PRO A 1 111 ? -5.723  12.468  7.029   1.00 31.13 ? 105  PRO A CA  1 
ATOM   798  C  C   . PRO A 1 111 ? -5.319  11.273  7.886   1.00 31.45 ? 105  PRO A C   1 
ATOM   799  O  O   . PRO A 1 111 ? -5.853  10.178  7.705   1.00 31.79 ? 105  PRO A O   1 
ATOM   800  C  CB  . PRO A 1 111 ? -7.080  13.011  7.498   1.00 31.17 ? 105  PRO A CB  1 
ATOM   801  C  CG  . PRO A 1 111 ? -7.809  13.336  6.246   1.00 31.08 ? 105  PRO A CG  1 
ATOM   802  C  CD  . PRO A 1 111 ? -7.389  12.285  5.256   1.00 30.74 ? 105  PRO A CD  1 
ATOM   803  N  N   . TYR A 1 112 ? -4.380  11.486  8.801   1.00 31.75 ? 106  TYR A N   1 
ATOM   804  C  CA  . TYR A 1 112 ? -3.918  10.423  9.683   1.00 32.03 ? 106  TYR A CA  1 
ATOM   805  C  C   . TYR A 1 112 ? -4.427  10.661  11.097  1.00 32.39 ? 106  TYR A C   1 
ATOM   806  O  O   . TYR A 1 112 ? -4.012  11.615  11.760  1.00 32.51 ? 106  TYR A O   1 
ATOM   807  C  CB  . TYR A 1 112 ? -2.389  10.353  9.690   1.00 31.90 ? 106  TYR A CB  1 
ATOM   808  C  CG  . TYR A 1 112 ? -1.828  9.139   10.402  1.00 31.63 ? 106  TYR A CG  1 
ATOM   809  C  CD1 . TYR A 1 112 ? -1.801  9.070   11.792  1.00 31.08 ? 106  TYR A CD1 1 
ATOM   810  C  CD2 . TYR A 1 112 ? -1.326  8.061   9.684   1.00 31.29 ? 106  TYR A CD2 1 
ATOM   811  C  CE1 . TYR A 1 112 ? -1.286  7.961   12.443  1.00 30.73 ? 106  TYR A CE1 1 
ATOM   812  C  CE2 . TYR A 1 112 ? -0.811  6.949   10.326  1.00 30.59 ? 106  TYR A CE2 1 
ATOM   813  C  CZ  . TYR A 1 112 ? -0.795  6.904   11.704  1.00 30.45 ? 106  TYR A CZ  1 
ATOM   814  O  OH  . TYR A 1 112 ? -0.286  5.796   12.342  1.00 29.94 ? 106  TYR A OH  1 
ATOM   815  N  N   . ASN A 1 113 ? -5.320  9.786   11.551  1.00 32.48 ? 107  ASN A N   1 
ATOM   816  C  CA  . ASN A 1 113 ? -5.888  9.879   12.891  1.00 32.77 ? 107  ASN A CA  1 
ATOM   817  C  C   . ASN A 1 113 ? -5.197  8.914   13.850  1.00 32.67 ? 107  ASN A C   1 
ATOM   818  O  O   . ASN A 1 113 ? -5.343  7.698   13.732  1.00 32.52 ? 107  ASN A O   1 
ATOM   819  C  CB  . ASN A 1 113 ? -7.392  9.601   12.845  1.00 32.94 ? 107  ASN A CB  1 
ATOM   820  C  CG  . ASN A 1 113 ? -8.033  9.586   14.222  1.00 33.72 ? 107  ASN A CG  1 
ATOM   821  O  OD1 . ASN A 1 113 ? -7.532  10.200  15.167  1.00 34.34 ? 107  ASN A OD1 1 
ATOM   822  N  ND2 . ASN A 1 113 ? -9.157  8.885   14.340  1.00 34.74 ? 107  ASN A ND2 1 
ATOM   823  N  N   . ASP A 1 114 ? -4.450  9.468   14.801  1.00 32.67 ? 108  ASP A N   1 
ATOM   824  C  CA  . ASP A 1 114 ? -3.698  8.672   15.771  1.00 32.74 ? 108  ASP A CA  1 
ATOM   825  C  C   . ASP A 1 114 ? -4.538  7.651   16.543  1.00 32.24 ? 108  ASP A C   1 
ATOM   826  O  O   . ASP A 1 114 ? -4.018  6.630   16.987  1.00 32.20 ? 108  ASP A O   1 
ATOM   827  C  CB  . ASP A 1 114 ? -2.957  9.585   16.755  1.00 33.14 ? 108  ASP A CB  1 
ATOM   828  C  CG  . ASP A 1 114 ? -1.955  10.493  16.069  1.00 34.58 ? 108  ASP A CG  1 
ATOM   829  O  OD1 . ASP A 1 114 ? -1.030  9.979   15.402  1.00 36.76 ? 108  ASP A OD1 1 
ATOM   830  O  OD2 . ASP A 1 114 ? -2.008  11.737  16.146  1.00 36.20 ? 108  ASP A OD2 1 
ATOM   831  N  N   . ASN A 1 115 ? -5.828  7.926   16.709  1.00 31.82 ? 109  ASN A N   1 
ATOM   832  C  CA  . ASN A 1 115 ? -6.705  7.025   17.454  1.00 31.44 ? 109  ASN A CA  1 
ATOM   833  C  C   . ASN A 1 115 ? -7.015  5.730   16.704  1.00 30.85 ? 109  ASN A C   1 
ATOM   834  O  O   . ASN A 1 115 ? -7.542  4.781   17.280  1.00 30.67 ? 109  ASN A O   1 
ATOM   835  C  CB  . ASN A 1 115 ? -8.013  7.725   17.840  1.00 31.77 ? 109  ASN A CB  1 
ATOM   836  C  CG  . ASN A 1 115 ? -7.805  8.863   18.833  1.00 32.84 ? 109  ASN A CG  1 
ATOM   837  O  OD1 . ASN A 1 115 ? -6.970  8.774   19.735  1.00 34.80 ? 109  ASN A OD1 1 
ATOM   838  N  ND2 . ASN A 1 115 ? -8.564  9.940   18.667  1.00 34.14 ? 109  ASN A ND2 1 
ATOM   839  N  N   . ASN A 1 116 ? -6.690  5.698   15.417  1.00 30.09 ? 110  ASN A N   1 
ATOM   840  C  CA  . ASN A 1 116 ? -6.953  4.521   14.597  1.00 29.59 ? 110  ASN A CA  1 
ATOM   841  C  C   . ASN A 1 116 ? -5.724  3.634   14.415  1.00 29.04 ? 110  ASN A C   1 
ATOM   842  O  O   . ASN A 1 116 ? -5.775  2.616   13.730  1.00 28.77 ? 110  ASN A O   1 
ATOM   843  C  CB  . ASN A 1 116 ? -7.516  4.936   13.240  1.00 29.59 ? 110  ASN A CB  1 
ATOM   844  C  CG  . ASN A 1 116 ? -8.942  5.430   13.333  1.00 30.06 ? 110  ASN A CG  1 
ATOM   845  O  OD1 . ASN A 1 116 ? -9.713  4.976   14.178  1.00 30.66 ? 110  ASN A OD1 1 
ATOM   846  N  ND2 . ASN A 1 116 ? -9.306  6.362   12.459  1.00 30.13 ? 110  ASN A ND2 1 
ATOM   847  N  N   . TYR A 1 117 ? -4.615  4.029   15.025  1.00 28.57 ? 111  TYR A N   1 
ATOM   848  C  CA  . TYR A 1 117 ? -3.401  3.231   14.950  1.00 28.27 ? 111  TYR A CA  1 
ATOM   849  C  C   . TYR A 1 117 ? -3.493  2.054   15.919  1.00 27.72 ? 111  TYR A C   1 
ATOM   850  O  O   . TYR A 1 117 ? -4.004  2.201   17.030  1.00 27.74 ? 111  TYR A O   1 
ATOM   851  C  CB  . TYR A 1 117 ? -2.181  4.090   15.286  1.00 28.53 ? 111  TYR A CB  1 
ATOM   852  C  CG  . TYR A 1 117 ? -0.865  3.345   15.254  1.00 29.72 ? 111  TYR A CG  1 
ATOM   853  C  CD1 . TYR A 1 117 ? -0.302  2.946   14.049  1.00 30.99 ? 111  TYR A CD1 1 
ATOM   854  C  CD2 . TYR A 1 117 ? -0.187  3.040   16.428  1.00 31.11 ? 111  TYR A CD2 1 
ATOM   855  C  CE1 . TYR A 1 117 ? 0.901   2.262   14.013  1.00 32.49 ? 111  TYR A CE1 1 
ATOM   856  C  CE2 . TYR A 1 117 ? 1.015   2.358   16.402  1.00 32.09 ? 111  TYR A CE2 1 
ATOM   857  C  CZ  . TYR A 1 117 ? 1.555   1.971   15.194  1.00 32.81 ? 111  TYR A CZ  1 
ATOM   858  O  OH  . TYR A 1 117 ? 2.752   1.294   15.168  1.00 34.59 ? 111  TYR A OH  1 
ATOM   859  N  N   . ASN A 1 118 ? -3.015  0.889   15.489  1.00 26.87 ? 112  ASN A N   1 
ATOM   860  C  CA  . ASN A 1 118 ? -2.973  -0.297  16.340  1.00 26.39 ? 112  ASN A CA  1 
ATOM   861  C  C   . ASN A 1 118 ? -4.298  -0.607  17.056  1.00 25.74 ? 112  ASN A C   1 
ATOM   862  O  O   . ASN A 1 118 ? -4.327  -0.775  18.275  1.00 25.69 ? 112  ASN A O   1 
ATOM   863  C  CB  . ASN A 1 118 ? -1.818  -0.150  17.347  1.00 26.40 ? 112  ASN A CB  1 
ATOM   864  C  CG  . ASN A 1 118 ? -1.667  -1.346  18.269  1.00 26.83 ? 112  ASN A CG  1 
ATOM   865  O  OD1 . ASN A 1 118 ? -1.401  -1.183  19.456  1.00 28.12 ? 112  ASN A OD1 1 
ATOM   866  N  ND2 . ASN A 1 118 ? -1.814  -2.550  17.726  1.00 27.57 ? 112  ASN A ND2 1 
ATOM   867  N  N   . ILE A 1 119 ? -5.394  -0.679  16.302  1.00 25.01 ? 113  ILE A N   1 
ATOM   868  C  CA  . ILE A 1 119 ? -6.689  -1.003  16.898  1.00 24.36 ? 113  ILE A CA  1 
ATOM   869  C  C   . ILE A 1 119 ? -6.857  -2.517  17.025  1.00 23.99 ? 113  ILE A C   1 
ATOM   870  O  O   . ILE A 1 119 ? -6.076  -3.281  16.464  1.00 23.64 ? 113  ILE A O   1 
ATOM   871  C  CB  . ILE A 1 119 ? -7.865  -0.364  16.117  1.00 24.41 ? 113  ILE A CB  1 
ATOM   872  C  CG1 . ILE A 1 119 ? -8.022  -0.991  14.729  1.00 24.41 ? 113  ILE A CG1 1 
ATOM   873  C  CG2 . ILE A 1 119 ? -7.686  1.147   16.022  1.00 24.36 ? 113  ILE A CG2 1 
ATOM   874  C  CD1 . ILE A 1 119 ? -9.315  -0.603  14.031  1.00 25.48 ? 113  ILE A CD1 1 
ATOM   875  N  N   . ASP A 1 120 ? -7.866  -2.940  17.782  1.00 23.53 ? 114  ASP A N   1 
ATOM   876  C  CA  . ASP A 1 120 ? -8.110  -4.359  18.024  1.00 23.37 ? 114  ASP A CA  1 
ATOM   877  C  C   . ASP A 1 120 ? -8.849  -5.012  16.859  1.00 23.33 ? 114  ASP A C   1 
ATOM   878  O  O   . ASP A 1 120 ? -10.076 -4.988  16.800  1.00 23.02 ? 114  ASP A O   1 
ATOM   879  C  CB  . ASP A 1 120 ? -8.909  -4.529  19.320  1.00 23.44 ? 114  ASP A CB  1 
ATOM   880  C  CG  . ASP A 1 120 ? -8.946  -5.962  19.801  1.00 23.67 ? 114  ASP A CG  1 
ATOM   881  O  OD1 . ASP A 1 120 ? -9.272  -6.178  20.985  1.00 24.12 ? 114  ASP A OD1 1 
ATOM   882  O  OD2 . ASP A 1 120 ? -8.669  -6.934  19.072  1.00 23.93 ? 114  ASP A OD2 1 
ATOM   883  N  N   . LEU A 1 121 ? -8.093  -5.610  15.943  1.00 23.49 ? 115  LEU A N   1 
ATOM   884  C  CA  . LEU A 1 121 ? -8.659  -6.227  14.747  1.00 23.73 ? 115  LEU A CA  1 
ATOM   885  C  C   . LEU A 1 121 ? -9.721  -7.283  15.034  1.00 23.94 ? 115  LEU A C   1 
ATOM   886  O  O   . LEU A 1 121 ? -10.738 -7.343  14.350  1.00 23.90 ? 115  LEU A O   1 
ATOM   887  C  CB  . LEU A 1 121 ? -7.550  -6.848  13.895  1.00 23.92 ? 115  LEU A CB  1 
ATOM   888  C  CG  . LEU A 1 121 ? -6.405  -5.911  13.508  1.00 24.18 ? 115  LEU A CG  1 
ATOM   889  C  CD1 . LEU A 1 121 ? -5.328  -6.641  12.699  1.00 25.24 ? 115  LEU A CD1 1 
ATOM   890  C  CD2 . LEU A 1 121 ? -6.954  -4.723  12.741  1.00 24.88 ? 115  LEU A CD2 1 
ATOM   891  N  N   . LYS A 1 122 ? -9.479  -8.126  16.032  1.00 24.21 ? 116  LYS A N   1 
ATOM   892  C  CA  . LYS A 1 122 ? -10.413 -9.203  16.331  1.00 24.71 ? 116  LYS A CA  1 
ATOM   893  C  C   . LYS A 1 122 ? -11.778 -8.684  16.772  1.00 24.51 ? 116  LYS A C   1 
ATOM   894  O  O   . LYS A 1 122 ? -12.817 -9.267  16.446  1.00 24.65 ? 116  LYS A O   1 
ATOM   895  C  CB  . LYS A 1 122 ? -9.836  -10.145 17.391  1.00 25.04 ? 116  LYS A CB  1 
ATOM   896  C  CG  . LYS A 1 122 ? -10.683 -11.384 17.608  1.00 26.73 ? 116  LYS A CG  1 
ATOM   897  C  CD  . LYS A 1 122 ? -10.059 -12.340 18.611  1.00 29.65 ? 116  LYS A CD  1 
ATOM   898  C  CE  . LYS A 1 122 ? -11.032 -13.459 18.936  1.00 31.27 ? 116  LYS A CE  1 
ATOM   899  N  NZ  . LYS A 1 122 ? -10.414 -14.483 19.824  1.00 33.61 ? 116  LYS A NZ  1 
ATOM   900  N  N   . ALA A 1 123 ? -11.774 -7.567  17.486  1.00 24.27 ? 117  ALA A N   1 
ATOM   901  C  CA  . ALA A 1 123 ? -13.004 -7.011  18.038  1.00 24.32 ? 117  ALA A CA  1 
ATOM   902  C  C   . ALA A 1 123 ? -13.702 -5.988  17.146  1.00 24.47 ? 117  ALA A C   1 
ATOM   903  O  O   . ALA A 1 123 ? -14.932 -5.890  17.145  1.00 24.11 ? 117  ALA A O   1 
ATOM   904  C  CB  . ALA A 1 123 ? -12.714 -6.393  19.392  1.00 24.14 ? 117  ALA A CB  1 
ATOM   905  N  N   . ARG A 1 124 ? -12.922 -5.231  16.384  1.00 24.66 ? 118  ARG A N   1 
ATOM   906  C  CA  . ARG A 1 124 ? -13.477 -4.114  15.632  1.00 25.58 ? 118  ARG A CA  1 
ATOM   907  C  C   . ARG A 1 124 ? -13.510 -4.269  14.120  1.00 25.94 ? 118  ARG A C   1 
ATOM   908  O  O   . ARG A 1 124 ? -14.044 -3.408  13.425  1.00 25.98 ? 118  ARG A O   1 
ATOM   909  C  CB  . ARG A 1 124 ? -12.716 -2.838  15.986  1.00 25.58 ? 118  ARG A CB  1 
ATOM   910  C  CG  . ARG A 1 124 ? -13.008 -2.344  17.379  1.00 26.76 ? 118  ARG A CG  1 
ATOM   911  C  CD  . ARG A 1 124 ? -12.942 -0.838  17.511  1.00 29.18 ? 118  ARG A CD  1 
ATOM   912  N  NE  . ARG A 1 124 ? -11.615 -0.378  17.879  1.00 31.09 ? 118  ARG A NE  1 
ATOM   913  C  CZ  . ARG A 1 124 ? -11.175 0.853   17.683  1.00 31.29 ? 118  ARG A CZ  1 
ATOM   914  N  NH1 . ARG A 1 124 ? -11.952 1.759   17.098  1.00 31.52 ? 118  ARG A NH1 1 
ATOM   915  N  NH2 . ARG A 1 124 ? -9.951  1.179   18.068  1.00 31.92 ? 118  ARG A NH2 1 
ATOM   916  N  N   . CYS A 1 125 ? -12.951 -5.356  13.611  1.00 26.48 ? 119  CYS A N   1 
ATOM   917  C  CA  . CYS A 1 125 ? -12.890 -5.537  12.166  1.00 27.29 ? 119  CYS A CA  1 
ATOM   918  C  C   . CYS A 1 125 ? -13.641 -6.772  11.691  1.00 28.73 ? 119  CYS A C   1 
ATOM   919  O  O   . CYS A 1 125 ? -13.171 -7.502  10.825  1.00 29.08 ? 119  CYS A O   1 
ATOM   920  C  CB  . CYS A 1 125 ? -11.435 -5.558  11.706  1.00 26.62 ? 119  CYS A CB  1 
ATOM   921  S  SG  . CYS A 1 125 ? -10.584 -4.024  12.123  1.00 23.63 ? 119  CYS A SG  1 
ATOM   922  N  N   . GLN A 1 126 ? -14.812 -6.995  12.274  1.00 30.52 ? 120  GLN A N   1 
ATOM   923  C  CA  . GLN A 1 126 ? -15.670 -8.102  11.874  1.00 32.13 ? 120  GLN A CA  1 
ATOM   924  C  C   . GLN A 1 126 ? -16.738 -7.589  10.919  1.00 32.55 ? 120  GLN A C   1 
ATOM   925  O  O   . GLN A 1 126 ? -16.936 -8.114  9.821   1.00 33.30 ? 120  GLN A O   1 
ATOM   926  C  CB  . GLN A 1 126 ? -16.334 -8.740  13.094  1.00 32.51 ? 120  GLN A CB  1 
ATOM   927  C  CG  . GLN A 1 126 ? -15.371 -9.397  14.066  1.00 34.32 ? 120  GLN A CG  1 
ATOM   928  C  CD  . GLN A 1 126 ? -15.810 -9.218  15.505  1.00 36.98 ? 120  GLN A CD  1 
ATOM   929  O  OE1 . GLN A 1 126 ? -16.427 -10.109 16.092  1.00 38.92 ? 120  GLN A OE1 1 
ATOM   930  N  NE2 . GLN A 1 126 ? -15.501 -8.061  16.076  1.00 38.20 ? 120  GLN A NE2 1 
ATOM   931  O  OXT . GLN A 1 126 ? -17.440 -6.623  11.220  1.00 33.10 ? 120  GLN A OXT 1 
HETATM 932  CA CA  . CA  B 2 .   ? -4.002  -5.400  4.738   1.00 8.32  ? 1001 CA  A CA  1 
HETATM 933  P  P   . PO4 C 3 .   ? -14.750 -11.849 9.830   1.00 78.38 ? 3001 PO4 A P   1 
HETATM 934  O  O1  . PO4 C 3 .   ? -15.307 -10.649 10.555  1.00 78.21 ? 3001 PO4 A O1  1 
HETATM 935  O  O2  . PO4 C 3 .   ? -13.502 -11.446 9.081   1.00 78.18 ? 3001 PO4 A O2  1 
HETATM 936  O  O3  . PO4 C 3 .   ? -14.415 -12.926 10.836  1.00 78.16 ? 3001 PO4 A O3  1 
HETATM 937  O  O4  . PO4 C 3 .   ? -15.782 -12.365 8.855   1.00 78.17 ? 3001 PO4 A O4  1 
HETATM 938  C  C1  . EOH D 4 .   ? 2.043   -1.234  5.116   1.00 54.46 ? 2001 EOH A C1  1 
HETATM 939  C  C2  . EOH D 4 .   ? 1.285   -0.080  4.466   1.00 54.40 ? 2001 EOH A C2  1 
HETATM 940  O  O   . EOH D 4 .   ? 3.380   -1.311  4.674   1.00 54.54 ? 2001 EOH A O   1 
HETATM 941  C  C1  . EOH E 4 .   ? -1.164  -2.906  3.971   1.00 47.49 ? 2002 EOH A C1  1 
HETATM 942  C  C2  . EOH E 4 .   ? 0.305   -3.063  3.612   1.00 47.68 ? 2002 EOH A C2  1 
HETATM 943  O  O   . EOH E 4 .   ? -1.825  -4.150  3.938   1.00 47.61 ? 2002 EOH A O   1 
HETATM 944  O  O   . HOH F 5 .   ? 5.439   -4.758  -3.956  1.00 15.18 ? 3002 HOH A O   1 
HETATM 945  O  O   . HOH F 5 .   ? -4.678  -1.283  13.534  1.00 17.61 ? 3003 HOH A O   1 
HETATM 946  O  O   . HOH F 5 .   ? -9.606  -8.851  21.346  1.00 25.11 ? 3004 HOH A O   1 
HETATM 947  O  O   . HOH F 5 .   ? -3.718  0.370   -4.531  1.00 25.30 ? 3005 HOH A O   1 
HETATM 948  O  O   . HOH F 5 .   ? 3.890   11.017  -8.066  1.00 33.41 ? 3006 HOH A O   1 
HETATM 949  O  O   . HOH F 5 .   ? 6.239   -12.979 -8.528  1.00 18.55 ? 3007 HOH A O   1 
HETATM 950  O  O   . HOH F 5 .   ? -4.703  2.510   -2.721  1.00 28.01 ? 3008 HOH A O   1 
HETATM 951  O  O   . HOH F 5 .   ? 2.734   0.128   -14.002 1.00 29.87 ? 3009 HOH A O   1 
HETATM 952  O  O   . HOH F 5 .   ? 2.758   -12.007 -2.188  1.00 26.90 ? 3010 HOH A O   1 
HETATM 953  O  O   . HOH F 5 .   ? -3.566  -4.122  15.415  1.00 30.16 ? 3011 HOH A O   1 
HETATM 954  O  O   . HOH F 5 .   ? 3.651   5.253   -13.628 1.00 31.11 ? 3012 HOH A O   1 
HETATM 955  O  O   . HOH F 5 .   ? -16.182 -6.102  14.677  1.00 33.05 ? 3013 HOH A O   1 
HETATM 956  O  O   . HOH F 5 .   ? -5.563  0.747   20.243  1.00 27.04 ? 3014 HOH A O   1 
HETATM 957  O  O   . HOH F 5 .   ? -2.778  -3.114  -10.897 1.00 24.06 ? 3015 HOH A O   1 
HETATM 958  O  O   . HOH F 5 .   ? -7.293  -7.920  2.654   1.00 53.15 ? 3016 HOH A O   1 
HETATM 959  O  O   . HOH F 5 .   ? -4.655  -3.525  9.978   1.00 30.58 ? 3017 HOH A O   1 
HETATM 960  O  O   . HOH F 5 .   ? -8.433  -8.089  -0.284  1.00 30.65 ? 3018 HOH A O   1 
HETATM 961  O  O   . HOH F 5 .   ? 11.194  -10.654 -8.438  1.00 27.69 ? 3019 HOH A O   1 
HETATM 962  O  O   . HOH F 5 .   ? 9.803   9.551   -11.533 1.00 32.45 ? 3020 HOH A O   1 
HETATM 963  O  O   . HOH F 5 .   ? 15.552  -7.852  -4.524  1.00 51.55 ? 3021 HOH A O   1 
HETATM 964  O  O   . HOH F 5 .   ? 10.799  -9.589  -13.919 1.00 38.49 ? 3022 HOH A O   1 
HETATM 965  O  O   . HOH F 5 .   ? 5.199   -0.486  -15.485 1.00 32.85 ? 3023 HOH A O   1 
HETATM 966  O  O   . HOH F 5 .   ? -14.521 -1.442  11.315  1.00 36.88 ? 3024 HOH A O   1 
HETATM 967  O  O   . HOH F 5 .   ? -9.933  4.218   17.117  1.00 32.28 ? 3025 HOH A O   1 
HETATM 968  O  O   . HOH F 5 .   ? 14.316  -2.908  -10.234 1.00 38.27 ? 3026 HOH A O   1 
HETATM 969  O  O   . HOH F 5 .   ? 9.054   -12.842 -7.803  1.00 23.07 ? 3027 HOH A O   1 
HETATM 970  O  O   . HOH F 5 .   ? 9.720   -7.434  -14.963 1.00 29.20 ? 3028 HOH A O   1 
HETATM 971  O  O   . HOH F 5 .   ? 2.748   7.532   -14.094 1.00 60.31 ? 3029 HOH A O   1 
HETATM 972  O  O   . HOH F 5 .   ? -16.145 -1.609  14.754  1.00 33.31 ? 3030 HOH A O   1 
HETATM 973  O  O   . HOH F 5 .   ? -6.479  -13.830 -5.548  1.00 28.48 ? 3031 HOH A O   1 
HETATM 974  O  O   . HOH F 5 .   ? -8.663  -6.832  9.776   1.00 29.51 ? 3032 HOH A O   1 
HETATM 975  O  O   . HOH F 5 .   ? 6.054   9.617   12.353  1.00 37.12 ? 3033 HOH A O   1 
HETATM 976  O  O   . HOH F 5 .   ? -6.767  4.293   -3.788  1.00 45.43 ? 3034 HOH A O   1 
HETATM 977  O  O   . HOH F 5 .   ? -5.352  0.697   -7.097  1.00 50.15 ? 3035 HOH A O   1 
HETATM 978  O  O   . HOH F 5 .   ? -1.506  -15.839 -16.045 1.00 37.95 ? 3036 HOH A O   1 
HETATM 979  O  O   . HOH F 5 .   ? 3.378   -18.474 -6.943  1.00 39.78 ? 3037 HOH A O   1 
HETATM 980  O  O   . HOH F 5 .   ? 13.588  0.538   -9.553  1.00 27.42 ? 3038 HOH A O   1 
HETATM 981  O  O   . HOH F 5 .   ? 14.722  13.734  -6.082  1.00 29.19 ? 3039 HOH A O   1 
HETATM 982  O  O   . HOH F 5 .   ? -1.757  10.131  5.816   1.00 39.14 ? 3040 HOH A O   1 
HETATM 983  O  O   . HOH F 5 .   ? -3.176  14.195  9.223   1.00 59.69 ? 3041 HOH A O   1 
HETATM 984  O  O   . HOH F 5 .   ? 14.569  -4.824  -3.796  1.00 51.16 ? 3042 HOH A O   1 
HETATM 985  O  O   . HOH F 5 .   ? 0.352   11.855  6.660   1.00 46.30 ? 3043 HOH A O   1 
HETATM 986  O  O   . HOH F 5 .   ? 3.465   14.220  1.907   1.00 44.11 ? 3044 HOH A O   1 
HETATM 987  O  O   . HOH F 5 .   ? -9.391  6.692   0.286   1.00 34.38 ? 3045 HOH A O   1 
HETATM 988  O  O   . HOH F 5 .   ? 0.043   14.131  9.486   1.00 50.20 ? 3046 HOH A O   1 
HETATM 989  O  O   . HOH F 5 .   ? -8.965  -11.355 4.932   1.00 46.00 ? 3047 HOH A O   1 
HETATM 990  O  O   . HOH F 5 .   ? 2.226   8.658   -10.975 1.00 60.45 ? 3048 HOH A O   1 
HETATM 991  O  O   . HOH F 5 .   ? 5.250   5.270   -16.667 1.00 52.11 ? 3049 HOH A O   1 
HETATM 992  O  O   . HOH F 5 .   ? -3.249  -7.599  4.268   1.00 38.60 ? 3050 HOH A O   1 
HETATM 993  O  O   . HOH F 5 .   ? 11.027  -5.391  -13.580 1.00 41.51 ? 3051 HOH A O   1 
HETATM 994  O  O   . HOH F 5 .   ? -2.739  -2.490  1.902   1.00 38.91 ? 3052 HOH A O   1 
HETATM 995  O  O   . HOH F 5 .   ? -1.875  -17.496 -10.249 1.00 39.21 ? 3053 HOH A O   1 
HETATM 996  O  O   . HOH F 5 .   ? -5.121  -17.407 -11.808 1.00 48.76 ? 3054 HOH A O   1 
HETATM 997  O  O   . HOH F 5 .   ? -1.650  -20.440 -12.480 1.00 50.19 ? 3055 HOH A O   1 
HETATM 998  O  O   . HOH F 5 .   ? 0.505   -15.907 -7.445  1.00 35.76 ? 3056 HOH A O   1 
HETATM 999  O  O   . HOH F 5 .   ? -3.968  12.049  -2.831  1.00 52.67 ? 3057 HOH A O   1 
HETATM 1000 O  O   . HOH F 5 .   ? -12.446 4.672   14.512  1.00 44.71 ? 3058 HOH A O   1 
HETATM 1001 O  O   . HOH F 5 .   ? -7.957  9.031   7.241   1.00 29.80 ? 3059 HOH A O   1 
HETATM 1002 O  O   . HOH F 5 .   ? -0.914  -19.805 -16.962 1.00 48.56 ? 3060 HOH A O   1 
HETATM 1003 O  O   . HOH F 5 .   ? -4.693  -6.311  16.972  1.00 53.75 ? 3061 HOH A O   1 
HETATM 1004 O  O   . HOH F 5 .   ? 0.710   -18.669 -9.552  1.00 33.80 ? 3062 HOH A O   1 
HETATM 1005 O  O   . HOH F 5 .   ? 3.937   5.568   16.260  1.00 43.67 ? 3063 HOH A O   1 
HETATM 1006 O  O   . HOH F 5 .   ? 6.940   7.830   5.166   1.00 34.06 ? 3064 HOH A O   1 
HETATM 1007 O  O   . HOH F 5 .   ? 4.786   9.331   -13.203 1.00 49.58 ? 3065 HOH A O   1 
HETATM 1008 O  O   . HOH F 5 .   ? 9.574   -8.826  0.468   1.00 50.53 ? 3066 HOH A O   1 
HETATM 1009 O  O   . HOH F 5 .   ? 10.567  -5.418  -20.662 1.00 42.88 ? 3067 HOH A O   1 
HETATM 1010 O  O   . HOH F 5 .   ? 14.744  -9.832  -8.576  1.00 52.00 ? 3068 HOH A O   1 
HETATM 1011 O  O   . HOH F 5 .   ? 10.076  -12.988 -10.067 1.00 48.53 ? 3069 HOH A O   1 
HETATM 1012 O  O   . HOH F 5 .   ? 4.958   14.262  4.005   1.00 58.01 ? 3070 HOH A O   1 
HETATM 1013 O  O   . HOH F 5 .   ? 2.614   8.984   14.971  1.00 75.10 ? 3071 HOH A O   1 
HETATM 1014 O  O   . HOH F 5 .   ? 5.065   13.218  12.306  1.00 49.14 ? 3072 HOH A O   1 
HETATM 1015 O  O   . HOH F 5 .   ? -3.955  -5.578  -9.928  1.00 36.85 ? 3073 HOH A O   1 
HETATM 1016 O  O   . HOH F 5 .   ? -4.106  -0.976  -10.265 1.00 47.04 ? 3074 HOH A O   1 
HETATM 1017 O  O   . HOH F 5 .   ? -15.898 -3.665  10.686  1.00 47.92 ? 3075 HOH A O   1 
HETATM 1018 O  O   . HOH F 5 .   ? -6.589  -7.991  18.380  1.00 45.31 ? 3076 HOH A O   1 
HETATM 1019 O  O   . HOH F 5 .   ? 10.295  -12.347 -14.630 1.00 70.46 ? 3077 HOH A O   1 
HETATM 1020 O  O   . HOH F 5 .   ? 11.578  -10.462 -10.689 1.00 39.55 ? 3078 HOH A O   1 
HETATM 1021 O  O   . HOH F 5 .   ? -2.974  -11.153 -1.064  1.00 65.19 ? 3079 HOH A O   1 
HETATM 1022 O  O   . HOH F 5 .   ? -11.558 -15.950 22.188  1.00 53.48 ? 3080 HOH A O   1 
HETATM 1023 O  O   . HOH F 5 .   ? -0.256  -4.832  11.063  1.00 40.21 ? 3081 HOH A O   1 
HETATM 1024 O  O   . HOH F 5 .   ? -0.089  -11.334 -1.117  1.00 52.32 ? 3082 HOH A O   1 
HETATM 1025 O  O   . HOH F 5 .   ? -2.311  -8.022  1.733   1.00 60.32 ? 3083 HOH A O   1 
HETATM 1026 O  O   . HOH F 5 .   ? 11.579  -10.880 -16.992 1.00 76.21 ? 3084 HOH A O   1 
HETATM 1027 O  O   . HOH F 5 .   ? -9.359  -17.967 21.587  1.00 39.28 ? 3085 HOH A O   1 
HETATM 1028 O  O   . HOH F 5 .   ? -2.832  -4.563  11.589  1.00 44.14 ? 3086 HOH A O   1 
HETATM 1029 O  O   . HOH F 5 .   ? -9.883  -8.782  1.960   1.00 51.39 ? 3087 HOH A O   1 
HETATM 1030 O  O   . HOH F 5 .   ? 15.323  6.269   -14.248 1.00 55.09 ? 3088 HOH A O   1 
HETATM 1031 O  O   . HOH F 5 .   ? 10.877  -6.816  0.482   1.00 43.30 ? 3089 HOH A O   1 
HETATM 1032 O  O   . HOH F 5 .   ? -1.625  8.796   -11.788 1.00 62.18 ? 3090 HOH A O   1 
HETATM 1033 O  O   . HOH F 5 .   ? 5.876   -2.240  -18.208 1.00 58.34 ? 3091 HOH A O   1 
HETATM 1034 O  O   . HOH F 5 .   ? 9.034   -7.544  -20.117 1.00 56.13 ? 3092 HOH A O   1 
HETATM 1035 O  O   . HOH F 5 .   ? 15.644  -1.869  -19.024 1.00 51.65 ? 3093 HOH A O   1 
HETATM 1036 O  O   . HOH F 5 .   ? -11.964 -6.761  0.951   1.00 48.81 ? 3094 HOH A O   1 
HETATM 1037 O  O   . HOH F 5 .   ? -11.286 10.123  6.790   1.00 43.50 ? 3095 HOH A O   1 
HETATM 1038 O  O   . HOH F 5 .   ? 0.180   -13.825 -3.773  1.00 47.17 ? 3096 HOH A O   1 
HETATM 1039 O  O   . HOH F 5 .   ? -12.724 6.788   12.247  1.00 55.66 ? 3097 HOH A O   1 
HETATM 1040 O  O   . HOH F 5 .   ? -15.109 3.977   5.974   1.00 53.99 ? 3098 HOH A O   1 
HETATM 1041 O  O   . HOH F 5 .   ? -3.949  -8.927  0.090   1.00 43.85 ? 3099 HOH A O   1 
HETATM 1042 O  O   . HOH F 5 .   ? 0.801   -10.186 10.663  1.00 53.81 ? 3100 HOH A O   1 
HETATM 1043 O  O   . HOH F 5 .   ? 1.582   -7.549  6.503   1.00 53.23 ? 3101 HOH A O   1 
HETATM 1044 O  O   . HOH F 5 .   ? 12.049  -9.958  -2.973  1.00 37.03 ? 3102 HOH A O   1 
HETATM 1045 O  O   . HOH F 5 .   ? 4.117   -4.305  6.447   1.00 56.74 ? 3103 HOH A O   1 
HETATM 1046 O  O   . HOH F 5 .   ? 6.272   7.126   14.366  1.00 53.65 ? 3104 HOH A O   1 
HETATM 1047 O  O   . HOH F 5 .   ? 10.847  -9.806  2.971   1.00 60.53 ? 3105 HOH A O   1 
HETATM 1048 O  O   . HOH F 5 .   ? 12.446  -10.287 -6.098  1.00 46.96 ? 3106 HOH A O   1 
HETATM 1049 O  O   . HOH F 5 .   ? 14.675  2.293   -11.419 1.00 49.02 ? 3107 HOH A O   1 
HETATM 1050 O  O   . HOH F 5 .   ? 10.587  13.025  -4.562  1.00 44.93 ? 3108 HOH A O   1 
HETATM 1051 O  O   . HOH F 5 .   ? 11.363  12.721  -11.946 1.00 47.64 ? 3109 HOH A O   1 
HETATM 1052 O  O   . HOH F 5 .   ? -14.968 -14.156 14.045  1.00 51.05 ? 3110 HOH A O   1 
HETATM 1053 O  O   . HOH F 5 .   ? -13.065 1.801   -0.460  1.00 46.86 ? 3111 HOH A O   1 
HETATM 1054 O  O   . HOH F 5 .   ? -8.052  -14.822 19.219  1.00 63.03 ? 3112 HOH A O   1 
HETATM 1055 O  O   . HOH F 5 .   ? 3.739   -7.103  7.627   1.00 57.00 ? 3113 HOH A O   1 
HETATM 1056 O  O   . HOH F 5 .   ? 0.962   -9.890  5.808   1.00 45.83 ? 3114 HOH A O   1 
HETATM 1057 O  O   . HOH F 5 .   ? 5.646   -6.167  9.014   1.00 53.62 ? 3115 HOH A O   1 
HETATM 1058 O  O   . HOH F 5 .   ? 6.884   -8.186  7.889   1.00 56.17 ? 3116 HOH A O   1 
HETATM 1059 O  O   . HOH F 5 .   ? 8.572   -7.772  5.478   1.00 60.38 ? 3117 HOH A O   1 
# 
